data_6XB9
#
_entry.id   6XB9
#
_cell.length_a   178.219
_cell.length_b   178.219
_cell.length_c   75.915
_cell.angle_alpha   90.000
_cell.angle_beta   90.000
_cell.angle_gamma   120.000
#
_symmetry.space_group_name_H-M   'P 31'
#
loop_
_entity.id
_entity.type
_entity.pdbx_description
1 polymer 'Cysteine dioxygenase type I protein'
2 non-polymer 'FE (III) ION'
3 non-polymer '3-HYDROXY-PROPANOIC ACID'
4 non-polymer 'CHLORIDE ION'
5 non-polymer 'MAGNESIUM ION'
6 water water
#
_entity_poly.entity_id   1
_entity_poly.type   'polypeptide(L)'
_entity_poly.pdbx_seq_one_letter_code
;MSESPLRLDRLRDFVSALGELLDRHPDEESVLREGRSLLGELVRHDDWLPEEFAQPDPERYQQYLLHADSRQRFSVVSFV
WGPGQTTPVHDHRVWGLIGMLRGAEDAQSFELGAEGLRPIGDPVRLSPGQVEAVSPRIGDIHRVFNASPDQPSISIHVYG
ANIGAVRRAVYLPDGSEKPFISGYSNQFLPNIWDQSKESARPVDLVPR
;
_entity_poly.pdbx_strand_id   A,B,C,D,E,F,G,H,I,J,K,L
#
loop_
_chem_comp.id
_chem_comp.type
_chem_comp.name
_chem_comp.formula
3OH non-polymer '3-HYDROXY-PROPANOIC ACID' 'C3 H6 O3'
CL non-polymer 'CHLORIDE ION' 'Cl -1'
FE non-polymer 'FE (III) ION' 'Fe 3'
MG non-polymer 'MAGNESIUM ION' 'Mg 2'
#
# COMPACT_ATOMS: atom_id res chain seq x y z
N PRO A 5 -13.89 -8.76 -38.99
CA PRO A 5 -12.51 -8.73 -39.56
C PRO A 5 -11.52 -9.77 -39.02
N LEU A 6 -12.00 -10.94 -38.59
CA LEU A 6 -11.20 -12.02 -37.96
C LEU A 6 -9.93 -12.28 -38.77
N ARG A 7 -8.76 -12.22 -38.14
CA ARG A 7 -7.45 -12.47 -38.78
C ARG A 7 -7.18 -13.98 -38.82
N LEU A 8 -7.98 -14.72 -39.60
CA LEU A 8 -7.89 -16.20 -39.73
C LEU A 8 -6.59 -16.59 -40.42
N ASP A 9 -5.97 -15.66 -41.14
CA ASP A 9 -4.66 -15.83 -41.83
C ASP A 9 -3.59 -16.22 -40.80
N ARG A 10 -3.73 -15.78 -39.54
CA ARG A 10 -2.79 -16.09 -38.44
C ARG A 10 -2.82 -17.59 -38.16
N LEU A 11 -4.02 -18.17 -38.05
CA LEU A 11 -4.21 -19.63 -37.79
C LEU A 11 -3.75 -20.43 -39.01
N ARG A 12 -4.09 -19.96 -40.21
CA ARG A 12 -3.65 -20.58 -41.49
C ARG A 12 -2.12 -20.65 -41.50
N ASP A 13 -1.44 -19.56 -41.15
CA ASP A 13 0.05 -19.46 -41.21
C ASP A 13 0.67 -20.33 -40.11
N PHE A 14 0.06 -20.40 -38.94
CA PHE A 14 0.50 -21.29 -37.84
C PHE A 14 0.49 -22.74 -38.34
N VAL A 15 -0.63 -23.15 -38.96
CA VAL A 15 -0.86 -24.55 -39.44
C VAL A 15 0.17 -24.89 -40.53
N SER A 16 0.39 -23.99 -41.48
CA SER A 16 1.38 -24.14 -42.58
C SER A 16 2.79 -24.37 -41.99
N ALA A 17 3.21 -23.47 -41.10
CA ALA A 17 4.55 -23.47 -40.46
C ALA A 17 4.76 -24.77 -39.67
N LEU A 18 3.74 -25.20 -38.92
CA LEU A 18 3.77 -26.44 -38.12
C LEU A 18 3.89 -27.65 -39.05
N GLY A 19 3.25 -27.60 -40.23
CA GLY A 19 3.36 -28.64 -41.26
C GLY A 19 4.78 -28.72 -41.80
N GLU A 20 5.31 -27.58 -42.23
CA GLU A 20 6.70 -27.42 -42.75
C GLU A 20 7.69 -27.98 -41.73
N LEU A 21 7.47 -27.65 -40.44
CA LEU A 21 8.35 -28.04 -39.30
C LEU A 21 8.43 -29.56 -39.21
N LEU A 22 7.29 -30.25 -39.23
CA LEU A 22 7.22 -31.72 -39.05
C LEU A 22 7.64 -32.44 -40.35
N ASP A 23 7.68 -31.74 -41.49
CA ASP A 23 8.24 -32.25 -42.77
C ASP A 23 9.74 -32.53 -42.63
N ARG A 24 10.43 -31.76 -41.77
CA ARG A 24 11.89 -31.93 -41.49
C ARG A 24 12.13 -33.09 -40.51
N HIS A 25 11.07 -33.80 -40.10
CA HIS A 25 11.11 -34.95 -39.15
C HIS A 25 12.07 -34.66 -38.00
N PRO A 26 11.92 -33.52 -37.28
CA PRO A 26 12.85 -33.16 -36.21
C PRO A 26 12.51 -33.93 -34.93
N ASP A 27 13.41 -33.88 -33.94
CA ASP A 27 13.25 -34.60 -32.64
C ASP A 27 12.28 -33.81 -31.76
N GLU A 28 11.74 -34.43 -30.70
CA GLU A 28 10.70 -33.82 -29.82
C GLU A 28 11.19 -32.46 -29.30
N GLU A 29 12.45 -32.38 -28.88
CA GLU A 29 13.08 -31.16 -28.31
C GLU A 29 13.00 -30.01 -29.33
N SER A 30 13.28 -30.29 -30.61
CA SER A 30 13.25 -29.30 -31.71
C SER A 30 11.81 -28.91 -32.03
N VAL A 31 10.88 -29.86 -31.98
CA VAL A 31 9.43 -29.64 -32.24
C VAL A 31 8.91 -28.67 -31.17
N LEU A 32 9.18 -28.97 -29.90
CA LEU A 32 8.71 -28.16 -28.74
C LEU A 32 9.33 -26.77 -28.77
N ARG A 33 10.60 -26.66 -29.14
CA ARG A 33 11.35 -25.37 -29.16
C ARG A 33 10.79 -24.46 -30.27
N GLU A 34 10.71 -24.96 -31.51
CA GLU A 34 10.24 -24.18 -32.68
C GLU A 34 8.71 -24.01 -32.58
N GLY A 35 8.03 -25.04 -32.09
CA GLY A 35 6.56 -25.06 -31.93
C GLY A 35 6.07 -23.98 -30.99
N ARG A 36 6.68 -23.90 -29.80
CA ARG A 36 6.25 -22.95 -28.74
C ARG A 36 6.49 -21.51 -29.22
N SER A 37 7.52 -21.30 -30.04
CA SER A 37 7.80 -20.00 -30.70
C SER A 37 6.67 -19.65 -31.67
N LEU A 38 6.27 -20.59 -32.53
CA LEU A 38 5.18 -20.39 -33.52
C LEU A 38 3.84 -20.17 -32.80
N LEU A 39 3.56 -20.95 -31.75
CA LEU A 39 2.29 -20.84 -30.98
C LEU A 39 2.27 -19.52 -30.21
N GLY A 40 3.38 -19.15 -29.56
CA GLY A 40 3.57 -17.85 -28.91
C GLY A 40 3.16 -16.69 -29.81
N GLU A 41 3.54 -16.76 -31.09
CA GLU A 41 3.23 -15.72 -32.10
C GLU A 41 1.72 -15.69 -32.36
N LEU A 42 1.06 -16.85 -32.38
CA LEU A 42 -0.41 -16.95 -32.61
C LEU A 42 -1.17 -16.38 -31.40
N VAL A 43 -0.88 -16.84 -30.19
CA VAL A 43 -1.71 -16.56 -28.98
C VAL A 43 -1.36 -15.17 -28.39
N ARG A 44 -0.33 -14.49 -28.90
CA ARG A 44 -0.03 -13.07 -28.57
C ARG A 44 -1.14 -12.16 -29.11
N HIS A 45 -1.85 -12.60 -30.16
CA HIS A 45 -2.95 -11.84 -30.81
C HIS A 45 -4.28 -12.52 -30.49
N ASP A 46 -5.29 -11.74 -30.08
CA ASP A 46 -6.65 -12.25 -29.78
C ASP A 46 -7.63 -11.62 -30.77
N ASP A 47 -7.32 -11.70 -32.08
CA ASP A 47 -8.10 -11.07 -33.18
C ASP A 47 -8.46 -12.09 -34.27
N TRP A 48 -8.38 -13.39 -33.99
CA TRP A 48 -8.45 -14.46 -35.04
C TRP A 48 -9.43 -15.58 -34.69
N LEU A 49 -9.68 -15.87 -33.40
CA LEU A 49 -10.53 -17.03 -33.01
C LEU A 49 -12.00 -16.73 -33.29
N PRO A 50 -12.70 -17.52 -34.12
CA PRO A 50 -14.15 -17.38 -34.29
C PRO A 50 -14.89 -17.62 -32.97
N GLU A 51 -15.98 -16.87 -32.76
CA GLU A 51 -16.78 -16.83 -31.51
C GLU A 51 -17.34 -18.22 -31.19
N GLU A 52 -17.66 -19.02 -32.21
CA GLU A 52 -18.27 -20.38 -32.07
C GLU A 52 -17.34 -21.32 -31.29
N PHE A 53 -16.03 -21.09 -31.35
CA PHE A 53 -14.98 -21.92 -30.70
C PHE A 53 -14.37 -21.18 -29.51
N ALA A 54 -15.11 -20.21 -28.96
CA ALA A 54 -14.74 -19.44 -27.75
C ALA A 54 -15.84 -19.58 -26.69
N GLN A 55 -16.83 -20.44 -26.91
CA GLN A 55 -18.10 -20.48 -26.12
C GLN A 55 -17.95 -21.47 -24.95
N PRO A 56 -18.16 -21.02 -23.70
CA PRO A 56 -18.19 -21.94 -22.57
C PRO A 56 -19.51 -22.75 -22.52
N ASP A 57 -19.47 -23.88 -21.83
CA ASP A 57 -20.63 -24.78 -21.57
C ASP A 57 -20.84 -24.81 -20.06
N PRO A 58 -22.11 -24.84 -19.57
CA PRO A 58 -22.38 -24.85 -18.14
C PRO A 58 -21.98 -26.13 -17.39
N GLU A 59 -21.81 -27.27 -18.08
CA GLU A 59 -21.64 -28.60 -17.42
C GLU A 59 -20.18 -29.08 -17.49
N ARG A 60 -19.46 -28.82 -18.59
CA ARG A 60 -18.05 -29.31 -18.75
C ARG A 60 -17.28 -28.38 -19.69
N TYR A 61 -15.96 -28.33 -19.52
CA TYR A 61 -15.03 -27.54 -20.36
C TYR A 61 -15.18 -28.05 -21.80
N GLN A 62 -15.00 -27.16 -22.78
CA GLN A 62 -15.26 -27.44 -24.22
C GLN A 62 -13.92 -27.61 -24.93
N GLN A 63 -13.91 -28.52 -25.91
CA GLN A 63 -12.72 -28.98 -26.67
C GLN A 63 -13.05 -28.83 -28.16
N TYR A 64 -12.76 -27.66 -28.73
CA TYR A 64 -13.05 -27.35 -30.15
C TYR A 64 -11.82 -27.62 -31.01
N LEU A 65 -11.84 -28.71 -31.81
CA LEU A 65 -10.84 -28.93 -32.88
C LEU A 65 -10.91 -27.77 -33.87
N LEU A 66 -9.76 -27.14 -34.15
CA LEU A 66 -9.61 -26.05 -35.15
C LEU A 66 -9.02 -26.59 -36.43
N HIS A 67 -8.09 -27.55 -36.34
CA HIS A 67 -7.41 -28.18 -37.50
C HIS A 67 -6.79 -29.52 -37.10
N ALA A 68 -7.01 -30.55 -37.92
CA ALA A 68 -6.30 -31.85 -37.85
C ALA A 68 -5.54 -32.05 -39.16
N ASP A 69 -4.28 -32.44 -39.06
CA ASP A 69 -3.41 -32.81 -40.21
C ASP A 69 -4.01 -34.02 -40.93
N SER A 70 -3.88 -34.06 -42.26
CA SER A 70 -4.33 -35.14 -43.17
C SER A 70 -3.88 -36.52 -42.67
N ARG A 71 -2.66 -36.62 -42.14
CA ARG A 71 -2.03 -37.88 -41.67
C ARG A 71 -2.09 -37.98 -40.13
N GLN A 72 -2.84 -37.08 -39.49
CA GLN A 72 -3.04 -37.04 -38.01
C GLN A 72 -1.69 -36.91 -37.29
N ARG A 73 -0.74 -36.16 -37.88
CA ARG A 73 0.60 -35.89 -37.31
C ARG A 73 0.50 -34.84 -36.22
N PHE A 74 -0.45 -33.90 -36.35
CA PHE A 74 -0.78 -32.92 -35.29
C PHE A 74 -2.26 -32.51 -35.37
N SER A 75 -2.71 -31.78 -34.34
CA SER A 75 -4.05 -31.17 -34.21
C SER A 75 -3.93 -29.88 -33.40
N VAL A 76 -4.83 -28.92 -33.65
CA VAL A 76 -4.90 -27.61 -32.95
C VAL A 76 -6.31 -27.51 -32.35
N VAL A 77 -6.40 -27.25 -31.04
CA VAL A 77 -7.66 -27.29 -30.26
C VAL A 77 -7.81 -25.98 -29.47
N SER A 78 -9.01 -25.38 -29.51
CA SER A 78 -9.43 -24.31 -28.58
C SER A 78 -10.08 -24.96 -27.36
N PHE A 79 -9.45 -24.87 -26.19
CA PHE A 79 -10.03 -25.34 -24.91
C PHE A 79 -10.66 -24.14 -24.20
N VAL A 80 -11.91 -24.27 -23.78
CA VAL A 80 -12.68 -23.18 -23.11
C VAL A 80 -13.19 -23.72 -21.78
N TRP A 81 -12.66 -23.19 -20.67
CA TRP A 81 -13.16 -23.42 -19.30
C TRP A 81 -14.10 -22.27 -18.92
N GLY A 82 -15.28 -22.59 -18.40
CA GLY A 82 -16.16 -21.61 -17.74
C GLY A 82 -15.65 -21.31 -16.34
N PRO A 83 -16.25 -20.32 -15.65
CA PRO A 83 -15.90 -20.04 -14.25
C PRO A 83 -15.82 -21.35 -13.44
N GLY A 84 -14.67 -21.58 -12.80
CA GLY A 84 -14.40 -22.67 -11.84
C GLY A 84 -14.35 -24.05 -12.46
N GLN A 85 -14.13 -24.20 -13.77
CA GLN A 85 -14.11 -25.54 -14.42
C GLN A 85 -12.67 -26.06 -14.42
N THR A 86 -12.52 -27.38 -14.41
CA THR A 86 -11.21 -28.09 -14.45
C THR A 86 -11.29 -29.27 -15.42
N THR A 87 -10.15 -29.66 -15.97
CA THR A 87 -9.93 -30.98 -16.58
C THR A 87 -9.84 -32.01 -15.45
N PRO A 88 -10.01 -33.30 -15.74
CA PRO A 88 -9.51 -34.33 -14.82
C PRO A 88 -7.97 -34.32 -14.84
N VAL A 89 -7.36 -35.04 -13.91
CA VAL A 89 -5.90 -35.34 -13.97
C VAL A 89 -5.73 -36.36 -15.10
N HIS A 90 -4.94 -36.02 -16.11
CA HIS A 90 -4.83 -36.78 -17.37
C HIS A 90 -3.38 -36.73 -17.88
N ASP A 91 -3.04 -37.69 -18.75
CA ASP A 91 -1.77 -37.69 -19.54
C ASP A 91 -2.14 -37.41 -21.01
N HIS A 92 -1.18 -37.54 -21.93
CA HIS A 92 -1.32 -37.16 -23.36
C HIS A 92 -0.80 -38.25 -24.28
N ARG A 93 0.35 -38.84 -23.93
CA ARG A 93 1.01 -39.97 -24.66
C ARG A 93 1.66 -39.43 -25.93
N VAL A 94 1.63 -38.11 -26.13
CA VAL A 94 2.28 -37.42 -27.28
C VAL A 94 2.77 -36.07 -26.76
N TRP A 95 3.64 -35.39 -27.51
CA TRP A 95 4.06 -34.01 -27.19
C TRP A 95 2.84 -33.09 -27.30
N GLY A 96 2.81 -32.03 -26.50
CA GLY A 96 1.72 -31.05 -26.43
C GLY A 96 2.27 -29.67 -26.09
N LEU A 97 1.72 -28.63 -26.71
CA LEU A 97 2.00 -27.21 -26.35
C LEU A 97 0.68 -26.56 -25.93
N ILE A 98 0.72 -25.74 -24.89
CA ILE A 98 -0.45 -25.00 -24.33
C ILE A 98 -0.15 -23.51 -24.47
N GLY A 99 -0.86 -22.80 -25.35
CA GLY A 99 -0.72 -21.35 -25.54
C GLY A 99 -1.89 -20.61 -24.90
N MET A 100 -1.63 -19.76 -23.92
CA MET A 100 -2.70 -19.00 -23.21
C MET A 100 -3.18 -17.86 -24.11
N LEU A 101 -4.49 -17.71 -24.27
CA LEU A 101 -5.09 -16.72 -25.21
C LEU A 101 -5.92 -15.68 -24.45
N ARG A 102 -6.80 -16.11 -23.55
CA ARG A 102 -7.82 -15.23 -22.93
C ARG A 102 -8.09 -15.68 -21.50
N GLY A 103 -8.04 -14.75 -20.55
CA GLY A 103 -8.35 -14.97 -19.12
C GLY A 103 -7.16 -15.52 -18.37
N ALA A 104 -7.43 -16.37 -17.37
CA ALA A 104 -6.46 -16.87 -16.38
C ALA A 104 -6.73 -18.36 -16.14
N GLU A 105 -5.70 -19.20 -16.31
CA GLU A 105 -5.77 -20.60 -15.83
C GLU A 105 -4.43 -21.02 -15.23
N ASP A 106 -4.47 -22.10 -14.47
CA ASP A 106 -3.31 -22.71 -13.77
C ASP A 106 -3.20 -24.16 -14.26
N ALA A 107 -1.98 -24.69 -14.25
CA ALA A 107 -1.65 -26.08 -14.65
C ALA A 107 -0.80 -26.71 -13.55
N GLN A 108 -1.29 -27.78 -12.91
CA GLN A 108 -0.58 -28.54 -11.85
C GLN A 108 -0.03 -29.82 -12.48
N SER A 109 1.30 -29.99 -12.43
CA SER A 109 1.99 -31.25 -12.83
C SER A 109 1.83 -32.28 -11.70
N PHE A 110 1.76 -33.56 -12.04
CA PHE A 110 1.67 -34.70 -11.10
C PHE A 110 2.69 -35.76 -11.49
N GLU A 111 3.06 -36.59 -10.52
CA GLU A 111 3.95 -37.78 -10.68
C GLU A 111 3.22 -38.97 -10.04
N LEU A 112 3.45 -40.19 -10.53
CA LEU A 112 2.93 -41.44 -9.91
C LEU A 112 3.94 -41.90 -8.85
N GLY A 113 3.52 -41.88 -7.57
CA GLY A 113 4.36 -42.29 -6.42
C GLY A 113 3.87 -43.60 -5.82
N ALA A 114 4.46 -43.99 -4.68
CA ALA A 114 4.10 -45.22 -3.92
C ALA A 114 2.63 -45.16 -3.50
N GLU A 115 2.17 -43.96 -3.09
CA GLU A 115 0.80 -43.71 -2.57
C GLU A 115 -0.17 -43.48 -3.73
N GLY A 116 0.32 -42.95 -4.86
CA GLY A 116 -0.51 -42.57 -6.03
C GLY A 116 -0.05 -41.24 -6.60
N LEU A 117 -0.98 -40.32 -6.85
CA LEU A 117 -0.71 -38.97 -7.42
C LEU A 117 -0.04 -38.09 -6.36
N ARG A 118 1.11 -37.49 -6.71
CA ARG A 118 1.75 -36.40 -5.91
C ARG A 118 2.05 -35.24 -6.86
N PRO A 119 1.65 -34.00 -6.50
CA PRO A 119 1.94 -32.83 -7.34
C PRO A 119 3.44 -32.50 -7.37
N ILE A 120 3.96 -32.18 -8.55
CA ILE A 120 5.35 -31.65 -8.76
C ILE A 120 5.26 -30.13 -8.80
N GLY A 121 5.98 -29.45 -7.90
CA GLY A 121 6.08 -27.98 -7.84
C GLY A 121 4.73 -27.35 -7.57
N ASP A 122 4.67 -26.02 -7.68
CA ASP A 122 3.44 -25.22 -7.54
C ASP A 122 2.69 -25.26 -8.86
N PRO A 123 1.39 -24.87 -8.89
CA PRO A 123 0.69 -24.64 -10.14
C PRO A 123 1.41 -23.60 -10.99
N VAL A 124 1.60 -23.86 -12.28
CA VAL A 124 2.09 -22.86 -13.26
C VAL A 124 0.91 -21.95 -13.60
N ARG A 125 1.07 -20.64 -13.40
CA ARG A 125 0.01 -19.61 -13.52
C ARG A 125 0.17 -18.92 -14.87
N LEU A 126 -0.74 -19.22 -15.82
CA LEU A 126 -0.64 -18.75 -17.23
C LEU A 126 -1.41 -17.45 -17.39
N SER A 127 -0.90 -16.56 -18.23
CA SER A 127 -1.60 -15.32 -18.68
C SER A 127 -1.37 -15.17 -20.17
N PRO A 128 -2.23 -14.41 -20.90
CA PRO A 128 -2.19 -14.38 -22.37
C PRO A 128 -0.77 -14.27 -22.90
N GLY A 129 -0.40 -15.13 -23.85
CA GLY A 129 0.90 -15.11 -24.53
C GLY A 129 1.82 -16.24 -24.06
N GLN A 130 1.59 -16.79 -22.86
CA GLN A 130 2.50 -17.80 -22.25
C GLN A 130 2.25 -19.15 -22.92
N VAL A 131 3.32 -19.94 -23.12
CA VAL A 131 3.28 -21.28 -23.77
C VAL A 131 3.98 -22.28 -22.85
N GLU A 132 3.35 -23.42 -22.59
CA GLU A 132 3.93 -24.54 -21.78
C GLU A 132 3.92 -25.81 -22.63
N ALA A 133 4.72 -26.79 -22.25
CA ALA A 133 4.94 -28.06 -22.98
C ALA A 133 4.57 -29.23 -22.08
N VAL A 134 4.05 -30.30 -22.65
CA VAL A 134 3.89 -31.64 -21.99
C VAL A 134 4.40 -32.70 -22.98
N SER A 135 4.81 -33.84 -22.46
CA SER A 135 5.31 -35.00 -23.24
C SER A 135 5.66 -36.10 -22.25
N PRO A 136 5.56 -37.40 -22.65
CA PRO A 136 6.03 -38.49 -21.79
C PRO A 136 7.46 -38.28 -21.29
N ARG A 137 8.32 -37.65 -22.10
CA ARG A 137 9.76 -37.43 -21.84
C ARG A 137 9.96 -36.37 -20.75
N ILE A 138 9.24 -35.25 -20.83
CA ILE A 138 9.49 -34.02 -19.99
C ILE A 138 8.45 -33.92 -18.86
N GLY A 139 7.39 -34.72 -18.87
CA GLY A 139 6.29 -34.64 -17.88
C GLY A 139 4.93 -34.54 -18.56
N ASP A 140 4.11 -35.58 -18.40
CA ASP A 140 2.91 -35.81 -19.22
C ASP A 140 1.62 -35.62 -18.40
N ILE A 141 1.68 -35.78 -17.07
CA ILE A 141 0.47 -35.82 -16.19
C ILE A 141 0.22 -34.42 -15.61
N HIS A 142 -0.95 -33.86 -15.85
CA HIS A 142 -1.32 -32.53 -15.31
C HIS A 142 -2.84 -32.40 -15.19
N ARG A 143 -3.27 -31.32 -14.57
CA ARG A 143 -4.67 -30.83 -14.48
C ARG A 143 -4.64 -29.34 -14.80
N VAL A 144 -5.45 -28.89 -15.76
CA VAL A 144 -5.58 -27.46 -16.17
C VAL A 144 -6.94 -26.95 -15.73
N PHE A 145 -7.02 -25.77 -15.10
CA PHE A 145 -8.27 -25.24 -14.53
C PHE A 145 -8.32 -23.72 -14.65
N ASN A 146 -9.53 -23.19 -14.84
CA ASN A 146 -9.82 -21.73 -14.84
C ASN A 146 -9.47 -21.21 -13.45
N ALA A 147 -8.70 -20.12 -13.40
CA ALA A 147 -8.23 -19.47 -12.15
C ALA A 147 -9.14 -18.28 -11.82
N SER A 148 -10.16 -18.03 -12.64
CA SER A 148 -11.21 -17.01 -12.42
C SER A 148 -12.51 -17.66 -12.00
N PRO A 149 -13.25 -17.08 -11.02
CA PRO A 149 -14.56 -17.58 -10.62
C PRO A 149 -15.74 -16.91 -11.33
N ASP A 150 -15.49 -15.94 -12.22
CA ASP A 150 -16.57 -15.15 -12.90
C ASP A 150 -16.29 -14.96 -14.40
N GLN A 151 -15.15 -15.41 -14.94
CA GLN A 151 -14.76 -15.21 -16.35
C GLN A 151 -14.32 -16.52 -16.98
N PRO A 152 -14.63 -16.77 -18.28
CA PRO A 152 -14.15 -17.95 -18.98
C PRO A 152 -12.65 -17.80 -19.30
N SER A 153 -11.93 -18.90 -19.47
CA SER A 153 -10.51 -18.87 -19.92
C SER A 153 -10.38 -19.70 -21.19
N ILE A 154 -9.49 -19.31 -22.10
CA ILE A 154 -9.23 -20.00 -23.38
C ILE A 154 -7.71 -20.17 -23.55
N SER A 155 -7.26 -21.38 -23.88
CA SER A 155 -5.88 -21.67 -24.33
C SER A 155 -5.96 -22.48 -25.63
N ILE A 156 -5.00 -22.26 -26.52
CA ILE A 156 -4.87 -22.99 -27.81
C ILE A 156 -3.79 -24.06 -27.61
N HIS A 157 -4.17 -25.34 -27.76
CA HIS A 157 -3.28 -26.50 -27.52
C HIS A 157 -2.94 -27.14 -28.86
N VAL A 158 -1.69 -27.62 -28.99
CA VAL A 158 -1.17 -28.31 -30.20
C VAL A 158 -0.55 -29.63 -29.73
N TYR A 159 -0.89 -30.75 -30.38
CA TYR A 159 -0.46 -32.10 -29.98
C TYR A 159 0.14 -32.82 -31.18
N GLY A 160 0.97 -33.83 -30.91
CA GLY A 160 1.67 -34.61 -31.94
C GLY A 160 0.82 -35.73 -32.49
N ALA A 161 -0.50 -35.54 -32.49
CA ALA A 161 -1.53 -36.49 -32.98
C ALA A 161 -2.87 -35.78 -33.12
N ASN A 162 -3.89 -36.51 -33.57
CA ASN A 162 -5.33 -36.17 -33.41
C ASN A 162 -5.75 -36.53 -31.98
N ILE A 163 -5.63 -35.57 -31.05
CA ILE A 163 -5.67 -35.76 -29.56
C ILE A 163 -7.02 -36.32 -29.14
N GLY A 164 -8.10 -35.89 -29.82
CA GLY A 164 -9.48 -36.34 -29.52
C GLY A 164 -9.65 -37.83 -29.71
N ALA A 165 -8.75 -38.47 -30.47
CA ALA A 165 -8.79 -39.91 -30.80
C ALA A 165 -7.64 -40.69 -30.14
N VAL A 166 -6.78 -40.04 -29.36
CA VAL A 166 -5.66 -40.74 -28.65
C VAL A 166 -6.26 -41.49 -27.45
N ARG A 167 -5.95 -42.79 -27.34
CA ARG A 167 -6.24 -43.62 -26.14
C ARG A 167 -5.21 -43.28 -25.06
N ARG A 168 -5.65 -42.57 -24.01
CA ARG A 168 -4.80 -42.12 -22.89
C ARG A 168 -5.56 -42.41 -21.57
N ALA A 169 -5.20 -41.76 -20.47
CA ALA A 169 -5.75 -42.08 -19.13
C ALA A 169 -6.06 -40.80 -18.33
N VAL A 170 -7.08 -40.90 -17.47
CA VAL A 170 -7.30 -39.98 -16.31
C VAL A 170 -6.87 -40.75 -15.05
N TYR A 171 -6.42 -40.03 -14.02
CA TYR A 171 -5.86 -40.65 -12.78
C TYR A 171 -6.73 -40.21 -11.60
N LEU A 172 -7.08 -41.16 -10.72
CA LEU A 172 -7.73 -40.90 -9.41
C LEU A 172 -6.64 -40.58 -8.39
N PRO A 173 -6.97 -39.97 -7.24
CA PRO A 173 -6.00 -39.65 -6.19
C PRO A 173 -5.03 -40.79 -5.80
N ASP A 174 -5.49 -42.05 -5.85
CA ASP A 174 -4.72 -43.25 -5.44
C ASP A 174 -3.90 -43.79 -6.62
N GLY A 175 -3.86 -43.08 -7.75
CA GLY A 175 -2.99 -43.39 -8.91
C GLY A 175 -3.62 -44.42 -9.84
N SER A 176 -4.84 -44.90 -9.55
CA SER A 176 -5.60 -45.81 -10.44
C SER A 176 -5.93 -45.06 -11.74
N GLU A 177 -5.89 -45.77 -12.87
CA GLU A 177 -6.05 -45.20 -14.24
C GLU A 177 -7.39 -45.67 -14.83
N LYS A 178 -8.14 -44.74 -15.43
CA LYS A 178 -9.33 -45.05 -16.27
C LYS A 178 -8.91 -44.77 -17.72
N PRO A 179 -9.40 -45.54 -18.71
CA PRO A 179 -9.16 -45.19 -20.11
C PRO A 179 -9.76 -43.80 -20.40
N PHE A 180 -9.15 -43.06 -21.31
CA PHE A 180 -9.56 -41.68 -21.67
C PHE A 180 -9.38 -41.48 -23.17
N ILE A 181 -10.50 -41.21 -23.84
CA ILE A 181 -10.57 -40.68 -25.24
C ILE A 181 -11.45 -39.43 -25.14
N SER A 182 -10.86 -38.25 -25.37
CA SER A 182 -11.48 -36.95 -25.04
C SER A 182 -12.53 -36.55 -26.09
N GLY A 183 -12.30 -36.90 -27.36
CA GLY A 183 -13.18 -36.51 -28.48
C GLY A 183 -13.20 -35.00 -28.61
N TYR A 184 -14.24 -34.46 -29.26
CA TYR A 184 -14.38 -33.01 -29.57
C TYR A 184 -15.82 -32.57 -29.31
N SER A 185 -16.00 -31.30 -28.96
CA SER A 185 -17.30 -30.67 -28.64
C SER A 185 -17.99 -30.15 -29.91
N ASN A 186 -17.25 -29.95 -31.01
CA ASN A 186 -17.75 -29.30 -32.24
C ASN A 186 -17.96 -30.35 -33.35
N GLN A 187 -19.08 -30.25 -34.06
CA GLN A 187 -19.38 -31.07 -35.28
C GLN A 187 -18.78 -30.36 -36.49
N PHE A 188 -18.40 -29.09 -36.34
CA PHE A 188 -17.94 -28.19 -37.42
C PHE A 188 -16.59 -27.57 -37.05
N LEU A 189 -15.68 -27.50 -38.03
CA LEU A 189 -14.39 -26.77 -37.92
C LEU A 189 -14.56 -25.42 -38.60
N PRO A 190 -13.69 -24.43 -38.28
CA PRO A 190 -13.66 -23.17 -39.03
C PRO A 190 -12.99 -23.35 -40.39
N ASN A 191 -13.55 -22.73 -41.43
CA ASN A 191 -12.92 -22.70 -42.77
C ASN A 191 -11.87 -21.60 -42.76
N ILE A 192 -10.59 -21.97 -42.61
CA ILE A 192 -9.46 -21.01 -42.53
C ILE A 192 -8.80 -20.88 -43.91
N TRP A 193 -9.41 -21.44 -44.97
CA TRP A 193 -8.73 -21.66 -46.28
C TRP A 193 -9.30 -20.77 -47.40
N ASP A 194 -10.32 -19.94 -47.11
CA ASP A 194 -10.93 -19.03 -48.12
C ASP A 194 -10.20 -17.68 -48.08
N GLN A 195 -9.01 -17.62 -48.69
CA GLN A 195 -8.04 -16.49 -48.59
C GLN A 195 -8.56 -15.29 -49.41
N SER A 196 -9.39 -15.53 -50.42
CA SER A 196 -9.96 -14.49 -51.33
C SER A 196 -10.94 -13.59 -50.54
N LYS A 197 -11.64 -14.14 -49.54
CA LYS A 197 -12.50 -13.38 -48.59
C LYS A 197 -11.68 -12.26 -47.93
N GLU A 198 -10.38 -12.47 -47.76
CA GLU A 198 -9.39 -11.46 -47.27
C GLU A 198 -8.68 -10.83 -48.48
N LEU B 6 21.62 -24.58 3.01
CA LEU B 6 21.28 -23.49 2.04
C LEU B 6 22.30 -23.49 0.91
N ARG B 7 21.85 -23.58 -0.35
CA ARG B 7 22.71 -23.57 -1.55
C ARG B 7 23.02 -22.11 -1.94
N LEU B 8 23.77 -21.41 -1.08
CA LEU B 8 24.14 -19.98 -1.25
C LEU B 8 25.07 -19.82 -2.46
N ASP B 9 25.70 -20.91 -2.89
CA ASP B 9 26.57 -20.98 -4.10
C ASP B 9 25.81 -20.52 -5.34
N ARG B 10 24.49 -20.72 -5.35
CA ARG B 10 23.61 -20.33 -6.49
C ARG B 10 23.62 -18.81 -6.62
N LEU B 11 23.43 -18.12 -5.49
CA LEU B 11 23.40 -16.63 -5.43
C LEU B 11 24.80 -16.08 -5.72
N ARG B 12 25.83 -16.71 -5.15
CA ARG B 12 27.25 -16.36 -5.41
C ARG B 12 27.53 -16.42 -6.91
N ASP B 13 27.09 -17.47 -7.59
CA ASP B 13 27.36 -17.71 -9.04
C ASP B 13 26.56 -16.72 -9.88
N PHE B 14 25.33 -16.42 -9.47
CA PHE B 14 24.49 -15.39 -10.13
C PHE B 14 25.21 -14.05 -10.11
N VAL B 15 25.71 -13.66 -8.93
CA VAL B 15 26.36 -12.34 -8.70
C VAL B 15 27.64 -12.25 -9.54
N SER B 16 28.46 -13.29 -9.55
CA SER B 16 29.70 -13.37 -10.35
C SER B 16 29.39 -13.16 -11.84
N ALA B 17 28.45 -13.95 -12.37
CA ALA B 17 28.05 -13.97 -13.79
C ALA B 17 27.51 -12.59 -14.20
N LEU B 18 26.67 -11.99 -13.35
CA LEU B 18 26.09 -10.65 -13.61
C LEU B 18 27.20 -9.58 -13.62
N GLY B 19 28.23 -9.76 -12.77
CA GLY B 19 29.40 -8.87 -12.76
C GLY B 19 30.18 -8.97 -14.07
N GLU B 20 30.53 -10.21 -14.45
CA GLU B 20 31.25 -10.54 -15.70
C GLU B 20 30.49 -9.94 -16.89
N LEU B 21 29.16 -10.07 -16.90
CA LEU B 21 28.27 -9.61 -17.99
C LEU B 21 28.40 -8.08 -18.17
N LEU B 22 28.33 -7.32 -17.08
CA LEU B 22 28.38 -5.84 -17.12
C LEU B 22 29.82 -5.34 -17.34
N ASP B 23 30.82 -6.20 -17.14
CA ASP B 23 32.24 -5.90 -17.49
C ASP B 23 32.41 -5.73 -19.00
N ARG B 24 31.57 -6.43 -19.80
CA ARG B 24 31.57 -6.34 -21.29
C ARG B 24 30.86 -5.07 -21.76
N HIS B 25 30.36 -4.23 -20.83
CA HIS B 25 29.61 -2.97 -21.09
C HIS B 25 28.63 -3.17 -22.23
N PRO B 26 27.75 -4.20 -22.17
CA PRO B 26 26.81 -4.48 -23.25
C PRO B 26 25.63 -3.52 -23.19
N ASP B 27 24.79 -3.50 -24.24
CA ASP B 27 23.60 -2.62 -24.34
C ASP B 27 22.48 -3.22 -23.47
N GLU B 28 21.46 -2.42 -23.15
CA GLU B 28 20.35 -2.80 -22.23
C GLU B 28 19.71 -4.11 -22.73
N GLU B 29 19.50 -4.23 -24.05
CA GLU B 29 18.85 -5.41 -24.69
C GLU B 29 19.64 -6.68 -24.36
N SER B 30 20.98 -6.61 -24.43
CA SER B 30 21.89 -7.74 -24.15
C SER B 30 21.91 -8.06 -22.65
N VAL B 31 21.86 -7.01 -21.81
CA VAL B 31 21.83 -7.15 -20.32
C VAL B 31 20.56 -7.91 -19.94
N LEU B 32 19.41 -7.47 -20.44
CA LEU B 32 18.08 -8.05 -20.13
C LEU B 32 18.00 -9.48 -20.65
N ARG B 33 18.55 -9.76 -21.84
CA ARG B 33 18.49 -11.10 -22.49
C ARG B 33 19.33 -12.10 -21.70
N GLU B 34 20.60 -11.78 -21.44
CA GLU B 34 21.55 -12.68 -20.72
C GLU B 34 21.17 -12.70 -19.24
N GLY B 35 20.74 -11.55 -18.71
CA GLY B 35 20.37 -11.38 -17.29
C GLY B 35 19.20 -12.26 -16.91
N ARG B 36 18.12 -12.23 -17.70
CA ARG B 36 16.87 -12.97 -17.40
C ARG B 36 17.16 -14.48 -17.46
N SER B 37 18.08 -14.90 -18.32
CA SER B 37 18.57 -16.30 -18.39
C SER B 37 19.28 -16.68 -17.09
N LEU B 38 20.19 -15.84 -16.61
CA LEU B 38 20.96 -16.07 -15.35
C LEU B 38 20.01 -16.05 -14.15
N LEU B 39 19.06 -15.11 -14.11
CA LEU B 39 18.08 -14.99 -12.99
C LEU B 39 17.13 -16.19 -12.99
N GLY B 40 16.64 -16.57 -14.18
CA GLY B 40 15.82 -17.79 -14.39
C GLY B 40 16.47 -18.99 -13.75
N GLU B 41 17.78 -19.15 -13.91
CA GLU B 41 18.56 -20.28 -13.35
C GLU B 41 18.56 -20.21 -11.82
N LEU B 42 18.64 -19.01 -11.24
CA LEU B 42 18.64 -18.81 -9.77
C LEU B 42 17.25 -19.15 -9.20
N VAL B 43 16.19 -18.53 -9.73
CA VAL B 43 14.84 -18.56 -9.09
C VAL B 43 14.10 -19.86 -9.44
N ARG B 44 14.65 -20.70 -10.33
CA ARG B 44 14.12 -22.06 -10.60
C ARG B 44 14.30 -22.95 -9.36
N HIS B 45 15.28 -22.63 -8.50
CA HIS B 45 15.60 -23.38 -7.26
C HIS B 45 15.21 -22.54 -6.06
N ASP B 46 14.52 -23.15 -5.08
CA ASP B 46 14.08 -22.48 -3.84
C ASP B 46 14.78 -23.17 -2.65
N ASP B 47 16.11 -23.30 -2.72
CA ASP B 47 16.95 -24.02 -1.72
C ASP B 47 18.11 -23.14 -1.25
N TRP B 48 18.07 -21.82 -1.48
CA TRP B 48 19.24 -20.92 -1.28
C TRP B 48 18.90 -19.68 -0.44
N LEU B 49 17.67 -19.18 -0.44
CA LEU B 49 17.32 -17.91 0.26
C LEU B 49 17.32 -18.13 1.77
N PRO B 50 18.15 -17.41 2.55
CA PRO B 50 18.05 -17.43 4.01
C PRO B 50 16.69 -16.94 4.50
N GLU B 51 16.19 -17.53 5.58
CA GLU B 51 14.83 -17.35 6.15
C GLU B 51 14.63 -15.89 6.57
N GLU B 52 15.71 -15.21 7.01
CA GLU B 52 15.68 -13.81 7.52
C GLU B 52 15.23 -12.85 6.41
N PHE B 53 15.47 -13.19 5.14
CA PHE B 53 15.14 -12.36 3.95
C PHE B 53 13.96 -12.97 3.18
N ALA B 54 13.15 -13.79 3.87
CA ALA B 54 11.92 -14.40 3.34
C ALA B 54 10.72 -14.03 4.23
N GLN B 55 10.90 -13.13 5.20
CA GLN B 55 9.93 -12.87 6.28
C GLN B 55 8.98 -11.76 5.88
N PRO B 56 7.64 -12.01 5.90
CA PRO B 56 6.67 -10.95 5.69
C PRO B 56 6.55 -10.04 6.91
N ASP B 57 6.05 -8.83 6.69
CA ASP B 57 5.74 -7.81 7.72
C ASP B 57 4.23 -7.58 7.66
N PRO B 58 3.55 -7.39 8.82
CA PRO B 58 2.09 -7.21 8.82
C PRO B 58 1.60 -5.88 8.21
N GLU B 59 2.45 -4.85 8.11
CA GLU B 59 2.02 -3.48 7.76
C GLU B 59 2.42 -3.10 6.32
N ARG B 60 3.57 -3.55 5.82
CA ARG B 60 4.06 -3.18 4.46
C ARG B 60 4.97 -4.27 3.89
N TYR B 61 5.01 -4.37 2.57
CA TYR B 61 5.87 -5.35 1.84
C TYR B 61 7.32 -5.06 2.21
N GLN B 62 8.17 -6.09 2.26
CA GLN B 62 9.56 -5.98 2.75
C GLN B 62 10.52 -6.03 1.55
N GLN B 63 11.61 -5.27 1.64
CA GLN B 63 12.62 -5.03 0.58
C GLN B 63 13.99 -5.35 1.17
N TYR B 64 14.43 -6.60 1.07
CA TYR B 64 15.72 -7.09 1.62
C TYR B 64 16.80 -7.05 0.54
N LEU B 65 17.73 -6.09 0.62
CA LEU B 65 18.98 -6.11 -0.20
C LEU B 65 19.74 -7.40 0.12
N LEU B 66 20.11 -8.16 -0.92
CA LEU B 66 20.93 -9.39 -0.82
C LEU B 66 22.38 -9.09 -1.21
N HIS B 67 22.57 -8.23 -2.20
CA HIS B 67 23.90 -7.88 -2.75
C HIS B 67 23.84 -6.55 -3.50
N ALA B 68 24.79 -5.68 -3.22
CA ALA B 68 25.07 -4.45 -4.01
C ALA B 68 26.48 -4.55 -4.55
N ASP B 69 26.66 -4.26 -5.84
CA ASP B 69 27.98 -4.14 -6.51
C ASP B 69 28.78 -3.01 -5.85
N SER B 70 30.11 -3.18 -5.77
CA SER B 70 31.08 -2.20 -5.21
C SER B 70 30.86 -0.80 -5.77
N ARG B 71 30.57 -0.70 -7.06
CA ARG B 71 30.41 0.58 -7.82
C ARG B 71 28.91 0.90 -8.03
N GLN B 72 28.02 0.15 -7.37
CA GLN B 72 26.54 0.34 -7.43
C GLN B 72 26.05 0.23 -8.88
N ARG B 73 26.66 -0.65 -9.68
CA ARG B 73 26.28 -0.93 -11.08
C ARG B 73 25.02 -1.81 -11.13
N PHE B 74 24.85 -2.69 -10.13
CA PHE B 74 23.60 -3.46 -9.92
C PHE B 74 23.38 -3.74 -8.43
N SER B 75 22.19 -4.26 -8.13
CA SER B 75 21.74 -4.72 -6.79
C SER B 75 20.78 -5.89 -6.97
N VAL B 76 20.71 -6.79 -5.98
CA VAL B 76 19.81 -7.97 -5.93
C VAL B 76 18.99 -7.85 -4.64
N VAL B 77 17.66 -7.90 -4.77
CA VAL B 77 16.70 -7.64 -3.66
C VAL B 77 15.71 -8.80 -3.58
N SER B 78 15.44 -9.28 -2.36
CA SER B 78 14.32 -10.19 -2.04
C SER B 78 13.13 -9.32 -1.64
N PHE B 79 12.08 -9.30 -2.47
CA PHE B 79 10.80 -8.60 -2.14
C PHE B 79 9.83 -9.64 -1.58
N VAL B 80 9.22 -9.33 -0.43
CA VAL B 80 8.29 -10.25 0.28
C VAL B 80 6.98 -9.49 0.51
N TRP B 81 5.92 -9.93 -0.17
CA TRP B 81 4.52 -9.48 0.04
C TRP B 81 3.81 -10.48 0.96
N GLY B 82 3.16 -10.01 2.01
CA GLY B 82 2.22 -10.81 2.82
C GLY B 82 0.89 -10.97 2.09
N PRO B 83 -0.04 -11.82 2.58
CA PRO B 83 -1.36 -11.92 1.98
C PRO B 83 -1.96 -10.53 1.69
N GLY B 84 -2.35 -10.27 0.43
CA GLY B 84 -3.06 -9.05 0.00
C GLY B 84 -2.23 -7.76 0.00
N GLN B 85 -0.90 -7.83 0.00
CA GLN B 85 -0.03 -6.60 -0.01
C GLN B 85 0.28 -6.23 -1.46
N THR B 86 0.49 -4.94 -1.73
CA THR B 86 0.86 -4.40 -3.06
C THR B 86 1.96 -3.34 -2.90
N THR B 87 2.75 -3.16 -3.95
CA THR B 87 3.59 -1.94 -4.15
C THR B 87 2.65 -0.80 -4.53
N PRO B 88 3.09 0.47 -4.43
CA PRO B 88 2.43 1.55 -5.17
C PRO B 88 2.70 1.37 -6.67
N VAL B 89 1.99 2.13 -7.50
CA VAL B 89 2.34 2.27 -8.95
C VAL B 89 3.62 3.10 -8.99
N HIS B 90 4.69 2.55 -9.56
CA HIS B 90 6.05 3.13 -9.48
C HIS B 90 6.79 2.87 -10.79
N ASP B 91 7.85 3.65 -11.05
CA ASP B 91 8.83 3.43 -12.12
C ASP B 91 10.16 3.01 -11.46
N HIS B 92 11.24 2.93 -12.24
CA HIS B 92 12.56 2.39 -11.81
C HIS B 92 13.70 3.32 -12.24
N ARG B 93 13.63 3.84 -13.46
CA ARG B 93 14.61 4.80 -14.05
C ARG B 93 15.90 4.05 -14.42
N VAL B 94 15.89 2.72 -14.27
CA VAL B 94 17.02 1.82 -14.65
C VAL B 94 16.40 0.52 -15.14
N TRP B 95 17.17 -0.33 -15.80
CA TRP B 95 16.71 -1.68 -16.20
C TRP B 95 16.48 -2.50 -14.92
N GLY B 96 15.53 -3.44 -14.99
CA GLY B 96 15.13 -4.28 -13.85
C GLY B 96 14.68 -5.64 -14.34
N LEU B 97 15.04 -6.70 -13.63
CA LEU B 97 14.53 -8.07 -13.86
C LEU B 97 13.80 -8.52 -12.61
N ILE B 98 12.65 -9.19 -12.77
CA ILE B 98 11.81 -9.73 -11.68
C ILE B 98 11.76 -11.25 -11.83
N GLY B 99 12.38 -11.99 -10.92
CA GLY B 99 12.37 -13.45 -10.93
C GLY B 99 11.45 -13.98 -9.84
N MET B 100 10.41 -14.72 -10.21
CA MET B 100 9.43 -15.29 -9.24
C MET B 100 10.08 -16.50 -8.54
N LEU B 101 10.00 -16.55 -7.21
CA LEU B 101 10.65 -17.59 -6.39
C LEU B 101 9.61 -18.44 -5.65
N ARG B 102 8.67 -17.80 -4.96
CA ARG B 102 7.78 -18.50 -4.00
C ARG B 102 6.40 -17.85 -4.00
N GLY B 103 5.34 -18.66 -4.16
CA GLY B 103 3.94 -18.22 -4.09
C GLY B 103 3.47 -17.72 -5.44
N ALA B 104 2.57 -16.72 -5.41
CA ALA B 104 1.84 -16.19 -6.57
C ALA B 104 1.78 -14.67 -6.47
N GLU B 105 2.24 -13.96 -7.50
CA GLU B 105 1.97 -12.51 -7.61
C GLU B 105 1.65 -12.16 -9.06
N ASP B 106 1.04 -10.98 -9.22
CA ASP B 106 0.67 -10.39 -10.54
C ASP B 106 1.39 -9.07 -10.66
N ALA B 107 1.71 -8.68 -11.89
CA ALA B 107 2.35 -7.40 -12.26
C ALA B 107 1.50 -6.73 -13.33
N GLN B 108 0.95 -5.54 -13.04
CA GLN B 108 0.18 -4.72 -14.00
C GLN B 108 1.08 -3.61 -14.54
N SER B 109 1.31 -3.58 -15.86
CA SER B 109 2.01 -2.49 -16.57
C SER B 109 1.04 -1.31 -16.72
N PHE B 110 1.56 -0.09 -16.69
CA PHE B 110 0.80 1.17 -16.89
C PHE B 110 1.53 2.04 -17.91
N GLU B 111 0.77 2.94 -18.54
CA GLU B 111 1.26 3.96 -19.51
C GLU B 111 0.70 5.31 -19.04
N LEU B 112 1.39 6.40 -19.34
CA LEU B 112 0.90 7.79 -19.08
C LEU B 112 0.08 8.24 -20.30
N GLY B 113 -1.22 8.42 -20.12
CA GLY B 113 -2.17 8.82 -21.19
C GLY B 113 -2.67 10.24 -20.99
N ALA B 114 -3.63 10.65 -21.82
CA ALA B 114 -4.35 11.95 -21.75
C ALA B 114 -5.02 12.10 -20.38
N GLU B 115 -5.59 11.02 -19.85
CA GLU B 115 -6.34 10.98 -18.57
C GLU B 115 -5.38 10.88 -17.38
N GLY B 116 -4.23 10.22 -17.59
CA GLY B 116 -3.27 9.81 -16.54
C GLY B 116 -2.82 8.38 -16.72
N LEU B 117 -2.90 7.56 -15.66
CA LEU B 117 -2.51 6.12 -15.68
C LEU B 117 -3.56 5.33 -16.46
N ARG B 118 -3.13 4.55 -17.45
CA ARG B 118 -3.96 3.52 -18.12
C ARG B 118 -3.17 2.21 -18.10
N PRO B 119 -3.78 1.09 -17.67
CA PRO B 119 -3.11 -0.21 -17.70
C PRO B 119 -2.86 -0.70 -19.14
N ILE B 120 -1.67 -1.25 -19.39
CA ILE B 120 -1.32 -1.94 -20.66
C ILE B 120 -1.56 -3.45 -20.46
N GLY B 121 -2.43 -4.04 -21.27
CA GLY B 121 -2.79 -5.45 -21.24
C GLY B 121 -3.38 -5.88 -19.90
N ASP B 122 -3.51 -7.18 -19.71
CA ASP B 122 -3.96 -7.82 -18.45
C ASP B 122 -2.77 -7.89 -17.50
N PRO B 123 -3.00 -8.14 -16.19
CA PRO B 123 -1.92 -8.44 -15.26
C PRO B 123 -1.13 -9.67 -15.75
N VAL B 124 0.20 -9.57 -15.73
CA VAL B 124 1.09 -10.75 -15.96
C VAL B 124 1.09 -11.57 -14.67
N ARG B 125 0.73 -12.85 -14.77
CA ARG B 125 0.54 -13.78 -13.63
C ARG B 125 1.80 -14.64 -13.49
N LEU B 126 2.61 -14.37 -12.47
CA LEU B 126 3.94 -15.00 -12.28
C LEU B 126 3.78 -16.23 -11.40
N SER B 127 4.55 -17.28 -11.69
CA SER B 127 4.69 -18.48 -10.85
C SER B 127 6.18 -18.84 -10.80
N PRO B 128 6.63 -19.59 -9.78
CA PRO B 128 8.06 -19.81 -9.56
C PRO B 128 8.79 -20.15 -10.86
N GLY B 129 9.91 -19.45 -11.13
CA GLY B 129 10.78 -19.67 -12.29
C GLY B 129 10.64 -18.57 -13.33
N GLN B 130 9.51 -17.86 -13.36
CA GLN B 130 9.21 -16.85 -14.42
C GLN B 130 10.02 -15.58 -14.16
N VAL B 131 10.50 -14.93 -15.22
CA VAL B 131 11.32 -13.69 -15.16
C VAL B 131 10.69 -12.64 -16.10
N GLU B 132 10.50 -11.42 -15.61
CA GLU B 132 9.98 -10.27 -16.40
C GLU B 132 11.00 -9.13 -16.33
N ALA B 133 10.92 -8.19 -17.28
CA ALA B 133 11.87 -7.07 -17.44
C ALA B 133 11.10 -5.74 -17.35
N VAL B 134 11.75 -4.72 -16.78
CA VAL B 134 11.26 -3.31 -16.85
C VAL B 134 12.48 -2.46 -17.24
N SER B 135 12.22 -1.28 -17.81
CA SER B 135 13.23 -0.29 -18.22
C SER B 135 12.50 0.90 -18.82
N PRO B 136 13.05 2.13 -18.72
CA PRO B 136 12.45 3.28 -19.39
C PRO B 136 12.17 3.03 -20.88
N ARG B 137 13.03 2.23 -21.53
CA ARG B 137 12.98 1.93 -22.99
C ARG B 137 11.81 1.01 -23.32
N ILE B 138 11.60 -0.05 -22.53
CA ILE B 138 10.65 -1.16 -22.87
C ILE B 138 9.35 -1.03 -22.06
N GLY B 139 9.29 -0.15 -21.05
CA GLY B 139 8.13 -0.03 -20.15
C GLY B 139 8.56 -0.10 -18.69
N ASP B 140 8.41 1.01 -17.96
CA ASP B 140 9.03 1.23 -16.64
C ASP B 140 8.00 1.24 -15.52
N ILE B 141 6.73 1.53 -15.83
CA ILE B 141 5.67 1.78 -14.80
C ILE B 141 4.87 0.49 -14.57
N HIS B 142 4.82 0.02 -13.33
CA HIS B 142 4.03 -1.17 -12.95
C HIS B 142 3.63 -1.13 -11.48
N ARG B 143 2.80 -2.07 -11.09
CA ARG B 143 2.39 -2.37 -9.69
C ARG B 143 2.46 -3.89 -9.54
N VAL B 144 3.19 -4.38 -8.54
CA VAL B 144 3.36 -5.83 -8.25
C VAL B 144 2.64 -6.13 -6.94
N PHE B 145 1.84 -7.21 -6.87
CA PHE B 145 0.99 -7.51 -5.70
C PHE B 145 0.86 -9.03 -5.53
N ASN B 146 0.73 -9.46 -4.27
CA ASN B 146 0.48 -10.87 -3.90
C ASN B 146 -0.89 -11.26 -4.46
N ALA B 147 -0.97 -12.40 -5.15
CA ALA B 147 -2.19 -12.92 -5.79
C ALA B 147 -2.81 -14.00 -4.89
N SER B 148 -2.21 -14.26 -3.73
CA SER B 148 -2.69 -15.24 -2.71
C SER B 148 -3.26 -14.48 -1.52
N PRO B 149 -4.41 -14.93 -0.96
CA PRO B 149 -5.00 -14.31 0.22
C PRO B 149 -4.58 -14.95 1.55
N ASP B 150 -3.76 -16.00 1.52
CA ASP B 150 -3.34 -16.76 2.75
C ASP B 150 -1.84 -17.09 2.75
N GLN B 151 -1.08 -16.78 1.69
CA GLN B 151 0.35 -17.15 1.59
C GLN B 151 1.18 -15.93 1.20
N PRO B 152 2.43 -15.81 1.72
CA PRO B 152 3.32 -14.73 1.31
C PRO B 152 3.87 -15.07 -0.08
N SER B 153 4.28 -14.06 -0.85
CA SER B 153 4.93 -14.26 -2.16
C SER B 153 6.33 -13.60 -2.12
N ILE B 154 7.29 -14.21 -2.81
CA ILE B 154 8.69 -13.72 -2.89
C ILE B 154 9.12 -13.72 -4.35
N SER B 155 9.66 -12.59 -4.82
CA SER B 155 10.38 -12.50 -6.10
C SER B 155 11.76 -11.87 -5.85
N ILE B 156 12.75 -12.31 -6.62
CA ILE B 156 14.15 -11.78 -6.57
C ILE B 156 14.29 -10.79 -7.72
N HIS B 157 14.56 -9.53 -7.42
CA HIS B 157 14.65 -8.43 -8.41
C HIS B 157 16.11 -8.00 -8.55
N VAL B 158 16.52 -7.68 -9.77
CA VAL B 158 17.89 -7.21 -10.13
C VAL B 158 17.75 -5.91 -10.92
N TYR B 159 18.49 -4.88 -10.52
CA TYR B 159 18.38 -3.52 -11.11
C TYR B 159 19.76 -3.04 -11.53
N GLY B 160 19.79 -2.08 -12.46
CA GLY B 160 21.03 -1.51 -13.02
C GLY B 160 21.59 -0.41 -12.14
N ALA B 161 21.35 -0.49 -10.83
CA ALA B 161 21.80 0.47 -9.79
C ALA B 161 21.60 -0.14 -8.41
N ASN B 162 21.96 0.62 -7.37
CA ASN B 162 21.52 0.44 -5.96
C ASN B 162 20.10 1.03 -5.84
N ILE B 163 19.08 0.21 -6.07
CA ILE B 163 17.65 0.62 -6.30
C ILE B 163 17.09 1.35 -5.08
N GLY B 164 17.50 0.94 -3.88
CA GLY B 164 17.05 1.54 -2.61
C GLY B 164 17.42 3.01 -2.51
N ALA B 165 18.41 3.46 -3.31
CA ALA B 165 18.94 4.84 -3.30
C ALA B 165 18.60 5.59 -4.59
N VAL B 166 17.90 4.97 -5.55
CA VAL B 166 17.50 5.65 -6.81
C VAL B 166 16.33 6.60 -6.52
N ARG B 167 16.46 7.86 -6.93
CA ARG B 167 15.37 8.86 -6.94
C ARG B 167 14.45 8.57 -8.12
N ARG B 168 13.25 8.03 -7.85
CA ARG B 168 12.23 7.65 -8.87
C ARG B 168 10.87 8.18 -8.41
N ALA B 169 9.75 7.65 -8.92
CA ALA B 169 8.40 8.20 -8.68
C ALA B 169 7.38 7.10 -8.42
N VAL B 170 6.37 7.42 -7.61
CA VAL B 170 5.06 6.71 -7.55
C VAL B 170 4.04 7.57 -8.29
N TYR B 171 3.01 6.96 -8.88
CA TYR B 171 2.01 7.66 -9.72
C TYR B 171 0.62 7.53 -9.08
N LEU B 172 -0.13 8.63 -9.04
CA LEU B 172 -1.56 8.66 -8.65
C LEU B 172 -2.40 8.36 -9.89
N PRO B 173 -3.68 7.96 -9.72
CA PRO B 173 -4.55 7.66 -10.86
C PRO B 173 -4.58 8.70 -11.99
N ASP B 174 -4.42 9.99 -11.66
CA ASP B 174 -4.48 11.12 -12.63
C ASP B 174 -3.10 11.38 -13.26
N GLY B 175 -2.11 10.51 -12.99
CA GLY B 175 -0.79 10.55 -13.63
C GLY B 175 0.18 11.51 -12.96
N SER B 176 -0.24 12.18 -11.88
CA SER B 176 0.65 13.05 -11.05
C SER B 176 1.71 12.16 -10.38
N GLU B 177 2.93 12.67 -10.25
CA GLU B 177 4.13 11.95 -9.74
C GLU B 177 4.53 12.50 -8.37
N LYS B 178 4.81 11.63 -7.40
CA LYS B 178 5.49 11.98 -6.12
C LYS B 178 6.89 11.41 -6.18
N PRO B 179 7.91 12.09 -5.58
CA PRO B 179 9.24 11.51 -5.46
C PRO B 179 9.17 10.20 -4.68
N PHE B 180 10.05 9.25 -5.01
CA PHE B 180 10.11 7.90 -4.42
C PHE B 180 11.57 7.46 -4.27
N ILE B 181 11.99 7.21 -3.03
CA ILE B 181 13.26 6.50 -2.66
C ILE B 181 12.85 5.37 -1.73
N SER B 182 13.02 4.11 -2.16
CA SER B 182 12.42 2.93 -1.50
C SER B 182 13.22 2.52 -0.26
N GLY B 183 14.55 2.68 -0.27
CA GLY B 183 15.41 2.19 0.81
C GLY B 183 15.32 0.68 0.96
N TYR B 184 15.69 0.16 2.13
CA TYR B 184 15.76 -1.30 2.42
C TYR B 184 15.21 -1.57 3.82
N SER B 185 14.66 -2.76 4.04
CA SER B 185 14.07 -3.23 5.31
C SER B 185 15.13 -3.83 6.24
N ASN B 186 16.29 -4.23 5.71
CA ASN B 186 17.31 -5.02 6.47
C ASN B 186 18.53 -4.13 6.78
N GLN B 187 19.06 -4.25 8.00
CA GLN B 187 20.33 -3.57 8.41
C GLN B 187 21.51 -4.48 8.04
N PHE B 188 21.22 -5.75 7.76
CA PHE B 188 22.22 -6.84 7.54
C PHE B 188 21.96 -7.54 6.22
N LEU B 189 23.02 -7.87 5.49
CA LEU B 189 22.98 -8.70 4.26
C LEU B 189 23.40 -10.12 4.62
N PRO B 190 23.06 -11.13 3.78
CA PRO B 190 23.57 -12.47 3.95
C PRO B 190 25.04 -12.58 3.50
N ASN B 191 25.84 -13.32 4.27
CA ASN B 191 27.22 -13.70 3.85
C ASN B 191 27.12 -14.88 2.89
N ILE B 192 27.24 -14.61 1.60
CA ILE B 192 27.14 -15.62 0.51
C ILE B 192 28.55 -16.06 0.10
N TRP B 193 29.59 -15.69 0.86
CA TRP B 193 31.01 -15.79 0.37
C TRP B 193 31.81 -16.86 1.12
N ASP B 194 31.22 -17.55 2.10
CA ASP B 194 31.86 -18.58 2.94
C ASP B 194 31.72 -19.94 2.25
N GLN B 195 32.58 -20.20 1.26
CA GLN B 195 32.51 -21.36 0.32
C GLN B 195 32.88 -22.66 1.04
N SER B 196 33.67 -22.57 2.12
CA SER B 196 34.16 -23.72 2.93
C SER B 196 32.99 -24.39 3.67
N LYS B 197 31.96 -23.60 4.06
CA LYS B 197 30.68 -24.10 4.63
C LYS B 197 30.07 -25.16 3.70
N GLU B 198 30.29 -25.01 2.38
CA GLU B 198 29.86 -25.95 1.32
C GLU B 198 31.06 -26.82 0.93
N SER C 4 -17.16 -37.74 19.26
CA SER C 4 -18.15 -37.14 20.21
C SER C 4 -19.56 -37.18 19.58
N PRO C 5 -20.59 -37.60 20.36
CA PRO C 5 -21.92 -37.91 19.85
C PRO C 5 -22.48 -36.93 18.79
N LEU C 6 -22.61 -37.40 17.54
CA LEU C 6 -23.45 -36.79 16.46
C LEU C 6 -24.78 -36.34 17.05
N ARG C 7 -25.15 -35.07 16.84
CA ARG C 7 -26.44 -34.48 17.33
C ARG C 7 -27.55 -34.80 16.32
N LEU C 8 -27.90 -36.09 16.19
CA LEU C 8 -28.92 -36.62 15.25
C LEU C 8 -30.31 -36.11 15.66
N ASP C 9 -30.47 -35.68 16.91
CA ASP C 9 -31.70 -35.07 17.45
C ASP C 9 -32.11 -33.86 16.63
N ARG C 10 -31.15 -33.16 16.03
CA ARG C 10 -31.40 -31.96 15.19
C ARG C 10 -32.19 -32.38 13.95
N LEU C 11 -31.75 -33.45 13.29
CA LEU C 11 -32.39 -33.99 12.06
C LEU C 11 -33.76 -34.58 12.42
N ARG C 12 -33.83 -35.30 13.54
CA ARG C 12 -35.09 -35.87 14.07
C ARG C 12 -36.11 -34.74 14.26
N ASP C 13 -35.70 -33.62 14.87
CA ASP C 13 -36.59 -32.48 15.21
C ASP C 13 -37.01 -31.76 13.93
N PHE C 14 -36.09 -31.62 12.97
CA PHE C 14 -36.40 -31.03 11.65
C PHE C 14 -37.51 -31.84 10.97
N VAL C 15 -37.35 -33.18 10.94
CA VAL C 15 -38.28 -34.11 10.25
C VAL C 15 -39.67 -34.03 10.92
N SER C 16 -39.72 -34.05 12.25
CA SER C 16 -40.97 -33.94 13.04
C SER C 16 -41.71 -32.65 12.68
N ALA C 17 -41.01 -31.52 12.77
CA ALA C 17 -41.54 -30.16 12.54
C ALA C 17 -42.07 -30.04 11.11
N LEU C 18 -41.32 -30.55 10.13
CA LEU C 18 -41.71 -30.53 8.70
C LEU C 18 -42.97 -31.38 8.50
N GLY C 19 -43.09 -32.48 9.23
CA GLY C 19 -44.30 -33.33 9.21
C GLY C 19 -45.51 -32.57 9.75
N GLU C 20 -45.37 -32.00 10.95
CA GLU C 20 -46.40 -31.18 11.63
C GLU C 20 -46.86 -30.05 10.69
N LEU C 21 -45.91 -29.41 10.01
CA LEU C 21 -46.14 -28.25 9.10
C LEU C 21 -47.06 -28.69 7.96
N LEU C 22 -46.76 -29.81 7.30
CA LEU C 22 -47.53 -30.29 6.12
C LEU C 22 -48.86 -30.92 6.56
N ASP C 23 -49.02 -31.26 7.85
CA ASP C 23 -50.30 -31.72 8.45
C ASP C 23 -51.34 -30.61 8.39
N ARG C 24 -50.91 -29.34 8.45
CA ARG C 24 -51.78 -28.13 8.38
C ARG C 24 -52.19 -27.85 6.92
N HIS C 25 -51.74 -28.67 5.96
CA HIS C 25 -51.99 -28.53 4.50
C HIS C 25 -51.87 -27.06 4.08
N PRO C 26 -50.75 -26.39 4.39
CA PRO C 26 -50.60 -24.97 4.07
C PRO C 26 -50.24 -24.80 2.57
N ASP C 27 -50.28 -23.58 2.07
CA ASP C 27 -49.96 -23.26 0.64
C ASP C 27 -48.44 -23.27 0.46
N GLU C 28 -47.96 -23.34 -0.78
CA GLU C 28 -46.52 -23.46 -1.11
C GLU C 28 -45.74 -22.32 -0.44
N GLU C 29 -46.28 -21.09 -0.47
CA GLU C 29 -45.64 -19.88 0.09
C GLU C 29 -45.39 -20.07 1.60
N SER C 30 -46.35 -20.64 2.32
CA SER C 30 -46.27 -20.90 3.78
C SER C 30 -45.28 -22.04 4.06
N VAL C 31 -45.27 -23.06 3.19
CA VAL C 31 -44.34 -24.23 3.32
C VAL C 31 -42.91 -23.71 3.19
N LEU C 32 -42.64 -22.91 2.14
CA LEU C 32 -41.29 -22.37 1.83
C LEU C 32 -40.84 -21.41 2.94
N ARG C 33 -41.75 -20.60 3.48
CA ARG C 33 -41.45 -19.58 4.51
C ARG C 33 -41.09 -20.27 5.84
N GLU C 34 -41.95 -21.17 6.32
CA GLU C 34 -41.74 -21.89 7.61
C GLU C 34 -40.64 -22.94 7.42
N GLY C 35 -40.60 -23.57 6.25
CA GLY C 35 -39.62 -24.62 5.91
C GLY C 35 -38.21 -24.10 5.94
N ARG C 36 -37.95 -22.97 5.28
CA ARG C 36 -36.59 -22.39 5.15
C ARG C 36 -36.10 -21.96 6.54
N SER C 37 -37.01 -21.54 7.42
CA SER C 37 -36.71 -21.21 8.84
C SER C 37 -36.26 -22.49 9.57
N LEU C 38 -37.01 -23.59 9.43
CA LEU C 38 -36.69 -24.89 10.08
C LEU C 38 -35.37 -25.44 9.53
N LEU C 39 -35.16 -25.36 8.21
CA LEU C 39 -33.93 -25.87 7.54
C LEU C 39 -32.73 -25.03 7.97
N GLY C 40 -32.89 -23.70 7.96
CA GLY C 40 -31.89 -22.75 8.46
C GLY C 40 -31.37 -23.15 9.84
N GLU C 41 -32.27 -23.57 10.72
CA GLU C 41 -31.94 -23.97 12.11
C GLU C 41 -31.10 -25.26 12.07
N LEU C 42 -31.40 -26.19 11.16
CA LEU C 42 -30.65 -27.47 11.02
C LEU C 42 -29.24 -27.20 10.49
N VAL C 43 -29.12 -26.49 9.36
CA VAL C 43 -27.84 -26.38 8.59
C VAL C 43 -26.93 -25.31 9.21
N ARG C 44 -27.42 -24.54 10.20
CA ARG C 44 -26.56 -23.61 11.00
C ARG C 44 -25.56 -24.41 11.85
N HIS C 45 -25.87 -25.67 12.16
CA HIS C 45 -25.02 -26.58 12.98
C HIS C 45 -24.47 -27.68 12.08
N ASP C 46 -23.17 -27.95 12.17
CA ASP C 46 -22.47 -29.00 11.39
C ASP C 46 -21.94 -30.06 12.36
N ASP C 47 -22.80 -30.57 13.25
CA ASP C 47 -22.46 -31.53 14.33
C ASP C 47 -23.38 -32.75 14.30
N TRP C 48 -24.10 -32.99 13.20
CA TRP C 48 -25.21 -34.00 13.16
C TRP C 48 -25.10 -34.97 11.96
N LEU C 49 -24.50 -34.57 10.83
CA LEU C 49 -24.47 -35.41 9.60
C LEU C 49 -23.51 -36.59 9.78
N PRO C 50 -23.97 -37.85 9.67
CA PRO C 50 -23.06 -39.00 9.66
C PRO C 50 -22.09 -38.95 8.47
N GLU C 51 -20.86 -39.41 8.70
CA GLU C 51 -19.72 -39.33 7.75
C GLU C 51 -20.05 -40.07 6.46
N GLU C 52 -20.84 -41.15 6.52
CA GLU C 52 -21.18 -42.02 5.37
C GLU C 52 -21.98 -41.22 4.32
N PHE C 53 -22.69 -40.17 4.73
CA PHE C 53 -23.54 -39.33 3.85
C PHE C 53 -22.90 -37.95 3.66
N ALA C 54 -21.58 -37.87 3.85
CA ALA C 54 -20.75 -36.67 3.62
C ALA C 54 -19.63 -36.96 2.63
N GLN C 55 -19.63 -38.15 2.01
CA GLN C 55 -18.47 -38.69 1.25
C GLN C 55 -18.59 -38.31 -0.23
N PRO C 56 -17.58 -37.62 -0.80
CA PRO C 56 -17.56 -37.36 -2.23
C PRO C 56 -17.21 -38.63 -3.04
N ASP C 57 -17.58 -38.62 -4.31
CA ASP C 57 -17.26 -39.67 -5.32
C ASP C 57 -16.41 -39.02 -6.40
N PRO C 58 -15.39 -39.71 -6.94
CA PRO C 58 -14.51 -39.12 -7.96
C PRO C 58 -15.17 -38.86 -9.33
N GLU C 59 -16.30 -39.51 -9.65
CA GLU C 59 -16.88 -39.49 -11.02
C GLU C 59 -18.13 -38.61 -11.09
N ARG C 60 -18.97 -38.58 -10.05
CA ARG C 60 -20.24 -37.78 -10.07
C ARG C 60 -20.64 -37.37 -8.65
N TYR C 61 -21.36 -36.26 -8.54
CA TYR C 61 -21.88 -35.73 -7.26
C TYR C 61 -22.79 -36.80 -6.65
N GLN C 62 -22.84 -36.89 -5.32
CA GLN C 62 -23.55 -37.96 -4.59
C GLN C 62 -24.84 -37.39 -4.00
N GLN C 63 -25.89 -38.23 -3.99
CA GLN C 63 -27.28 -37.91 -3.61
C GLN C 63 -27.70 -38.91 -2.53
N TYR C 64 -27.46 -38.60 -1.26
CA TYR C 64 -27.78 -39.47 -0.11
C TYR C 64 -29.14 -39.10 0.47
N LEU C 65 -30.17 -39.92 0.25
CA LEU C 65 -31.46 -39.82 0.97
C LEU C 65 -31.18 -39.99 2.47
N LEU C 66 -31.66 -39.06 3.30
CA LEU C 66 -31.57 -39.09 4.77
C LEU C 66 -32.91 -39.55 5.37
N HIS C 67 -34.02 -39.12 4.78
CA HIS C 67 -35.38 -39.39 5.28
C HIS C 67 -36.40 -39.21 4.14
N ALA C 68 -37.30 -40.18 4.00
CA ALA C 68 -38.50 -40.08 3.15
C ALA C 68 -39.73 -40.25 4.04
N ASP C 69 -40.71 -39.37 3.88
CA ASP C 69 -42.03 -39.46 4.57
C ASP C 69 -42.75 -40.75 4.15
N SER C 70 -43.50 -41.35 5.06
CA SER C 70 -44.33 -42.57 4.86
C SER C 70 -45.18 -42.47 3.59
N ARG C 71 -45.75 -41.30 3.31
CA ARG C 71 -46.67 -41.04 2.17
C ARG C 71 -45.93 -40.31 1.04
N GLN C 72 -44.61 -40.20 1.13
CA GLN C 72 -43.73 -39.55 0.12
C GLN C 72 -44.16 -38.08 -0.09
N ARG C 73 -44.61 -37.41 0.97
CA ARG C 73 -45.02 -35.98 0.95
C ARG C 73 -43.78 -35.09 0.93
N PHE C 74 -42.68 -35.52 1.55
CA PHE C 74 -41.37 -34.86 1.45
C PHE C 74 -40.24 -35.88 1.57
N SER C 75 -39.02 -35.41 1.29
CA SER C 75 -37.73 -36.15 1.42
C SER C 75 -36.63 -35.17 1.80
N VAL C 76 -35.61 -35.64 2.51
CA VAL C 76 -34.41 -34.87 2.94
C VAL C 76 -33.18 -35.59 2.37
N VAL C 77 -32.33 -34.86 1.63
CA VAL C 77 -31.18 -35.41 0.86
C VAL C 77 -29.92 -34.64 1.22
N SER C 78 -28.81 -35.35 1.47
CA SER C 78 -27.45 -34.78 1.56
C SER C 78 -26.85 -34.86 0.16
N PHE C 79 -26.62 -33.71 -0.49
CA PHE C 79 -25.91 -33.62 -1.79
C PHE C 79 -24.44 -33.29 -1.51
N VAL C 80 -23.53 -34.06 -2.10
CA VAL C 80 -22.06 -33.91 -1.90
C VAL C 80 -21.41 -33.74 -3.27
N TRP C 81 -20.88 -32.55 -3.55
CA TRP C 81 -20.03 -32.25 -4.72
C TRP C 81 -18.56 -32.34 -4.31
N GLY C 82 -17.75 -33.07 -5.08
CA GLY C 82 -16.28 -33.03 -4.97
C GLY C 82 -15.72 -31.77 -5.62
N PRO C 83 -14.42 -31.47 -5.47
CA PRO C 83 -13.82 -30.32 -6.16
C PRO C 83 -14.24 -30.28 -7.64
N GLY C 84 -14.82 -29.16 -8.08
CA GLY C 84 -15.17 -28.88 -9.49
C GLY C 84 -16.34 -29.69 -10.05
N GLN C 85 -17.20 -30.29 -9.23
CA GLN C 85 -18.37 -31.07 -9.71
C GLN C 85 -19.58 -30.14 -9.83
N THR C 86 -20.49 -30.45 -10.77
CA THR C 86 -21.74 -29.71 -10.99
C THR C 86 -22.89 -30.70 -11.22
N THR C 87 -24.11 -30.28 -10.91
CA THR C 87 -25.36 -30.90 -11.42
C THR C 87 -25.49 -30.54 -12.89
N PRO C 88 -26.32 -31.26 -13.67
CA PRO C 88 -26.82 -30.71 -14.93
C PRO C 88 -27.77 -29.55 -14.64
N VAL C 89 -28.14 -28.80 -15.67
CA VAL C 89 -29.27 -27.82 -15.59
C VAL C 89 -30.54 -28.67 -15.53
N HIS C 90 -31.33 -28.50 -14.46
CA HIS C 90 -32.46 -29.40 -14.13
C HIS C 90 -33.59 -28.58 -13.50
N ASP C 91 -34.81 -29.13 -13.53
CA ASP C 91 -35.98 -28.62 -12.79
C ASP C 91 -36.30 -29.63 -11.67
N HIS C 92 -37.43 -29.45 -10.98
CA HIS C 92 -37.80 -30.23 -9.77
C HIS C 92 -39.25 -30.72 -9.87
N ARG C 93 -40.16 -29.85 -10.34
CA ARG C 93 -41.61 -30.15 -10.55
C ARG C 93 -42.32 -30.17 -9.20
N VAL C 94 -41.61 -29.84 -8.12
CA VAL C 94 -42.16 -29.74 -6.74
C VAL C 94 -41.41 -28.61 -6.05
N TRP C 95 -41.90 -28.14 -4.91
CA TRP C 95 -41.17 -27.15 -4.09
C TRP C 95 -39.90 -27.82 -3.54
N GLY C 96 -38.85 -27.02 -3.34
CA GLY C 96 -37.54 -27.48 -2.88
C GLY C 96 -36.87 -26.40 -2.05
N LEU C 97 -36.20 -26.80 -0.97
CA LEU C 97 -35.34 -25.90 -0.15
C LEU C 97 -33.92 -26.45 -0.21
N ILE C 98 -32.93 -25.56 -0.33
CA ILE C 98 -31.48 -25.89 -0.37
C ILE C 98 -30.83 -25.22 0.83
N GLY C 99 -30.36 -26.00 1.81
CA GLY C 99 -29.66 -25.49 2.99
C GLY C 99 -28.18 -25.77 2.89
N MET C 100 -27.33 -24.75 2.87
CA MET C 100 -25.85 -24.90 2.78
C MET C 100 -25.32 -25.36 4.15
N LEU C 101 -24.49 -26.41 4.15
CA LEU C 101 -23.97 -27.02 5.39
C LEU C 101 -22.44 -26.87 5.48
N ARG C 102 -21.71 -27.21 4.43
CA ARG C 102 -20.24 -27.36 4.48
C ARG C 102 -19.62 -26.94 3.14
N GLY C 103 -18.63 -26.04 3.20
CA GLY C 103 -17.84 -25.59 2.05
C GLY C 103 -18.54 -24.45 1.32
N ALA C 104 -18.39 -24.41 0.00
CA ALA C 104 -18.80 -23.30 -0.88
C ALA C 104 -19.42 -23.87 -2.15
N GLU C 105 -20.67 -23.48 -2.46
CA GLU C 105 -21.24 -23.76 -3.80
C GLU C 105 -22.02 -22.53 -4.28
N ASP C 106 -22.25 -22.51 -5.59
CA ASP C 106 -23.03 -21.47 -6.28
C ASP C 106 -24.23 -22.15 -6.94
N ALA C 107 -25.33 -21.41 -7.08
CA ALA C 107 -26.57 -21.84 -7.75
C ALA C 107 -26.94 -20.79 -8.81
N GLN C 108 -26.99 -21.19 -10.08
CA GLN C 108 -27.39 -20.32 -11.21
C GLN C 108 -28.83 -20.65 -11.59
N SER C 109 -29.74 -19.68 -11.49
CA SER C 109 -31.14 -19.80 -11.98
C SER C 109 -31.12 -19.62 -13.50
N PHE C 110 -32.05 -20.30 -14.19
CA PHE C 110 -32.25 -20.22 -15.66
C PHE C 110 -33.73 -20.00 -15.94
N GLU C 111 -34.00 -19.45 -17.13
CA GLU C 111 -35.36 -19.22 -17.67
C GLU C 111 -35.37 -19.81 -19.09
N LEU C 112 -36.51 -20.29 -19.57
CA LEU C 112 -36.68 -20.74 -20.99
C LEU C 112 -37.07 -19.52 -21.83
N GLY C 113 -36.18 -19.11 -22.75
CA GLY C 113 -36.40 -17.97 -23.65
C GLY C 113 -36.63 -18.42 -25.09
N ALA C 114 -36.69 -17.46 -26.02
CA ALA C 114 -36.85 -17.69 -27.48
C ALA C 114 -35.69 -18.55 -27.99
N GLU C 115 -34.47 -18.29 -27.49
CA GLU C 115 -33.22 -18.96 -27.91
C GLU C 115 -33.06 -20.31 -27.18
N GLY C 116 -33.59 -20.41 -25.96
CA GLY C 116 -33.41 -21.58 -25.05
C GLY C 116 -33.14 -21.13 -23.63
N LEU C 117 -32.10 -21.69 -23.00
CA LEU C 117 -31.68 -21.37 -21.61
C LEU C 117 -31.04 -19.98 -21.58
N ARG C 118 -31.53 -19.10 -20.70
CA ARG C 118 -30.87 -17.81 -20.35
C ARG C 118 -30.77 -17.74 -18.84
N PRO C 119 -29.58 -17.45 -18.27
CA PRO C 119 -29.43 -17.29 -16.83
C PRO C 119 -30.16 -16.05 -16.29
N ILE C 120 -30.84 -16.20 -15.15
CA ILE C 120 -31.47 -15.09 -14.38
C ILE C 120 -30.48 -14.66 -13.30
N GLY C 121 -30.09 -13.38 -13.32
CA GLY C 121 -29.15 -12.76 -12.38
C GLY C 121 -27.79 -13.45 -12.38
N ASP C 122 -26.97 -13.11 -11.40
CA ASP C 122 -25.63 -13.70 -11.15
C ASP C 122 -25.85 -15.00 -10.38
N PRO C 123 -24.84 -15.90 -10.33
CA PRO C 123 -24.89 -17.06 -9.44
C PRO C 123 -25.09 -16.62 -7.99
N VAL C 124 -26.03 -17.26 -7.29
CA VAL C 124 -26.21 -17.06 -5.82
C VAL C 124 -25.09 -17.86 -5.14
N ARG C 125 -24.31 -17.19 -4.30
CA ARG C 125 -23.09 -17.73 -3.65
C ARG C 125 -23.45 -18.13 -2.22
N LEU C 126 -23.55 -19.44 -1.96
CA LEU C 126 -24.05 -19.98 -0.67
C LEU C 126 -22.84 -20.22 0.25
N SER C 127 -23.05 -19.98 1.54
CA SER C 127 -22.10 -20.31 2.61
C SER C 127 -22.89 -20.93 3.76
N PRO C 128 -22.25 -21.72 4.65
CA PRO C 128 -22.98 -22.49 5.65
C PRO C 128 -24.07 -21.64 6.35
N GLY C 129 -25.29 -22.17 6.41
CA GLY C 129 -26.44 -21.54 7.09
C GLY C 129 -27.46 -21.01 6.10
N GLN C 130 -27.06 -20.70 4.86
CA GLN C 130 -27.93 -20.02 3.87
C GLN C 130 -28.92 -21.04 3.29
N VAL C 131 -30.17 -20.61 3.04
CA VAL C 131 -31.26 -21.45 2.50
C VAL C 131 -31.86 -20.76 1.29
N GLU C 132 -32.05 -21.50 0.18
CA GLU C 132 -32.70 -21.00 -1.06
C GLU C 132 -33.88 -21.90 -1.38
N ALA C 133 -34.81 -21.41 -2.20
CA ALA C 133 -36.07 -22.08 -2.55
C ALA C 133 -36.13 -22.26 -4.07
N VAL C 134 -36.72 -23.36 -4.52
CA VAL C 134 -37.12 -23.57 -5.94
C VAL C 134 -38.55 -24.10 -5.95
N SER C 135 -39.26 -23.89 -7.04
CA SER C 135 -40.65 -24.36 -7.27
C SER C 135 -41.05 -23.94 -8.67
N PRO C 136 -41.95 -24.70 -9.35
CA PRO C 136 -42.48 -24.26 -10.65
C PRO C 136 -43.02 -22.82 -10.61
N ARG C 137 -43.59 -22.40 -9.47
CA ARG C 137 -44.25 -21.09 -9.28
C ARG C 137 -43.22 -19.96 -9.21
N ILE C 138 -42.12 -20.15 -8.46
CA ILE C 138 -41.15 -19.07 -8.11
C ILE C 138 -39.87 -19.18 -8.96
N GLY C 139 -39.68 -20.28 -9.70
CA GLY C 139 -38.43 -20.53 -10.46
C GLY C 139 -37.86 -21.90 -10.15
N ASP C 140 -37.87 -22.81 -11.13
CA ASP C 140 -37.65 -24.26 -10.93
C ASP C 140 -36.31 -24.71 -11.52
N ILE C 141 -35.77 -23.96 -12.49
CA ILE C 141 -34.60 -24.40 -13.31
C ILE C 141 -33.33 -23.77 -12.72
N HIS C 142 -32.36 -24.61 -12.36
CA HIS C 142 -31.05 -24.14 -11.85
C HIS C 142 -29.97 -25.19 -12.09
N ARG C 143 -28.73 -24.79 -11.81
CA ARG C 143 -27.53 -25.65 -11.80
C ARG C 143 -26.77 -25.31 -10.52
N VAL C 144 -26.46 -26.31 -9.69
CA VAL C 144 -25.72 -26.14 -8.41
C VAL C 144 -24.33 -26.78 -8.59
N PHE C 145 -23.27 -26.09 -8.17
CA PHE C 145 -21.87 -26.56 -8.40
C PHE C 145 -20.97 -26.14 -7.25
N ASN C 146 -19.98 -26.99 -6.95
CA ASN C 146 -18.91 -26.69 -5.97
C ASN C 146 -18.13 -25.48 -6.47
N ALA C 147 -17.93 -24.49 -5.59
CA ALA C 147 -17.23 -23.23 -5.90
C ALA C 147 -15.79 -23.31 -5.39
N SER C 148 -15.39 -24.45 -4.80
CA SER C 148 -14.03 -24.73 -4.30
C SER C 148 -13.34 -25.71 -5.25
N PRO C 149 -12.03 -25.49 -5.56
CA PRO C 149 -11.27 -26.41 -6.40
C PRO C 149 -10.49 -27.49 -5.62
N ASP C 150 -10.54 -27.48 -4.29
CA ASP C 150 -9.77 -28.42 -3.44
C ASP C 150 -10.59 -28.98 -2.26
N GLN C 151 -11.85 -28.57 -2.08
CA GLN C 151 -12.70 -29.01 -0.94
C GLN C 151 -14.05 -29.49 -1.44
N PRO C 152 -14.64 -30.53 -0.81
CA PRO C 152 -16.00 -30.96 -1.14
C PRO C 152 -16.99 -29.95 -0.56
N SER C 153 -18.19 -29.85 -1.15
CA SER C 153 -19.29 -29.01 -0.61
C SER C 153 -20.50 -29.89 -0.33
N ILE C 154 -21.26 -29.57 0.73
CA ILE C 154 -22.47 -30.31 1.14
C ILE C 154 -23.60 -29.32 1.37
N SER C 155 -24.76 -29.56 0.78
CA SER C 155 -26.03 -28.86 1.10
C SER C 155 -27.11 -29.91 1.40
N ILE C 156 -28.00 -29.58 2.32
CA ILE C 156 -29.15 -30.45 2.70
C ILE C 156 -30.37 -29.91 1.98
N HIS C 157 -30.98 -30.71 1.11
CA HIS C 157 -32.13 -30.31 0.27
C HIS C 157 -33.39 -31.01 0.77
N VAL C 158 -34.53 -30.30 0.72
CA VAL C 158 -35.86 -30.80 1.14
C VAL C 158 -36.83 -30.52 0.01
N TYR C 159 -37.62 -31.53 -0.40
CA TYR C 159 -38.51 -31.47 -1.57
C TYR C 159 -39.91 -31.91 -1.15
N GLY C 160 -40.91 -31.49 -1.91
CA GLY C 160 -42.34 -31.79 -1.64
C GLY C 160 -42.74 -33.13 -2.21
N ALA C 161 -41.79 -34.08 -2.28
CA ALA C 161 -41.96 -35.46 -2.80
C ALA C 161 -40.73 -36.31 -2.41
N ASN C 162 -40.75 -37.58 -2.82
CA ASN C 162 -39.56 -38.48 -2.90
C ASN C 162 -38.83 -38.13 -4.21
N ILE C 163 -37.87 -37.20 -4.14
CA ILE C 163 -37.25 -36.49 -5.31
C ILE C 163 -36.53 -37.49 -6.22
N GLY C 164 -35.91 -38.53 -5.63
CA GLY C 164 -35.18 -39.57 -6.37
C GLY C 164 -36.08 -40.32 -7.33
N ALA C 165 -37.41 -40.28 -7.13
CA ALA C 165 -38.41 -40.99 -7.95
C ALA C 165 -39.27 -40.02 -8.78
N VAL C 166 -39.04 -38.72 -8.70
CA VAL C 166 -39.83 -37.72 -9.50
C VAL C 166 -39.31 -37.75 -10.95
N ARG C 167 -40.23 -37.90 -11.91
CA ARG C 167 -39.97 -37.71 -13.36
C ARG C 167 -39.89 -36.22 -13.66
N ARG C 168 -38.68 -35.72 -13.93
CA ARG C 168 -38.40 -34.28 -14.22
C ARG C 168 -37.46 -34.21 -15.44
N ALA C 169 -36.77 -33.09 -15.65
CA ALA C 169 -35.98 -32.87 -16.89
C ALA C 169 -34.63 -32.21 -16.59
N VAL C 170 -33.63 -32.52 -17.43
CA VAL C 170 -32.38 -31.73 -17.60
C VAL C 170 -32.52 -30.95 -18.91
N TYR C 171 -31.88 -29.78 -19.02
CA TYR C 171 -32.03 -28.87 -20.18
C TYR C 171 -30.68 -28.70 -20.86
N LEU C 172 -30.67 -28.77 -22.20
CA LEU C 172 -29.49 -28.43 -23.05
C LEU C 172 -29.50 -26.94 -23.30
N PRO C 173 -28.35 -26.34 -23.72
CA PRO C 173 -28.29 -24.90 -24.00
C PRO C 173 -29.41 -24.32 -24.87
N ASP C 174 -29.94 -25.11 -25.82
CA ASP C 174 -30.99 -24.67 -26.78
C ASP C 174 -32.39 -24.89 -26.19
N GLY C 175 -32.48 -25.27 -24.91
CA GLY C 175 -33.77 -25.37 -24.17
C GLY C 175 -34.48 -26.69 -24.39
N SER C 176 -33.89 -27.61 -25.17
CA SER C 176 -34.41 -29.00 -25.34
C SER C 176 -34.32 -29.73 -24.00
N GLU C 177 -35.30 -30.59 -23.71
CA GLU C 177 -35.47 -31.31 -22.43
C GLU C 177 -35.21 -32.80 -22.63
N LYS C 178 -34.45 -33.43 -21.74
CA LYS C 178 -34.30 -34.90 -21.63
C LYS C 178 -35.04 -35.32 -20.35
N PRO C 179 -35.67 -36.51 -20.31
CA PRO C 179 -36.24 -37.03 -19.07
C PRO C 179 -35.14 -37.18 -18.02
N PHE C 180 -35.49 -37.00 -16.75
CA PHE C 180 -34.55 -37.05 -15.59
C PHE C 180 -35.25 -37.69 -14.39
N ILE C 181 -34.71 -38.82 -13.93
CA ILE C 181 -35.03 -39.47 -12.63
C ILE C 181 -33.70 -39.69 -11.92
N SER C 182 -33.45 -38.98 -10.81
CA SER C 182 -32.11 -38.83 -10.20
C SER C 182 -31.74 -40.08 -9.39
N GLY C 183 -32.71 -40.73 -8.74
CA GLY C 183 -32.44 -41.85 -7.81
C GLY C 183 -31.56 -41.42 -6.66
N TYR C 184 -30.90 -42.36 -6.00
CA TYR C 184 -30.09 -42.13 -4.77
C TYR C 184 -28.79 -42.93 -4.85
N SER C 185 -27.74 -42.44 -4.20
CA SER C 185 -26.38 -43.07 -4.17
C SER C 185 -26.27 -44.10 -3.05
N ASN C 186 -27.15 -44.07 -2.05
CA ASN C 186 -27.04 -44.88 -0.80
C ASN C 186 -28.09 -46.00 -0.81
N GLN C 187 -27.69 -47.21 -0.40
CA GLN C 187 -28.62 -48.36 -0.20
C GLN C 187 -29.18 -48.29 1.23
N PHE C 188 -28.55 -47.49 2.08
CA PHE C 188 -28.82 -47.40 3.55
C PHE C 188 -29.06 -45.95 3.94
N LEU C 189 -30.06 -45.73 4.81
CA LEU C 189 -30.36 -44.42 5.45
C LEU C 189 -29.78 -44.42 6.86
N PRO C 190 -29.54 -43.23 7.46
CA PRO C 190 -29.16 -43.14 8.85
C PRO C 190 -30.32 -43.41 9.80
N ASN C 191 -30.08 -44.15 10.88
CA ASN C 191 -31.06 -44.33 11.98
C ASN C 191 -30.99 -43.10 12.87
N ILE C 192 -31.95 -42.19 12.71
CA ILE C 192 -32.02 -40.92 13.47
C ILE C 192 -33.00 -41.08 14.64
N TRP C 193 -33.44 -42.29 14.96
CA TRP C 193 -34.62 -42.53 15.84
C TRP C 193 -34.22 -43.16 17.19
N ASP C 194 -32.94 -43.45 17.42
CA ASP C 194 -32.41 -44.08 18.65
C ASP C 194 -32.07 -42.97 19.67
N GLN C 195 -33.11 -42.47 20.35
CA GLN C 195 -33.07 -41.28 21.27
C GLN C 195 -32.29 -41.60 22.54
N SER C 196 -32.19 -42.87 22.94
CA SER C 196 -31.19 -43.35 23.93
C SER C 196 -29.79 -43.31 23.30
N LEU D 6 -30.61 7.65 -13.50
CA LEU D 6 -30.26 7.13 -12.15
C LEU D 6 -31.44 7.33 -11.19
N ARG D 7 -31.88 6.25 -10.54
CA ARG D 7 -33.00 6.28 -9.57
C ARG D 7 -32.48 6.71 -8.19
N LEU D 8 -32.04 7.97 -8.07
CA LEU D 8 -31.48 8.54 -6.81
C LEU D 8 -32.55 8.64 -5.73
N ASP D 9 -33.82 8.64 -6.14
CA ASP D 9 -35.01 8.68 -5.24
C ASP D 9 -34.95 7.43 -4.31
N ARG D 10 -34.36 6.32 -4.75
CA ARG D 10 -34.21 5.07 -3.95
C ARG D 10 -33.31 5.34 -2.74
N LEU D 11 -32.17 6.01 -2.97
CA LEU D 11 -31.20 6.39 -1.89
C LEU D 11 -31.84 7.42 -0.97
N ARG D 12 -32.54 8.41 -1.54
CA ARG D 12 -33.28 9.45 -0.77
C ARG D 12 -34.27 8.75 0.17
N ASP D 13 -35.03 7.78 -0.33
CA ASP D 13 -36.10 7.08 0.43
C ASP D 13 -35.48 6.18 1.50
N PHE D 14 -34.37 5.54 1.19
CA PHE D 14 -33.60 4.72 2.18
C PHE D 14 -33.19 5.62 3.36
N VAL D 15 -32.61 6.78 3.06
CA VAL D 15 -32.08 7.75 4.07
C VAL D 15 -33.24 8.27 4.94
N SER D 16 -34.37 8.64 4.34
CA SER D 16 -35.59 9.12 5.03
C SER D 16 -36.08 8.05 6.01
N ALA D 17 -36.26 6.82 5.53
CA ALA D 17 -36.79 5.67 6.29
C ALA D 17 -35.86 5.36 7.48
N LEU D 18 -34.56 5.36 7.24
CA LEU D 18 -33.53 5.11 8.28
C LEU D 18 -33.56 6.22 9.33
N GLY D 19 -33.84 7.46 8.91
CA GLY D 19 -34.01 8.60 9.83
C GLY D 19 -35.23 8.40 10.71
N GLU D 20 -36.38 8.14 10.09
CA GLU D 20 -37.67 7.86 10.77
C GLU D 20 -37.48 6.74 11.80
N LEU D 21 -36.75 5.68 11.41
CA LEU D 21 -36.51 4.47 12.24
C LEU D 21 -35.78 4.87 13.53
N LEU D 22 -34.71 5.65 13.42
CA LEU D 22 -33.86 6.04 14.59
C LEU D 22 -34.55 7.14 15.40
N ASP D 23 -35.56 7.81 14.85
CA ASP D 23 -36.43 8.78 15.59
C ASP D 23 -37.22 8.06 16.69
N ARG D 24 -37.55 6.78 16.48
CA ARG D 24 -38.28 5.92 17.46
C ARG D 24 -37.33 5.41 18.55
N HIS D 25 -36.05 5.80 18.52
CA HIS D 25 -34.98 5.40 19.47
C HIS D 25 -35.10 3.91 19.81
N PRO D 26 -35.14 3.01 18.79
CA PRO D 26 -35.33 1.59 19.04
C PRO D 26 -34.00 0.95 19.50
N ASP D 27 -34.04 -0.30 19.97
CA ASP D 27 -32.85 -1.03 20.48
C ASP D 27 -32.07 -1.56 19.27
N GLU D 28 -30.81 -1.97 19.47
CA GLU D 28 -29.90 -2.41 18.37
C GLU D 28 -30.56 -3.51 17.55
N GLU D 29 -31.20 -4.47 18.22
CA GLU D 29 -31.87 -5.65 17.57
C GLU D 29 -32.95 -5.16 16.60
N SER D 30 -33.73 -4.16 16.98
CA SER D 30 -34.82 -3.57 16.16
C SER D 30 -34.23 -2.76 15.00
N VAL D 31 -33.13 -2.05 15.24
CA VAL D 31 -32.40 -1.25 14.21
C VAL D 31 -31.90 -2.20 13.12
N LEU D 32 -31.21 -3.26 13.53
CA LEU D 32 -30.61 -4.26 12.61
C LEU D 32 -31.71 -4.99 11.83
N ARG D 33 -32.83 -5.32 12.48
CA ARG D 33 -33.95 -6.08 11.86
C ARG D 33 -34.63 -5.23 10.80
N GLU D 34 -35.06 -4.01 11.15
CA GLU D 34 -35.77 -3.10 10.22
C GLU D 34 -34.78 -2.53 9.20
N GLY D 35 -33.55 -2.26 9.65
CA GLY D 35 -32.47 -1.69 8.81
C GLY D 35 -32.12 -2.61 7.66
N ARG D 36 -31.88 -3.89 7.95
CA ARG D 36 -31.44 -4.88 6.93
C ARG D 36 -32.55 -5.08 5.91
N SER D 37 -33.81 -4.97 6.33
CA SER D 37 -35.00 -5.00 5.43
C SER D 37 -34.96 -3.81 4.48
N LEU D 38 -34.74 -2.59 5.01
CA LEU D 38 -34.67 -1.35 4.19
C LEU D 38 -33.48 -1.40 3.24
N LEU D 39 -32.32 -1.85 3.71
CA LEU D 39 -31.08 -1.94 2.90
C LEU D 39 -31.24 -3.01 1.81
N GLY D 40 -31.79 -4.17 2.17
CA GLY D 40 -32.16 -5.24 1.23
C GLY D 40 -32.96 -4.70 0.04
N GLU D 41 -33.91 -3.82 0.32
CA GLU D 41 -34.78 -3.19 -0.71
C GLU D 41 -33.94 -2.28 -1.61
N LEU D 42 -32.96 -1.58 -1.06
CA LEU D 42 -32.07 -0.66 -1.82
C LEU D 42 -31.14 -1.47 -2.73
N VAL D 43 -30.41 -2.46 -2.19
CA VAL D 43 -29.31 -3.16 -2.90
C VAL D 43 -29.86 -4.25 -3.83
N ARG D 44 -31.17 -4.53 -3.78
CA ARG D 44 -31.87 -5.41 -4.76
C ARG D 44 -31.92 -4.72 -6.14
N HIS D 45 -31.80 -3.40 -6.19
CA HIS D 45 -31.81 -2.59 -7.45
C HIS D 45 -30.41 -2.04 -7.68
N ASP D 46 -29.89 -2.15 -8.90
CA ASP D 46 -28.56 -1.61 -9.29
C ASP D 46 -28.78 -0.54 -10.36
N ASP D 47 -29.68 0.42 -10.11
CA ASP D 47 -30.07 1.47 -11.08
C ASP D 47 -29.96 2.88 -10.45
N TRP D 48 -29.25 3.03 -9.34
CA TRP D 48 -29.30 4.28 -8.51
C TRP D 48 -27.90 4.82 -8.15
N LEU D 49 -26.87 3.97 -8.06
CA LEU D 49 -25.51 4.41 -7.63
C LEU D 49 -24.85 5.20 -8.74
N PRO D 50 -24.47 6.47 -8.52
CA PRO D 50 -23.65 7.21 -9.50
C PRO D 50 -22.30 6.54 -9.74
N GLU D 51 -21.82 6.60 -10.97
CA GLU D 51 -20.59 5.92 -11.45
C GLU D 51 -19.36 6.42 -10.68
N GLU D 52 -19.36 7.68 -10.25
CA GLU D 52 -18.26 8.33 -9.50
C GLU D 52 -17.97 7.60 -8.17
N PHE D 53 -18.99 6.96 -7.59
CA PHE D 53 -18.90 6.23 -6.30
C PHE D 53 -18.96 4.72 -6.52
N ALA D 54 -18.61 4.28 -7.73
CA ALA D 54 -18.50 2.85 -8.12
C ALA D 54 -17.08 2.55 -8.64
N GLN D 55 -16.15 3.50 -8.52
CA GLN D 55 -14.84 3.46 -9.21
C GLN D 55 -13.79 2.79 -8.32
N PRO D 56 -13.13 1.71 -8.80
CA PRO D 56 -12.02 1.12 -8.06
C PRO D 56 -10.75 1.97 -8.15
N ASP D 57 -9.84 1.77 -7.20
CA ASP D 57 -8.49 2.38 -7.13
C ASP D 57 -7.47 1.25 -7.22
N PRO D 58 -6.35 1.43 -7.94
CA PRO D 58 -5.34 0.37 -8.07
C PRO D 58 -4.58 0.01 -6.80
N GLU D 59 -4.52 0.89 -5.79
CA GLU D 59 -3.65 0.71 -4.59
C GLU D 59 -4.43 0.28 -3.35
N ARG D 60 -5.66 0.77 -3.15
CA ARG D 60 -6.47 0.44 -1.93
C ARG D 60 -7.96 0.54 -2.24
N TYR D 61 -8.77 -0.21 -1.50
CA TYR D 61 -10.25 -0.24 -1.61
C TYR D 61 -10.74 1.18 -1.31
N GLN D 62 -11.83 1.59 -1.95
CA GLN D 62 -12.37 2.97 -1.90
C GLN D 62 -13.60 3.00 -1.00
N GLN D 63 -13.74 4.10 -0.27
CA GLN D 63 -14.77 4.33 0.80
C GLN D 63 -15.47 5.65 0.46
N TYR D 64 -16.54 5.59 -0.32
CA TYR D 64 -17.32 6.77 -0.76
C TYR D 64 -18.51 6.99 0.17
N LEU D 65 -18.45 8.02 1.01
CA LEU D 65 -19.63 8.49 1.78
C LEU D 65 -20.72 8.92 0.78
N LEU D 66 -21.93 8.40 0.95
CA LEU D 66 -23.13 8.77 0.14
C LEU D 66 -24.01 9.74 0.93
N HIS D 67 -24.12 9.55 2.26
CA HIS D 67 -24.92 10.42 3.16
C HIS D 67 -24.46 10.25 4.61
N ALA D 68 -24.27 11.36 5.32
CA ALA D 68 -24.11 11.39 6.80
C ALA D 68 -25.24 12.20 7.41
N ASP D 69 -25.86 11.66 8.47
CA ASP D 69 -26.92 12.33 9.26
C ASP D 69 -26.34 13.60 9.91
N SER D 70 -27.16 14.65 10.01
CA SER D 70 -26.84 15.96 10.61
C SER D 70 -26.20 15.79 12.00
N ARG D 71 -26.71 14.84 12.79
N ARG D 71 -26.71 14.84 12.79
CA ARG D 71 -26.27 14.58 14.20
CA ARG D 71 -26.27 14.58 14.20
C ARG D 71 -25.33 13.37 14.26
C ARG D 71 -25.33 13.37 14.26
N GLN D 72 -24.87 12.86 13.09
CA GLN D 72 -23.90 11.75 12.98
C GLN D 72 -24.47 10.49 13.65
N ARG D 73 -25.79 10.29 13.57
CA ARG D 73 -26.50 9.10 14.12
C ARG D 73 -26.30 7.90 13.19
N PHE D 74 -26.17 8.14 11.88
CA PHE D 74 -25.82 7.11 10.88
C PHE D 74 -25.07 7.73 9.70
N SER D 75 -24.53 6.85 8.85
CA SER D 75 -23.85 7.17 7.57
C SER D 75 -24.08 6.01 6.59
N VAL D 76 -24.09 6.31 5.29
CA VAL D 76 -24.24 5.32 4.18
C VAL D 76 -23.01 5.46 3.29
N VAL D 77 -22.31 4.34 3.03
CA VAL D 77 -20.99 4.32 2.33
C VAL D 77 -21.05 3.29 1.21
N SER D 78 -20.56 3.66 0.02
CA SER D 78 -20.26 2.73 -1.09
C SER D 78 -18.81 2.28 -0.94
N PHE D 79 -18.58 1.00 -0.63
CA PHE D 79 -17.24 0.39 -0.58
C PHE D 79 -16.97 -0.31 -1.91
N VAL D 80 -15.83 -0.03 -2.52
CA VAL D 80 -15.43 -0.58 -3.84
C VAL D 80 -14.07 -1.26 -3.69
N TRP D 81 -14.04 -2.58 -3.79
CA TRP D 81 -12.80 -3.40 -3.87
C TRP D 81 -12.50 -3.67 -5.36
N GLY D 82 -11.26 -3.43 -5.77
CA GLY D 82 -10.75 -3.88 -7.07
C GLY D 82 -10.42 -5.37 -7.01
N PRO D 83 -10.09 -5.99 -8.16
CA PRO D 83 -9.63 -7.39 -8.16
C PRO D 83 -8.60 -7.64 -7.06
N GLY D 84 -8.88 -8.62 -6.20
CA GLY D 84 -7.99 -9.16 -5.15
C GLY D 84 -7.77 -8.23 -3.98
N GLN D 85 -8.61 -7.22 -3.75
CA GLN D 85 -8.37 -6.24 -2.65
C GLN D 85 -9.07 -6.72 -1.38
N THR D 86 -8.54 -6.36 -0.22
CA THR D 86 -9.11 -6.69 1.11
C THR D 86 -9.06 -5.46 2.01
N THR D 87 -9.96 -5.39 2.99
CA THR D 87 -9.83 -4.53 4.19
C THR D 87 -8.76 -5.15 5.08
N PRO D 88 -8.19 -4.39 6.03
CA PRO D 88 -7.51 -5.01 7.17
C PRO D 88 -8.55 -5.72 8.05
N VAL D 89 -8.07 -6.52 9.00
CA VAL D 89 -8.94 -7.04 10.10
C VAL D 89 -9.22 -5.85 11.01
N HIS D 90 -10.50 -5.51 11.19
CA HIS D 90 -10.95 -4.27 11.87
C HIS D 90 -12.23 -4.54 12.66
N ASP D 91 -12.53 -3.68 13.61
CA ASP D 91 -13.82 -3.62 14.35
C ASP D 91 -14.55 -2.35 13.90
N HIS D 92 -15.66 -2.01 14.56
CA HIS D 92 -16.58 -0.90 14.14
C HIS D 92 -16.94 -0.02 15.33
N ARG D 93 -17.24 -0.65 16.50
CA ARG D 93 -17.56 0.04 17.77
C ARG D 93 -18.99 0.60 17.71
N VAL D 94 -19.71 0.32 16.61
CA VAL D 94 -21.13 0.69 16.42
C VAL D 94 -21.78 -0.42 15.60
N TRP D 95 -23.11 -0.45 15.55
CA TRP D 95 -23.85 -1.37 14.67
C TRP D 95 -23.54 -1.03 13.21
N GLY D 96 -23.55 -2.04 12.34
CA GLY D 96 -23.25 -1.92 10.90
C GLY D 96 -24.05 -2.91 10.10
N LEU D 97 -24.54 -2.51 8.93
CA LEU D 97 -25.20 -3.40 7.95
C LEU D 97 -24.40 -3.35 6.65
N ILE D 98 -24.21 -4.50 6.02
CA ILE D 98 -23.46 -4.67 4.73
C ILE D 98 -24.45 -5.20 3.68
N GLY D 99 -24.79 -4.39 2.69
CA GLY D 99 -25.69 -4.80 1.59
C GLY D 99 -24.90 -5.02 0.33
N MET D 100 -24.91 -6.24 -0.22
CA MET D 100 -24.13 -6.58 -1.44
C MET D 100 -24.86 -6.02 -2.65
N LEU D 101 -24.15 -5.33 -3.53
CA LEU D 101 -24.75 -4.62 -4.71
C LEU D 101 -24.25 -5.22 -6.02
N ARG D 102 -22.94 -5.40 -6.17
CA ARG D 102 -22.31 -5.72 -7.48
C ARG D 102 -21.08 -6.59 -7.25
N GLY D 103 -20.99 -7.71 -7.98
CA GLY D 103 -19.87 -8.67 -7.96
C GLY D 103 -19.97 -9.65 -6.81
N ALA D 104 -18.82 -10.04 -6.25
CA ALA D 104 -18.66 -11.12 -5.26
C ALA D 104 -17.65 -10.71 -4.20
N GLU D 105 -18.03 -10.73 -2.92
CA GLU D 105 -17.05 -10.63 -1.81
C GLU D 105 -17.39 -11.61 -0.69
N ASP D 106 -16.42 -11.84 0.18
CA ASP D 106 -16.50 -12.74 1.35
C ASP D 106 -16.18 -11.90 2.59
N ALA D 107 -16.73 -12.29 3.74
CA ALA D 107 -16.53 -11.67 5.06
C ALA D 107 -16.14 -12.76 6.07
N GLN D 108 -14.95 -12.66 6.65
CA GLN D 108 -14.47 -13.61 7.70
C GLN D 108 -14.59 -12.92 9.06
N SER D 109 -15.37 -13.49 9.98
CA SER D 109 -15.45 -13.06 11.40
C SER D 109 -14.22 -13.55 12.16
N PHE D 110 -13.77 -12.80 13.14
CA PHE D 110 -12.61 -13.12 14.03
C PHE D 110 -13.01 -12.91 15.48
N GLU D 111 -12.29 -13.58 16.38
CA GLU D 111 -12.40 -13.44 17.86
C GLU D 111 -10.98 -13.24 18.40
N LEU D 112 -10.85 -12.54 19.54
CA LEU D 112 -9.55 -12.38 20.25
C LEU D 112 -9.37 -13.57 21.21
N GLY D 113 -8.39 -14.43 20.95
CA GLY D 113 -8.09 -15.64 21.74
C GLY D 113 -6.79 -15.50 22.51
N ALA D 114 -6.34 -16.58 23.15
CA ALA D 114 -5.08 -16.67 23.93
C ALA D 114 -3.89 -16.34 23.01
N GLU D 115 -3.94 -16.82 21.77
CA GLU D 115 -2.85 -16.67 20.75
C GLU D 115 -2.97 -15.30 20.06
N GLY D 116 -4.19 -14.77 19.93
CA GLY D 116 -4.50 -13.57 19.15
C GLY D 116 -5.77 -13.76 18.33
N LEU D 117 -5.72 -13.45 17.03
CA LEU D 117 -6.87 -13.58 16.10
C LEU D 117 -7.14 -15.06 15.79
N ARG D 118 -8.38 -15.52 16.00
CA ARG D 118 -8.88 -16.83 15.51
C ARG D 118 -10.17 -16.57 14.72
N PRO D 119 -10.29 -17.12 13.50
CA PRO D 119 -11.53 -16.98 12.72
C PRO D 119 -12.69 -17.75 13.33
N ILE D 120 -13.88 -17.14 13.36
CA ILE D 120 -15.17 -17.78 13.75
C ILE D 120 -15.86 -18.23 12.47
N GLY D 121 -16.15 -19.53 12.35
CA GLY D 121 -16.89 -20.13 11.22
C GLY D 121 -16.16 -19.93 9.91
N ASP D 122 -16.83 -20.27 8.80
CA ASP D 122 -16.31 -20.10 7.43
C ASP D 122 -16.51 -18.66 7.00
N PRO D 123 -15.83 -18.19 5.93
CA PRO D 123 -16.18 -16.91 5.30
C PRO D 123 -17.65 -16.91 4.86
N VAL D 124 -18.38 -15.85 5.17
CA VAL D 124 -19.74 -15.61 4.62
C VAL D 124 -19.58 -15.10 3.19
N ARG D 125 -20.17 -15.79 2.22
CA ARG D 125 -20.03 -15.55 0.76
C ARG D 125 -21.23 -14.74 0.27
N LEU D 126 -21.04 -13.45 -0.02
CA LEU D 126 -22.14 -12.51 -0.35
C LEU D 126 -22.34 -12.45 -1.86
N SER D 127 -23.58 -12.31 -2.30
CA SER D 127 -23.95 -12.06 -3.72
C SER D 127 -25.04 -11.01 -3.74
N PRO D 128 -25.24 -10.28 -4.87
CA PRO D 128 -26.12 -9.11 -4.88
C PRO D 128 -27.45 -9.38 -4.17
N GLY D 129 -27.85 -8.47 -3.27
CA GLY D 129 -29.13 -8.55 -2.53
C GLY D 129 -28.93 -8.97 -1.07
N GLN D 130 -27.84 -9.65 -0.74
CA GLN D 130 -27.61 -10.21 0.61
C GLN D 130 -27.19 -9.09 1.57
N VAL D 131 -27.66 -9.15 2.82
CA VAL D 131 -27.37 -8.14 3.88
C VAL D 131 -26.83 -8.88 5.12
N GLU D 132 -25.72 -8.41 5.67
CA GLU D 132 -25.12 -8.94 6.93
C GLU D 132 -25.00 -7.81 7.95
N ALA D 133 -24.86 -8.17 9.23
CA ALA D 133 -24.82 -7.24 10.37
C ALA D 133 -23.50 -7.41 11.13
N VAL D 134 -22.97 -6.33 11.69
CA VAL D 134 -21.87 -6.35 12.70
C VAL D 134 -22.26 -5.42 13.83
N SER D 135 -21.70 -5.64 15.02
CA SER D 135 -21.93 -4.84 16.24
C SER D 135 -21.08 -5.42 17.36
N PRO D 136 -20.62 -4.62 18.34
CA PRO D 136 -19.94 -5.15 19.51
C PRO D 136 -20.70 -6.31 20.17
N ARG D 137 -22.04 -6.26 20.16
CA ARG D 137 -22.95 -7.22 20.83
C ARG D 137 -22.95 -8.57 20.09
N ILE D 138 -23.05 -8.55 18.75
CA ILE D 138 -23.30 -9.76 17.92
C ILE D 138 -22.01 -10.24 17.23
N GLY D 139 -20.93 -9.46 17.28
CA GLY D 139 -19.66 -9.79 16.59
C GLY D 139 -19.19 -8.62 15.72
N ASP D 140 -18.07 -8.03 16.08
CA ASP D 140 -17.62 -6.72 15.56
C ASP D 140 -16.38 -6.85 14.68
N ILE D 141 -15.58 -7.91 14.84
CA ILE D 141 -14.24 -8.04 14.18
C ILE D 141 -14.39 -8.89 12.92
N HIS D 142 -14.00 -8.35 11.76
CA HIS D 142 -14.09 -9.07 10.48
C HIS D 142 -13.07 -8.49 9.48
N ARG D 143 -12.94 -9.18 8.35
CA ARG D 143 -12.19 -8.76 7.15
C ARG D 143 -13.09 -9.03 5.95
N VAL D 144 -13.33 -8.02 5.10
CA VAL D 144 -14.15 -8.11 3.87
C VAL D 144 -13.21 -8.01 2.66
N PHE D 145 -13.36 -8.89 1.68
CA PHE D 145 -12.45 -8.96 0.51
C PHE D 145 -13.22 -9.35 -0.75
N ASN D 146 -12.76 -8.81 -1.89
CA ASN D 146 -13.24 -9.18 -3.24
C ASN D 146 -12.92 -10.65 -3.45
N ALA D 147 -13.92 -11.43 -3.88
CA ALA D 147 -13.82 -12.89 -4.11
C ALA D 147 -13.58 -13.15 -5.61
N SER D 148 -13.49 -12.09 -6.41
CA SER D 148 -13.12 -12.13 -7.85
C SER D 148 -11.69 -11.64 -8.04
N PRO D 149 -10.90 -12.29 -8.92
CA PRO D 149 -9.55 -11.82 -9.26
C PRO D 149 -9.48 -10.92 -10.51
N ASP D 150 -10.61 -10.66 -11.18
CA ASP D 150 -10.66 -9.88 -12.46
C ASP D 150 -11.81 -8.86 -12.49
N GLN D 151 -12.67 -8.80 -11.46
CA GLN D 151 -13.87 -7.89 -11.42
C GLN D 151 -13.90 -7.13 -10.10
N PRO D 152 -14.37 -5.85 -10.11
CA PRO D 152 -14.54 -5.11 -8.88
C PRO D 152 -15.78 -5.61 -8.14
N SER D 153 -15.86 -5.41 -6.82
CA SER D 153 -17.07 -5.70 -6.01
C SER D 153 -17.50 -4.42 -5.29
N ILE D 154 -18.80 -4.23 -5.11
CA ILE D 154 -19.40 -3.06 -4.42
C ILE D 154 -20.44 -3.55 -3.41
N SER D 155 -20.34 -3.08 -2.16
CA SER D 155 -21.39 -3.27 -1.13
C SER D 155 -21.72 -1.90 -0.53
N ILE D 156 -22.98 -1.69 -0.16
CA ILE D 156 -23.47 -0.45 0.49
C ILE D 156 -23.56 -0.76 1.99
N HIS D 157 -22.79 -0.02 2.81
CA HIS D 157 -22.70 -0.23 4.28
C HIS D 157 -23.40 0.92 4.99
N VAL D 158 -24.08 0.60 6.09
CA VAL D 158 -24.78 1.58 6.96
C VAL D 158 -24.31 1.35 8.39
N TYR D 159 -23.93 2.42 9.09
CA TYR D 159 -23.34 2.36 10.45
C TYR D 159 -24.10 3.30 11.37
N GLY D 160 -24.02 3.03 12.67
CA GLY D 160 -24.72 3.81 13.70
C GLY D 160 -23.94 5.03 14.12
N ALA D 161 -23.14 5.59 13.18
CA ALA D 161 -22.29 6.79 13.37
C ALA D 161 -21.83 7.29 12.00
N ASN D 162 -21.07 8.38 11.99
CA ASN D 162 -20.18 8.82 10.87
C ASN D 162 -18.90 7.97 10.92
N ILE D 163 -18.90 6.82 10.24
CA ILE D 163 -17.91 5.70 10.38
C ILE D 163 -16.50 6.19 10.03
N GLY D 164 -16.38 7.09 9.05
CA GLY D 164 -15.10 7.65 8.62
C GLY D 164 -14.39 8.41 9.73
N ALA D 165 -15.12 8.83 10.78
CA ALA D 165 -14.60 9.60 11.92
C ALA D 165 -14.63 8.79 13.22
N VAL D 166 -15.05 7.53 13.21
CA VAL D 166 -15.06 6.67 14.43
C VAL D 166 -13.62 6.22 14.72
N ARG D 167 -13.17 6.44 15.95
CA ARG D 167 -11.89 5.89 16.49
C ARG D 167 -12.11 4.42 16.82
N ARG D 168 -11.55 3.51 16.00
CA ARG D 168 -11.68 2.05 16.14
C ARG D 168 -10.28 1.43 15.95
N ALA D 169 -10.17 0.14 15.64
CA ALA D 169 -8.88 -0.58 15.60
C ALA D 169 -8.80 -1.52 14.40
N VAL D 170 -7.58 -1.72 13.90
CA VAL D 170 -7.18 -2.88 13.05
C VAL D 170 -6.38 -3.84 13.93
N TYR D 171 -6.42 -5.14 13.63
CA TYR D 171 -5.79 -6.18 14.46
C TYR D 171 -4.72 -6.89 13.62
N LEU D 172 -3.55 -7.12 14.20
CA LEU D 172 -2.47 -7.96 13.61
C LEU D 172 -2.74 -9.40 13.99
N PRO D 173 -2.15 -10.39 13.29
CA PRO D 173 -2.35 -11.81 13.61
C PRO D 173 -2.20 -12.21 15.10
N ASP D 174 -1.33 -11.52 15.85
CA ASP D 174 -1.05 -11.82 17.28
C ASP D 174 -2.03 -11.06 18.20
N GLY D 175 -3.05 -10.40 17.63
CA GLY D 175 -4.15 -9.76 18.38
C GLY D 175 -3.80 -8.36 18.88
N SER D 176 -2.60 -7.85 18.56
CA SER D 176 -2.19 -6.45 18.85
C SER D 176 -3.08 -5.50 18.04
N GLU D 177 -3.44 -4.35 18.62
CA GLU D 177 -4.39 -3.36 18.05
C GLU D 177 -3.64 -2.08 17.66
N LYS D 178 -3.90 -1.56 16.46
CA LYS D 178 -3.48 -0.20 16.05
C LYS D 178 -4.71 0.68 16.01
N PRO D 179 -4.62 1.98 16.38
CA PRO D 179 -5.75 2.89 16.19
C PRO D 179 -6.14 2.94 14.71
N PHE D 180 -7.42 3.14 14.43
CA PHE D 180 -7.98 3.14 13.05
C PHE D 180 -9.08 4.21 12.96
N ILE D 181 -8.85 5.18 12.09
CA ILE D 181 -9.86 6.16 11.58
C ILE D 181 -9.79 6.07 10.06
N SER D 182 -10.86 5.58 9.43
CA SER D 182 -10.88 5.14 8.00
C SER D 182 -10.96 6.35 7.07
N GLY D 183 -11.68 7.40 7.47
CA GLY D 183 -11.94 8.57 6.61
C GLY D 183 -12.72 8.16 5.37
N TYR D 184 -12.66 8.99 4.32
CA TYR D 184 -13.43 8.82 3.06
C TYR D 184 -12.54 9.14 1.87
N SER D 185 -12.83 8.52 0.72
CA SER D 185 -12.07 8.66 -0.56
C SER D 185 -12.60 9.83 -1.39
N ASN D 186 -13.81 10.32 -1.11
CA ASN D 186 -14.51 11.32 -1.98
C ASN D 186 -14.52 12.70 -1.32
N GLN D 187 -14.23 13.76 -2.09
CA GLN D 187 -14.36 15.18 -1.66
C GLN D 187 -15.81 15.64 -1.87
N PHE D 188 -16.57 14.88 -2.67
CA PHE D 188 -17.96 15.22 -3.08
C PHE D 188 -18.91 14.08 -2.75
N LEU D 189 -20.11 14.44 -2.28
CA LEU D 189 -21.26 13.52 -2.10
C LEU D 189 -22.19 13.67 -3.30
N PRO D 190 -23.04 12.67 -3.58
CA PRO D 190 -24.11 12.83 -4.57
C PRO D 190 -25.26 13.70 -4.02
N ASN D 191 -25.79 14.62 -4.83
CA ASN D 191 -26.94 15.45 -4.45
C ASN D 191 -28.21 14.61 -4.71
N ILE D 192 -28.78 14.03 -3.65
CA ILE D 192 -29.98 13.16 -3.75
C ILE D 192 -31.24 13.98 -3.45
N TRP D 193 -31.14 15.31 -3.35
CA TRP D 193 -32.19 16.17 -2.74
C TRP D 193 -32.88 17.08 -3.75
N ASP D 194 -32.48 17.05 -5.04
CA ASP D 194 -33.12 17.88 -6.10
C ASP D 194 -34.29 17.11 -6.73
N GLN D 195 -35.43 17.04 -6.02
CA GLN D 195 -36.59 16.15 -6.32
C GLN D 195 -37.35 16.70 -7.53
N SER D 196 -37.25 18.00 -7.82
CA SER D 196 -37.90 18.70 -8.96
C SER D 196 -37.34 18.19 -10.30
N LYS D 197 -36.06 17.80 -10.34
CA LYS D 197 -35.42 17.09 -11.49
C LYS D 197 -36.25 15.87 -11.91
N GLU D 198 -36.91 15.23 -10.94
CA GLU D 198 -37.86 14.10 -11.14
C GLU D 198 -39.29 14.65 -11.10
N LEU E 6 -8.94 24.18 3.88
CA LEU E 6 -10.38 24.53 4.09
C LEU E 6 -10.84 24.03 5.48
N ARG E 7 -11.35 24.93 6.32
CA ARG E 7 -11.84 24.62 7.68
C ARG E 7 -13.28 24.09 7.60
N LEU E 8 -13.46 22.92 6.99
CA LEU E 8 -14.79 22.26 6.78
C LEU E 8 -15.40 21.86 8.13
N ASP E 9 -14.58 21.75 9.17
CA ASP E 9 -14.99 21.45 10.56
C ASP E 9 -16.00 22.49 11.05
N ARG E 10 -15.93 23.73 10.54
CA ARG E 10 -16.84 24.84 10.91
C ARG E 10 -18.25 24.49 10.46
N LEU E 11 -18.38 24.04 9.20
CA LEU E 11 -19.69 23.67 8.59
C LEU E 11 -20.21 22.40 9.27
N ARG E 12 -19.32 21.43 9.51
CA ARG E 12 -19.66 20.17 10.23
C ARG E 12 -20.26 20.53 11.60
N ASP E 13 -19.64 21.45 12.35
CA ASP E 13 -20.05 21.82 13.73
C ASP E 13 -21.38 22.60 13.67
N PHE E 14 -21.54 23.46 12.67
CA PHE E 14 -22.81 24.19 12.44
C PHE E 14 -23.95 23.19 12.27
N VAL E 15 -23.75 22.20 11.39
CA VAL E 15 -24.78 21.19 11.02
C VAL E 15 -25.15 20.35 12.25
N SER E 16 -24.15 19.90 13.02
CA SER E 16 -24.34 19.12 14.28
C SER E 16 -25.20 19.92 15.26
N ALA E 17 -24.80 21.16 15.54
CA ALA E 17 -25.45 22.06 16.52
C ALA E 17 -26.90 22.32 16.11
N LEU E 18 -27.13 22.59 14.82
CA LEU E 18 -28.49 22.85 14.26
C LEU E 18 -29.35 21.59 14.40
N GLY E 19 -28.74 20.40 14.25
CA GLY E 19 -29.44 19.12 14.46
C GLY E 19 -29.86 18.95 15.91
N GLU E 20 -28.89 19.12 16.83
CA GLU E 20 -29.10 19.06 18.30
C GLU E 20 -30.23 20.01 18.70
N LEU E 21 -30.22 21.23 18.14
CA LEU E 21 -31.20 22.31 18.45
C LEU E 21 -32.61 21.85 18.09
N LEU E 22 -32.82 21.30 16.90
CA LEU E 22 -34.15 20.87 16.41
C LEU E 22 -34.59 19.55 17.08
N ASP E 23 -33.65 18.82 17.70
CA ASP E 23 -33.95 17.61 18.51
C ASP E 23 -34.77 18.01 19.75
N ARG E 24 -34.58 19.24 20.27
CA ARG E 24 -35.32 19.79 21.44
C ARG E 24 -36.72 20.26 21.03
N HIS E 25 -37.09 20.11 19.75
CA HIS E 25 -38.39 20.54 19.16
C HIS E 25 -38.79 21.90 19.70
N PRO E 26 -37.91 22.93 19.60
CA PRO E 26 -38.21 24.25 20.15
C PRO E 26 -39.14 25.01 19.20
N ASP E 27 -39.68 26.14 19.65
CA ASP E 27 -40.60 27.01 18.86
C ASP E 27 -39.76 27.81 17.85
N GLU E 28 -40.41 28.38 16.84
CA GLU E 28 -39.73 29.11 15.72
C GLU E 28 -38.84 30.21 16.30
N GLU E 29 -39.33 30.94 17.32
CA GLU E 29 -38.61 32.07 17.95
C GLU E 29 -37.28 31.58 18.53
N SER E 30 -37.27 30.41 19.17
CA SER E 30 -36.07 29.79 19.79
C SER E 30 -35.12 29.29 18.70
N VAL E 31 -35.68 28.73 17.62
CA VAL E 31 -34.89 28.21 16.45
C VAL E 31 -34.13 29.40 15.83
N LEU E 32 -34.85 30.48 15.55
CA LEU E 32 -34.28 31.70 14.90
C LEU E 32 -33.24 32.36 15.80
N ARG E 33 -33.49 32.41 17.12
CA ARG E 33 -32.59 33.07 18.11
C ARG E 33 -31.28 32.28 18.23
N GLU E 34 -31.36 30.96 18.49
CA GLU E 34 -30.17 30.10 18.67
C GLU E 34 -29.52 29.87 17.31
N GLY E 35 -30.33 29.74 16.26
CA GLY E 35 -29.87 29.48 14.88
C GLY E 35 -29.00 30.61 14.36
N ARG E 36 -29.46 31.85 14.49
CA ARG E 36 -28.75 33.04 13.96
C ARG E 36 -27.42 33.21 14.69
N SER E 37 -27.36 32.83 15.96
CA SER E 37 -26.10 32.80 16.77
C SER E 37 -25.13 31.78 16.17
N LEU E 38 -25.60 30.55 15.90
CA LEU E 38 -24.77 29.46 15.32
C LEU E 38 -24.32 29.85 13.90
N LEU E 39 -25.21 30.43 13.10
CA LEU E 39 -24.90 30.85 11.70
C LEU E 39 -23.89 31.99 11.70
N GLY E 40 -24.12 32.98 12.57
CA GLY E 40 -23.19 34.10 12.81
C GLY E 40 -21.77 33.61 13.03
N GLU E 41 -21.61 32.53 13.82
CA GLU E 41 -20.30 31.94 14.14
C GLU E 41 -19.68 31.34 12.87
N LEU E 42 -20.49 30.73 12.01
CA LEU E 42 -20.00 30.12 10.74
C LEU E 42 -19.55 31.22 9.77
N VAL E 43 -20.41 32.20 9.48
CA VAL E 43 -20.22 33.15 8.34
C VAL E 43 -19.27 34.29 8.76
N ARG E 44 -18.87 34.36 10.05
CA ARG E 44 -17.82 35.31 10.52
C ARG E 44 -16.46 34.90 9.92
N HIS E 45 -16.29 33.63 9.55
CA HIS E 45 -15.05 33.06 8.98
C HIS E 45 -15.29 32.73 7.51
N ASP E 46 -14.37 33.13 6.63
CA ASP E 46 -14.44 32.86 5.18
C ASP E 46 -13.24 31.98 4.79
N ASP E 47 -13.05 30.86 5.51
CA ASP E 47 -11.90 29.93 5.35
C ASP E 47 -12.39 28.49 5.19
N TRP E 48 -13.66 28.26 4.87
CA TRP E 48 -14.30 26.91 4.91
C TRP E 48 -15.07 26.55 3.63
N LEU E 49 -15.60 27.51 2.88
CA LEU E 49 -16.45 27.22 1.69
C LEU E 49 -15.58 26.72 0.54
N PRO E 50 -15.82 25.49 0.02
CA PRO E 50 -15.14 25.03 -1.19
C PRO E 50 -15.45 25.92 -2.40
N GLU E 51 -14.47 26.10 -3.27
CA GLU E 51 -14.48 27.03 -4.43
C GLU E 51 -15.62 26.66 -5.39
N GLU E 52 -15.94 25.36 -5.51
CA GLU E 52 -16.99 24.83 -6.43
C GLU E 52 -18.37 25.40 -6.09
N PHE E 53 -18.60 25.77 -4.83
CA PHE E 53 -19.89 26.31 -4.33
C PHE E 53 -19.77 27.80 -4.03
N ALA E 54 -18.78 28.47 -4.66
CA ALA E 54 -18.56 29.92 -4.57
C ALA E 54 -18.58 30.55 -5.97
N GLN E 55 -18.95 29.78 -7.00
CA GLN E 55 -18.76 30.17 -8.42
C GLN E 55 -20.01 30.89 -8.93
N PRO E 56 -19.87 32.13 -9.45
CA PRO E 56 -20.99 32.80 -10.11
C PRO E 56 -21.26 32.20 -11.50
N ASP E 57 -22.47 32.42 -11.99
CA ASP E 57 -22.94 32.05 -13.35
C ASP E 57 -23.30 33.35 -14.06
N PRO E 58 -22.99 33.48 -15.38
CA PRO E 58 -23.26 34.73 -16.10
C PRO E 58 -24.75 35.04 -16.34
N GLU E 59 -25.66 34.05 -16.26
CA GLU E 59 -27.07 34.24 -16.65
C GLU E 59 -28.01 34.34 -15.43
N ARG E 60 -27.77 33.59 -14.35
CA ARG E 60 -28.64 33.58 -13.15
C ARG E 60 -27.85 33.24 -11.89
N TYR E 61 -28.33 33.74 -10.75
CA TYR E 61 -27.73 33.49 -9.41
C TYR E 61 -27.73 31.98 -9.18
N GLN E 62 -26.72 31.47 -8.45
CA GLN E 62 -26.52 30.02 -8.27
C GLN E 62 -26.93 29.63 -6.85
N GLN E 63 -27.49 28.42 -6.71
CA GLN E 63 -28.11 27.87 -5.49
C GLN E 63 -27.45 26.51 -5.20
N TYR E 64 -26.35 26.51 -4.46
CA TYR E 64 -25.58 25.27 -4.13
C TYR E 64 -26.03 24.71 -2.78
N LEU E 65 -26.76 23.59 -2.79
CA LEU E 65 -27.04 22.81 -1.54
C LEU E 65 -25.69 22.36 -0.95
N LEU E 66 -25.46 22.63 0.33
CA LEU E 66 -24.26 22.20 1.10
C LEU E 66 -24.60 20.97 1.96
N HIS E 67 -25.79 20.95 2.53
CA HIS E 67 -26.26 19.88 3.46
C HIS E 67 -27.78 19.85 3.52
N ALA E 68 -28.37 18.67 3.42
CA ALA E 68 -29.79 18.41 3.72
C ALA E 68 -29.86 17.39 4.85
N ASP E 69 -30.70 17.67 5.86
CA ASP E 69 -31.00 16.73 6.96
C ASP E 69 -31.67 15.46 6.40
N SER E 70 -31.38 14.31 7.00
CA SER E 70 -31.93 12.97 6.66
C SER E 70 -33.45 13.00 6.50
N ARG E 71 -34.14 13.75 7.38
CA ARG E 71 -35.62 13.86 7.45
C ARG E 71 -36.10 15.16 6.81
N GLN E 72 -35.21 15.90 6.14
CA GLN E 72 -35.51 17.18 5.43
C GLN E 72 -36.09 18.20 6.42
N ARG E 73 -35.61 18.18 7.68
CA ARG E 73 -36.02 19.15 8.74
C ARG E 73 -35.34 20.50 8.51
N PHE E 74 -34.13 20.50 7.95
CA PHE E 74 -33.43 21.72 7.48
C PHE E 74 -32.52 21.42 6.29
N SER E 75 -32.00 22.48 5.69
CA SER E 75 -31.02 22.48 4.56
C SER E 75 -30.14 23.72 4.68
N VAL E 76 -28.90 23.64 4.20
CA VAL E 76 -27.91 24.74 4.16
C VAL E 76 -27.50 24.96 2.71
N VAL E 77 -27.60 26.19 2.21
CA VAL E 77 -27.40 26.57 0.78
C VAL E 77 -26.40 27.71 0.68
N SER E 78 -25.44 27.61 -0.23
CA SER E 78 -24.58 28.73 -0.67
C SER E 78 -25.25 29.41 -1.86
N PHE E 79 -25.71 30.65 -1.67
CA PHE E 79 -26.28 31.48 -2.77
C PHE E 79 -25.17 32.40 -3.30
N VAL E 80 -24.97 32.42 -4.62
CA VAL E 80 -23.89 33.22 -5.27
C VAL E 80 -24.55 34.11 -6.34
N TRP E 81 -24.55 35.42 -6.10
CA TRP E 81 -24.95 36.46 -7.09
C TRP E 81 -23.70 36.99 -7.78
N GLY E 82 -23.71 37.06 -9.11
CA GLY E 82 -22.71 37.80 -9.89
C GLY E 82 -23.00 39.30 -9.84
N PRO E 83 -22.09 40.15 -10.35
CA PRO E 83 -22.37 41.59 -10.44
C PRO E 83 -23.77 41.86 -10.98
N GLY E 84 -24.59 42.62 -10.23
CA GLY E 84 -25.91 43.11 -10.65
C GLY E 84 -27.01 42.05 -10.73
N GLN E 85 -26.84 40.88 -10.09
CA GLN E 85 -27.88 39.80 -10.16
C GLN E 85 -28.83 39.96 -8.97
N THR E 86 -30.08 39.53 -9.15
CA THR E 86 -31.13 39.57 -8.10
C THR E 86 -31.92 38.26 -8.13
N THR E 87 -32.50 37.90 -6.98
CA THR E 87 -33.60 36.91 -6.89
C THR E 87 -34.86 37.58 -7.43
N PRO E 88 -35.90 36.81 -7.80
CA PRO E 88 -37.23 37.37 -7.91
C PRO E 88 -37.74 37.75 -6.49
N VAL E 89 -38.84 38.47 -6.43
CA VAL E 89 -39.58 38.66 -5.14
C VAL E 89 -40.24 37.33 -4.83
N HIS E 90 -39.93 36.74 -3.69
CA HIS E 90 -40.32 35.34 -3.35
C HIS E 90 -40.63 35.25 -1.86
N ASP E 91 -41.36 34.21 -1.47
CA ASP E 91 -41.59 33.80 -0.06
C ASP E 91 -40.83 32.50 0.17
N HIS E 92 -41.03 31.85 1.32
CA HIS E 92 -40.25 30.66 1.78
C HIS E 92 -41.18 29.57 2.30
N ARG E 93 -42.20 29.96 3.08
CA ARG E 93 -43.24 29.06 3.64
C ARG E 93 -42.65 28.26 4.81
N VAL E 94 -41.40 28.57 5.18
CA VAL E 94 -40.70 27.95 6.34
C VAL E 94 -39.81 29.04 6.93
N TRP E 95 -39.29 28.83 8.13
CA TRP E 95 -38.29 29.74 8.74
C TRP E 95 -37.00 29.68 7.91
N GLY E 96 -36.27 30.79 7.86
CA GLY E 96 -35.04 30.94 7.06
C GLY E 96 -34.08 31.88 7.77
N LEU E 97 -32.79 31.58 7.75
CA LEU E 97 -31.71 32.47 8.22
C LEU E 97 -30.80 32.76 7.02
N ILE E 98 -30.36 34.02 6.89
CA ILE E 98 -29.45 34.49 5.82
C ILE E 98 -28.18 34.99 6.48
N GLY E 99 -27.05 34.29 6.30
CA GLY E 99 -25.75 34.69 6.83
C GLY E 99 -24.87 35.23 5.74
N MET E 100 -24.45 36.49 5.84
CA MET E 100 -23.58 37.14 4.82
C MET E 100 -22.15 36.63 5.00
N LEU E 101 -21.52 36.21 3.89
CA LEU E 101 -20.16 35.59 3.92
C LEU E 101 -19.16 36.44 3.15
N ARG E 102 -19.48 36.87 1.93
CA ARG E 102 -18.51 37.49 1.01
C ARG E 102 -19.20 38.55 0.15
N GLY E 103 -18.63 39.76 0.15
CA GLY E 103 -19.07 40.88 -0.70
C GLY E 103 -20.19 41.66 -0.03
N ALA E 104 -21.11 42.17 -0.85
CA ALA E 104 -22.16 43.13 -0.45
C ALA E 104 -23.47 42.74 -1.13
N GLU E 105 -24.53 42.53 -0.34
CA GLU E 105 -25.89 42.43 -0.91
C GLU E 105 -26.87 43.17 0.00
N ASP E 106 -28.04 43.48 -0.57
CA ASP E 106 -29.17 44.14 0.11
C ASP E 106 -30.37 43.18 0.04
N ALA E 107 -31.25 43.27 1.03
CA ALA E 107 -32.48 42.48 1.14
C ALA E 107 -33.65 43.44 1.40
N GLN E 108 -34.63 43.50 0.48
CA GLN E 108 -35.83 44.35 0.60
C GLN E 108 -37.00 43.46 1.02
N SER E 109 -37.61 43.73 2.18
CA SER E 109 -38.85 43.08 2.65
C SER E 109 -40.04 43.70 1.90
N PHE E 110 -41.07 42.91 1.65
CA PHE E 110 -42.33 43.33 0.98
C PHE E 110 -43.52 42.84 1.79
N GLU E 111 -44.66 43.50 1.61
CA GLU E 111 -45.99 43.15 2.19
C GLU E 111 -46.98 43.12 1.03
N LEU E 112 -48.04 42.31 1.14
CA LEU E 112 -49.16 42.29 0.14
C LEU E 112 -50.19 43.34 0.58
N GLY E 113 -50.37 44.40 -0.21
CA GLY E 113 -51.32 45.50 0.07
C GLY E 113 -52.49 45.48 -0.90
N ALA E 114 -53.35 46.51 -0.83
CA ALA E 114 -54.51 46.72 -1.71
C ALA E 114 -54.06 46.79 -3.17
N GLU E 115 -52.91 47.44 -3.42
CA GLU E 115 -52.35 47.67 -4.78
C GLU E 115 -51.54 46.44 -5.24
N GLY E 116 -50.95 45.72 -4.29
CA GLY E 116 -50.03 44.59 -4.55
C GLY E 116 -48.82 44.64 -3.63
N LEU E 117 -47.62 44.52 -4.18
CA LEU E 117 -46.35 44.55 -3.43
C LEU E 117 -46.05 45.97 -2.96
N ARG E 118 -45.81 46.16 -1.66
CA ARG E 118 -45.29 47.41 -1.08
C ARG E 118 -44.09 47.06 -0.22
N PRO E 119 -42.92 47.73 -0.40
CA PRO E 119 -41.75 47.47 0.42
C PRO E 119 -41.96 47.92 1.89
N ILE E 120 -41.51 47.08 2.83
CA ILE E 120 -41.46 47.41 4.28
C ILE E 120 -40.04 47.92 4.59
N GLY E 121 -39.94 49.15 5.10
CA GLY E 121 -38.67 49.79 5.49
C GLY E 121 -37.73 49.94 4.30
N ASP E 122 -36.49 50.30 4.59
CA ASP E 122 -35.39 50.44 3.61
C ASP E 122 -34.81 49.07 3.35
N PRO E 123 -34.03 48.88 2.26
CA PRO E 123 -33.25 47.65 2.08
C PRO E 123 -32.30 47.45 3.26
N VAL E 124 -32.27 46.24 3.81
CA VAL E 124 -31.26 45.84 4.82
C VAL E 124 -29.95 45.58 4.08
N ARG E 125 -28.88 46.27 4.46
CA ARG E 125 -27.56 46.28 3.80
C ARG E 125 -26.64 45.34 4.57
N LEU E 126 -26.35 44.16 4.01
CA LEU E 126 -25.61 43.09 4.71
C LEU E 126 -24.12 43.22 4.36
N SER E 127 -23.27 42.92 5.34
CA SER E 127 -21.80 42.80 5.15
C SER E 127 -21.35 41.56 5.93
N PRO E 128 -20.18 40.97 5.58
CA PRO E 128 -19.79 39.67 6.12
C PRO E 128 -20.03 39.59 7.64
N GLY E 129 -20.69 38.52 8.09
CA GLY E 129 -20.94 38.24 9.52
C GLY E 129 -22.40 38.48 9.91
N GLN E 130 -23.13 39.31 9.15
CA GLN E 130 -24.52 39.71 9.50
C GLN E 130 -25.48 38.57 9.18
N VAL E 131 -26.50 38.37 10.02
CA VAL E 131 -27.52 37.28 9.88
C VAL E 131 -28.92 37.91 9.97
N GLU E 132 -29.80 37.58 9.04
CA GLU E 132 -31.21 38.04 9.02
C GLU E 132 -32.13 36.82 9.00
N ALA E 133 -33.40 37.02 9.36
CA ALA E 133 -34.40 35.94 9.51
C ALA E 133 -35.59 36.22 8.59
N VAL E 134 -36.21 35.17 8.05
CA VAL E 134 -37.52 35.24 7.38
C VAL E 134 -38.37 34.09 7.91
N SER E 135 -39.68 34.24 7.84
CA SER E 135 -40.68 33.22 8.27
C SER E 135 -42.06 33.78 7.98
N PRO E 136 -43.08 32.93 7.70
CA PRO E 136 -44.45 33.41 7.54
C PRO E 136 -44.91 34.30 8.72
N ARG E 137 -44.42 34.00 9.93
CA ARG E 137 -44.82 34.68 11.19
C ARG E 137 -44.23 36.09 11.26
N ILE E 138 -42.95 36.26 10.93
CA ILE E 138 -42.17 37.51 11.16
C ILE E 138 -42.02 38.33 9.86
N GLY E 139 -42.37 37.76 8.70
CA GLY E 139 -42.16 38.40 7.39
C GLY E 139 -41.41 37.48 6.44
N ASP E 140 -42.08 37.05 5.37
CA ASP E 140 -41.63 35.93 4.51
C ASP E 140 -41.22 36.41 3.12
N ILE E 141 -41.70 37.58 2.68
CA ILE E 141 -41.55 38.06 1.28
C ILE E 141 -40.37 39.02 1.21
N HIS E 142 -39.39 38.73 0.35
CA HIS E 142 -38.22 39.60 0.14
C HIS E 142 -37.62 39.39 -1.24
N ARG E 143 -36.67 40.24 -1.58
CA ARG E 143 -35.81 40.16 -2.78
C ARG E 143 -34.39 40.43 -2.31
N VAL E 144 -33.45 39.54 -2.61
CA VAL E 144 -32.01 39.66 -2.23
C VAL E 144 -31.22 39.91 -3.52
N PHE E 145 -30.30 40.87 -3.52
CA PHE E 145 -29.56 41.28 -4.74
C PHE E 145 -28.13 41.72 -4.38
N ASN E 146 -27.20 41.45 -5.29
CA ASN E 146 -25.80 41.92 -5.20
C ASN E 146 -25.82 43.44 -5.23
N ALA E 147 -25.12 44.07 -4.29
CA ALA E 147 -25.04 45.54 -4.13
C ALA E 147 -23.74 46.06 -4.76
N SER E 148 -22.93 45.15 -5.33
CA SER E 148 -21.67 45.46 -6.04
C SER E 148 -21.88 45.31 -7.55
N PRO E 149 -21.34 46.22 -8.37
CA PRO E 149 -21.41 46.11 -9.83
C PRO E 149 -20.21 45.41 -10.48
N ASP E 150 -19.21 45.00 -9.70
CA ASP E 150 -17.96 44.38 -10.23
C ASP E 150 -17.51 43.15 -9.41
N GLN E 151 -18.19 42.80 -8.32
CA GLN E 151 -17.79 41.67 -7.43
C GLN E 151 -18.98 40.74 -7.18
N PRO E 152 -18.74 39.41 -7.07
CA PRO E 152 -19.80 38.48 -6.71
C PRO E 152 -20.09 38.60 -5.21
N SER E 153 -21.30 38.25 -4.77
CA SER E 153 -21.66 38.20 -3.34
C SER E 153 -22.12 36.79 -2.99
N ILE E 154 -21.81 36.35 -1.76
CA ILE E 154 -22.18 35.00 -1.25
C ILE E 154 -22.82 35.16 0.14
N SER E 155 -23.99 34.54 0.34
CA SER E 155 -24.60 34.37 1.67
C SER E 155 -24.94 32.89 1.86
N ILE E 156 -24.84 32.41 3.10
CA ILE E 156 -25.18 31.02 3.49
C ILE E 156 -26.57 31.08 4.13
N HIS E 157 -27.54 30.38 3.53
CA HIS E 157 -28.95 30.39 3.99
C HIS E 157 -29.29 29.04 4.60
N VAL E 158 -30.11 29.06 5.66
CA VAL E 158 -30.57 27.85 6.39
C VAL E 158 -32.10 27.93 6.49
N TYR E 159 -32.79 26.86 6.15
CA TYR E 159 -34.26 26.81 6.05
C TYR E 159 -34.77 25.62 6.86
N GLY E 160 -36.04 25.69 7.28
CA GLY E 160 -36.71 24.67 8.09
C GLY E 160 -37.28 23.55 7.21
N ALA E 161 -36.63 23.28 6.07
CA ALA E 161 -36.99 22.23 5.10
C ALA E 161 -35.84 22.02 4.10
N ASN E 162 -36.04 21.11 3.15
CA ASN E 162 -35.26 21.01 1.88
C ASN E 162 -35.84 22.05 0.90
N ILE E 163 -35.28 23.26 0.91
CA ILE E 163 -35.84 24.51 0.30
C ILE E 163 -35.98 24.35 -1.22
N GLY E 164 -35.04 23.63 -1.85
CA GLY E 164 -35.03 23.39 -3.30
C GLY E 164 -36.26 22.62 -3.75
N ALA E 165 -36.95 21.93 -2.82
CA ALA E 165 -38.15 21.10 -3.11
C ALA E 165 -39.42 21.71 -2.50
N VAL E 166 -39.35 22.86 -1.83
CA VAL E 166 -40.55 23.52 -1.24
C VAL E 166 -41.34 24.17 -2.36
N ARG E 167 -42.64 23.89 -2.44
CA ARG E 167 -43.62 24.62 -3.30
C ARG E 167 -43.95 25.97 -2.64
N ARG E 168 -43.43 27.06 -3.21
CA ARG E 168 -43.64 28.45 -2.71
C ARG E 168 -43.98 29.35 -3.91
N ALA E 169 -43.82 30.67 -3.80
CA ALA E 169 -44.29 31.62 -4.84
C ALA E 169 -43.27 32.72 -5.10
N VAL E 170 -43.25 33.23 -6.33
CA VAL E 170 -42.67 34.55 -6.72
C VAL E 170 -43.85 35.52 -6.92
N TYR E 171 -43.63 36.81 -6.69
CA TYR E 171 -44.69 37.85 -6.75
C TYR E 171 -44.35 38.86 -7.83
N LEU E 172 -45.34 39.23 -8.65
CA LEU E 172 -45.24 40.35 -9.63
C LEU E 172 -45.60 41.64 -8.91
N PRO E 173 -45.24 42.82 -9.46
CA PRO E 173 -45.55 44.11 -8.84
C PRO E 173 -47.00 44.29 -8.35
N ASP E 174 -47.97 43.70 -9.06
CA ASP E 174 -49.42 43.83 -8.74
C ASP E 174 -49.85 42.78 -7.71
N GLY E 175 -48.92 42.02 -7.14
CA GLY E 175 -49.17 41.08 -6.03
C GLY E 175 -49.66 39.72 -6.50
N SER E 176 -49.77 39.51 -7.82
CA SER E 176 -50.10 38.19 -8.42
C SER E 176 -48.97 37.21 -8.11
N GLU E 177 -49.30 35.94 -7.84
CA GLU E 177 -48.37 34.87 -7.40
C GLU E 177 -48.22 33.83 -8.51
N LYS E 178 -46.98 33.44 -8.83
CA LYS E 178 -46.67 32.25 -9.66
C LYS E 178 -46.12 31.16 -8.75
N PRO E 179 -46.39 29.87 -9.03
CA PRO E 179 -45.75 28.79 -8.29
C PRO E 179 -44.22 28.89 -8.45
N PHE E 180 -43.48 28.48 -7.43
CA PHE E 180 -41.99 28.55 -7.38
C PHE E 180 -41.44 27.32 -6.65
N ILE E 181 -40.63 26.54 -7.37
CA ILE E 181 -39.76 25.46 -6.83
C ILE E 181 -38.35 25.75 -7.36
N SER E 182 -37.42 26.09 -6.48
CA SER E 182 -36.12 26.71 -6.84
C SER E 182 -35.13 25.63 -7.33
N GLY E 183 -35.18 24.43 -6.77
CA GLY E 183 -34.19 23.37 -7.06
C GLY E 183 -32.78 23.81 -6.68
N TYR E 184 -31.77 23.17 -7.26
CA TYR E 184 -30.33 23.37 -6.92
C TYR E 184 -29.50 23.40 -8.19
N SER E 185 -28.39 24.13 -8.17
CA SER E 185 -27.44 24.30 -9.30
C SER E 185 -26.38 23.19 -9.33
N ASN E 186 -26.18 22.46 -8.23
CA ASN E 186 -25.07 21.47 -8.08
C ASN E 186 -25.62 20.03 -8.13
N GLN E 187 -24.93 19.14 -8.81
CA GLN E 187 -25.21 17.67 -8.84
C GLN E 187 -24.47 17.02 -7.66
N PHE E 188 -23.51 17.73 -7.06
CA PHE E 188 -22.60 17.21 -6.01
C PHE E 188 -22.60 18.14 -4.80
N LEU E 189 -22.58 17.55 -3.60
CA LEU E 189 -22.41 18.25 -2.30
C LEU E 189 -20.96 18.12 -1.86
N PRO E 190 -20.49 19.02 -0.97
CA PRO E 190 -19.18 18.87 -0.34
C PRO E 190 -19.18 17.78 0.73
N ASN E 191 -18.13 16.95 0.77
CA ASN E 191 -17.93 15.96 1.86
C ASN E 191 -17.32 16.71 3.04
N ILE E 192 -18.15 17.02 4.04
CA ILE E 192 -17.73 17.78 5.26
C ILE E 192 -17.46 16.80 6.39
N TRP E 193 -17.38 15.49 6.11
CA TRP E 193 -17.42 14.45 7.17
C TRP E 193 -16.07 13.71 7.33
N ASP E 194 -15.07 14.06 6.53
CA ASP E 194 -13.72 13.43 6.53
C ASP E 194 -12.82 14.16 7.54
N GLN E 195 -13.00 13.82 8.83
CA GLN E 195 -12.39 14.50 10.00
C GLN E 195 -10.89 14.20 10.08
N SER E 196 -10.45 13.07 9.52
CA SER E 196 -9.02 12.63 9.54
C SER E 196 -8.15 13.58 8.68
N LYS E 197 -8.72 14.16 7.62
CA LYS E 197 -8.09 15.23 6.80
C LYS E 197 -7.60 16.37 7.70
N GLU E 198 -8.32 16.61 8.81
CA GLU E 198 -7.99 17.61 9.85
C GLU E 198 -7.34 16.88 11.02
N LEU F 6 15.21 18.02 -13.36
CA LEU F 6 16.09 18.47 -14.48
C LEU F 6 17.44 17.76 -14.39
N ARG F 7 17.87 17.10 -15.45
CA ARG F 7 19.17 16.38 -15.53
C ARG F 7 20.26 17.39 -15.92
N LEU F 8 20.56 18.34 -15.03
CA LEU F 8 21.55 19.42 -15.23
C LEU F 8 22.96 18.82 -15.32
N ASP F 9 23.14 17.61 -14.79
CA ASP F 9 24.40 16.84 -14.83
C ASP F 9 24.87 16.66 -16.27
N ARG F 10 23.93 16.60 -17.22
CA ARG F 10 24.22 16.42 -18.67
C ARG F 10 24.98 17.64 -19.17
N LEU F 11 24.50 18.85 -18.83
CA LEU F 11 25.13 20.13 -19.24
C LEU F 11 26.46 20.30 -18.52
N ARG F 12 26.50 19.96 -17.23
CA ARG F 12 27.75 20.00 -16.41
C ARG F 12 28.82 19.11 -17.09
N ASP F 13 28.45 17.90 -17.51
CA ASP F 13 29.38 16.91 -18.10
C ASP F 13 29.82 17.38 -19.50
N PHE F 14 28.92 17.97 -20.26
CA PHE F 14 29.23 18.57 -21.59
C PHE F 14 30.31 19.63 -21.41
N VAL F 15 30.11 20.54 -20.45
CA VAL F 15 31.01 21.70 -20.20
C VAL F 15 32.40 21.19 -19.77
N SER F 16 32.45 20.22 -18.86
CA SER F 16 33.71 19.58 -18.38
C SER F 16 34.48 18.99 -19.57
N ALA F 17 33.82 18.16 -20.37
CA ALA F 17 34.40 17.42 -21.52
C ALA F 17 34.94 18.41 -22.55
N LEU F 18 34.17 19.48 -22.84
CA LEU F 18 34.55 20.53 -23.81
C LEU F 18 35.79 21.28 -23.28
N GLY F 19 35.88 21.48 -21.95
CA GLY F 19 37.06 22.08 -21.31
C GLY F 19 38.28 21.20 -21.48
N GLU F 20 38.16 19.92 -21.11
CA GLU F 20 39.22 18.89 -21.25
C GLU F 20 39.72 18.86 -22.70
N LEU F 21 38.79 18.90 -23.66
CA LEU F 21 39.08 18.82 -25.12
C LEU F 21 39.98 19.98 -25.54
N LEU F 22 39.65 21.22 -25.14
CA LEU F 22 40.39 22.44 -25.55
C LEU F 22 41.70 22.56 -24.74
N ASP F 23 41.84 21.82 -23.64
CA ASP F 23 43.11 21.72 -22.85
C ASP F 23 44.19 21.04 -23.70
N ARG F 24 43.81 20.14 -24.62
CA ARG F 24 44.72 19.44 -25.54
C ARG F 24 45.14 20.34 -26.71
N HIS F 25 44.66 21.60 -26.74
CA HIS F 25 44.91 22.60 -27.82
C HIS F 25 44.85 21.94 -29.20
N PRO F 26 43.74 21.23 -29.53
CA PRO F 26 43.65 20.52 -30.81
C PRO F 26 43.29 21.51 -31.92
N ASP F 27 43.38 21.06 -33.18
CA ASP F 27 43.09 21.90 -34.38
C ASP F 27 41.56 21.99 -34.54
N GLU F 28 41.08 22.95 -35.34
CA GLU F 28 39.63 23.23 -35.53
C GLU F 28 38.90 21.95 -35.94
N GLU F 29 39.49 21.16 -36.86
CA GLU F 29 38.89 19.91 -37.39
C GLU F 29 38.63 18.92 -36.24
N SER F 30 39.58 18.80 -35.31
CA SER F 30 39.49 17.88 -34.13
C SER F 30 38.45 18.42 -33.14
N VAL F 31 38.40 19.74 -32.95
CA VAL F 31 37.43 20.41 -32.04
C VAL F 31 36.01 20.13 -32.55
N LEU F 32 35.78 20.37 -33.85
CA LEU F 32 34.45 20.19 -34.49
C LEU F 32 34.04 18.72 -34.47
N ARG F 33 34.98 17.79 -34.70
CA ARG F 33 34.71 16.33 -34.76
C ARG F 33 34.33 15.81 -33.38
N GLU F 34 35.15 16.07 -32.36
CA GLU F 34 34.91 15.59 -30.97
C GLU F 34 33.77 16.41 -30.35
N GLY F 35 33.71 17.70 -30.67
CA GLY F 35 32.69 18.64 -30.15
C GLY F 35 31.29 18.23 -30.55
N ARG F 36 31.08 17.96 -31.84
CA ARG F 36 29.74 17.62 -32.39
C ARG F 36 29.26 16.30 -31.80
N SER F 37 30.19 15.38 -31.51
CA SER F 37 29.91 14.11 -30.81
C SER F 37 29.40 14.41 -29.38
N LEU F 38 30.11 15.26 -28.63
CA LEU F 38 29.74 15.63 -27.24
C LEU F 38 28.41 16.38 -27.23
N LEU F 39 28.20 17.30 -28.18
CA LEU F 39 26.95 18.11 -28.27
C LEU F 39 25.78 17.21 -28.67
N GLY F 40 25.99 16.33 -29.65
CA GLY F 40 25.03 15.29 -30.06
C GLY F 40 24.49 14.52 -28.87
N GLU F 41 25.38 14.15 -27.94
CA GLU F 41 25.02 13.39 -26.72
C GLU F 41 24.14 14.24 -25.81
N LEU F 42 24.41 15.55 -25.71
CA LEU F 42 23.62 16.48 -24.88
C LEU F 42 22.22 16.67 -25.48
N VAL F 43 22.13 17.04 -26.76
CA VAL F 43 20.84 17.51 -27.38
C VAL F 43 19.97 16.31 -27.79
N ARG F 44 20.48 15.08 -27.69
CA ARG F 44 19.67 13.84 -27.87
C ARG F 44 18.66 13.71 -26.73
N HIS F 45 18.92 14.32 -25.57
CA HIS F 45 18.04 14.31 -24.36
C HIS F 45 17.44 15.70 -24.17
N ASP F 46 16.14 15.78 -23.93
CA ASP F 46 15.40 17.04 -23.69
C ASP F 46 14.84 17.00 -22.26
N ASP F 47 15.69 16.72 -21.28
CA ASP F 47 15.32 16.54 -19.84
C ASP F 47 16.20 17.40 -18.94
N TRP F 48 16.92 18.40 -19.47
CA TRP F 48 17.98 19.12 -18.72
C TRP F 48 17.85 20.66 -18.81
N LEU F 49 17.27 21.22 -19.87
CA LEU F 49 17.22 22.70 -20.06
C LEU F 49 16.24 23.33 -19.09
N PRO F 50 16.65 24.26 -18.21
CA PRO F 50 15.70 25.01 -17.38
C PRO F 50 14.74 25.85 -18.25
N GLU F 51 13.50 25.95 -17.79
CA GLU F 51 12.36 26.56 -18.55
C GLU F 51 12.64 28.04 -18.83
N GLU F 52 13.36 28.72 -17.94
CA GLU F 52 13.70 30.17 -18.04
C GLU F 52 14.53 30.46 -19.29
N PHE F 53 15.29 29.48 -19.79
CA PHE F 53 16.18 29.61 -20.97
C PHE F 53 15.59 28.82 -22.16
N ALA F 54 14.28 28.57 -22.13
CA ALA F 54 13.51 27.93 -23.21
C ALA F 54 12.37 28.84 -23.68
N GLN F 55 12.33 30.08 -23.19
CA GLN F 55 11.15 30.98 -23.33
C GLN F 55 11.29 31.84 -24.58
N PRO F 56 10.30 31.79 -25.50
CA PRO F 56 10.28 32.70 -26.64
C PRO F 56 9.89 34.13 -26.22
N ASP F 57 10.27 35.10 -27.05
CA ASP F 57 9.93 36.53 -26.92
C ASP F 57 9.09 36.91 -28.13
N PRO F 58 8.05 37.77 -27.99
CA PRO F 58 7.21 38.15 -29.11
C PRO F 58 7.87 39.01 -30.18
N GLU F 59 8.98 39.70 -29.88
CA GLU F 59 9.55 40.76 -30.76
C GLU F 59 10.84 40.26 -31.45
N ARG F 60 11.67 39.44 -30.80
CA ARG F 60 12.96 38.97 -31.40
C ARG F 60 13.36 37.62 -30.78
N TYR F 61 14.12 36.82 -31.53
CA TYR F 61 14.65 35.51 -31.08
C TYR F 61 15.52 35.78 -29.85
N GLN F 62 15.56 34.83 -28.91
CA GLN F 62 16.25 34.99 -27.60
C GLN F 62 17.56 34.22 -27.63
N GLN F 63 18.58 34.78 -26.97
CA GLN F 63 19.98 34.30 -26.93
C GLN F 63 20.36 34.18 -25.45
N TYR F 64 20.12 33.01 -24.84
CA TYR F 64 20.40 32.77 -23.41
C TYR F 64 21.77 32.11 -23.27
N LEU F 65 22.77 32.85 -22.78
CA LEU F 65 24.06 32.26 -22.33
C LEU F 65 23.76 31.26 -21.20
N LEU F 66 24.28 30.02 -21.35
CA LEU F 66 24.17 28.95 -20.33
C LEU F 66 25.48 28.83 -19.57
N HIS F 67 26.61 29.01 -20.25
CA HIS F 67 27.97 28.87 -19.68
C HIS F 67 28.99 29.61 -20.54
N ALA F 68 29.86 30.39 -19.90
CA ALA F 68 31.07 30.97 -20.52
C ALA F 68 32.28 30.45 -19.75
N ASP F 69 33.30 30.00 -20.49
CA ASP F 69 34.61 29.58 -19.93
C ASP F 69 35.28 30.79 -19.26
N SER F 70 36.01 30.54 -18.17
CA SER F 70 36.77 31.55 -17.37
C SER F 70 37.64 32.44 -18.27
N ARG F 71 38.26 31.84 -19.30
CA ARG F 71 39.20 32.51 -20.24
C ARG F 71 38.51 32.85 -21.57
N GLN F 72 37.17 32.69 -21.64
CA GLN F 72 36.35 32.99 -22.83
C GLN F 72 36.83 32.18 -24.04
N ARG F 73 37.28 30.93 -23.81
CA ARG F 73 37.75 29.99 -24.86
C ARG F 73 36.53 29.38 -25.58
N PHE F 74 35.41 29.21 -24.87
CA PHE F 74 34.12 28.80 -25.46
C PHE F 74 32.96 29.39 -24.65
N SER F 75 31.75 29.25 -25.21
CA SER F 75 30.45 29.63 -24.61
C SER F 75 29.38 28.66 -25.12
N VAL F 76 28.33 28.43 -24.31
CA VAL F 76 27.17 27.56 -24.65
C VAL F 76 25.92 28.43 -24.52
N VAL F 77 25.10 28.47 -25.58
CA VAL F 77 23.94 29.40 -25.72
C VAL F 77 22.69 28.58 -26.09
N SER F 78 21.58 28.85 -25.41
CA SER F 78 20.23 28.37 -25.81
C SER F 78 19.61 29.45 -26.70
N PHE F 79 19.43 29.16 -28.00
CA PHE F 79 18.73 30.07 -28.94
C PHE F 79 17.28 29.62 -29.04
N VAL F 80 16.34 30.55 -28.89
CA VAL F 80 14.88 30.27 -28.90
C VAL F 80 14.22 31.17 -29.93
N TRP F 81 13.73 30.57 -31.02
CA TRP F 81 12.90 31.25 -32.04
C TRP F 81 11.43 30.97 -31.74
N GLY F 82 10.59 32.00 -31.72
CA GLY F 82 9.12 31.87 -31.72
C GLY F 82 8.61 31.49 -33.10
N PRO F 83 7.32 31.14 -33.25
CA PRO F 83 6.76 30.89 -34.58
C PRO F 83 7.18 31.99 -35.58
N GLY F 84 7.80 31.62 -36.70
CA GLY F 84 8.15 32.53 -37.82
C GLY F 84 9.28 33.51 -37.54
N GLN F 85 10.13 33.28 -36.54
CA GLN F 85 11.28 34.19 -36.24
C GLN F 85 12.52 33.70 -36.99
N THR F 86 13.41 34.62 -37.36
CA THR F 86 14.69 34.32 -38.05
C THR F 86 15.81 35.17 -37.43
N THR F 87 17.05 34.68 -37.53
CA THR F 87 18.28 35.49 -37.37
C THR F 87 18.42 36.37 -38.61
N PRO F 88 19.23 37.44 -38.58
CA PRO F 88 19.74 38.03 -39.81
C PRO F 88 20.73 37.06 -40.46
N VAL F 89 21.12 37.34 -41.70
CA VAL F 89 22.28 36.65 -42.35
C VAL F 89 23.53 37.18 -41.65
N HIS F 90 24.31 36.30 -41.05
CA HIS F 90 25.43 36.66 -40.14
C HIS F 90 26.58 35.66 -40.32
N ASP F 91 27.78 36.06 -39.90
CA ASP F 91 28.97 35.19 -39.77
C ASP F 91 29.26 35.03 -38.27
N HIS F 92 30.39 34.42 -37.90
CA HIS F 92 30.74 34.02 -36.51
C HIS F 92 32.17 34.45 -36.18
N ARG F 93 33.11 34.24 -37.11
CA ARG F 93 34.54 34.62 -36.99
C ARG F 93 35.25 33.63 -36.05
N VAL F 94 34.54 32.60 -35.59
CA VAL F 94 35.09 31.51 -34.74
C VAL F 94 34.37 30.23 -35.14
N TRP F 95 34.87 29.07 -34.71
CA TRP F 95 34.17 27.79 -34.92
C TRP F 95 32.89 27.80 -34.09
N GLY F 96 31.86 27.09 -34.58
CA GLY F 96 30.53 27.03 -33.96
C GLY F 96 29.90 25.68 -34.23
N LEU F 97 29.21 25.13 -33.23
CA LEU F 97 28.39 23.90 -33.38
C LEU F 97 26.94 24.26 -33.04
N ILE F 98 25.99 23.73 -33.82
CA ILE F 98 24.52 23.95 -33.64
C ILE F 98 23.88 22.60 -33.34
N GLY F 99 23.41 22.38 -32.12
CA GLY F 99 22.72 21.14 -31.73
C GLY F 99 21.23 21.38 -31.61
N MET F 100 20.41 20.69 -32.42
CA MET F 100 18.93 20.85 -32.40
C MET F 100 18.37 20.13 -31.17
N LEU F 101 17.51 20.79 -30.41
CA LEU F 101 16.95 20.25 -29.14
C LEU F 101 15.44 20.07 -29.24
N ARG F 102 14.70 21.08 -29.71
CA ARG F 102 13.23 21.12 -29.59
C ARG F 102 12.63 21.84 -30.82
N GLY F 103 11.66 21.19 -31.47
CA GLY F 103 10.90 21.74 -32.60
C GLY F 103 11.64 21.55 -33.92
N ALA F 104 11.49 22.52 -34.82
CA ALA F 104 11.94 22.45 -36.23
C ALA F 104 12.55 23.78 -36.63
N GLU F 105 13.78 23.79 -37.10
CA GLU F 105 14.35 24.98 -37.78
C GLU F 105 15.16 24.55 -38.99
N ASP F 106 15.42 25.52 -39.87
CA ASP F 106 16.22 25.36 -41.10
C ASP F 106 17.39 26.33 -41.02
N ALA F 107 18.50 25.97 -41.65
CA ALA F 107 19.75 26.77 -41.72
C ALA F 107 20.16 26.88 -43.19
N GLN F 108 20.19 28.10 -43.74
CA GLN F 108 20.63 28.37 -45.13
C GLN F 108 22.06 28.91 -45.08
N SER F 109 23.00 28.21 -45.72
CA SER F 109 24.40 28.67 -45.91
C SER F 109 24.41 29.69 -47.06
N PHE F 110 25.31 30.67 -46.99
CA PHE F 110 25.52 31.72 -48.02
C PHE F 110 27.01 31.82 -48.33
N GLU F 111 27.31 32.34 -49.52
CA GLU F 111 28.69 32.63 -50.01
C GLU F 111 28.67 34.08 -50.53
N LEU F 112 29.81 34.77 -50.49
CA LEU F 112 29.97 36.13 -51.09
C LEU F 112 30.36 35.96 -52.56
N GLY F 113 29.48 36.36 -53.49
CA GLY F 113 29.69 36.27 -54.94
C GLY F 113 29.90 37.64 -55.58
N GLY F 116 26.88 39.63 -54.62
CA GLY F 116 26.69 39.69 -53.16
C GLY F 116 26.39 38.32 -52.58
N LEU F 117 25.33 38.18 -51.78
CA LEU F 117 24.94 36.91 -51.12
C LEU F 117 24.35 35.96 -52.16
N ARG F 118 24.87 34.73 -52.23
CA ARG F 118 24.26 33.60 -52.97
C ARG F 118 24.16 32.42 -52.02
N PRO F 119 22.98 31.77 -51.90
CA PRO F 119 22.83 30.59 -51.07
C PRO F 119 23.60 29.38 -51.61
N ILE F 120 24.27 28.64 -50.72
CA ILE F 120 24.94 27.35 -51.02
C ILE F 120 23.96 26.22 -50.64
N GLY F 121 23.61 25.38 -51.61
CA GLY F 121 22.71 24.22 -51.43
C GLY F 121 21.33 24.64 -50.97
N ASP F 122 20.53 23.66 -50.58
CA ASP F 122 19.16 23.84 -50.02
C ASP F 122 19.31 24.18 -48.54
N PRO F 123 18.26 24.71 -47.88
CA PRO F 123 18.25 24.82 -46.42
C PRO F 123 18.46 23.45 -45.78
N VAL F 124 19.35 23.37 -44.80
CA VAL F 124 19.53 22.15 -43.96
C VAL F 124 18.40 22.14 -42.95
N ARG F 125 17.63 21.06 -42.93
CA ARG F 125 16.39 20.90 -42.12
C ARG F 125 16.73 20.11 -40.86
N LEU F 126 16.80 20.78 -39.70
CA LEU F 126 17.26 20.19 -38.43
C LEU F 126 16.05 19.66 -37.66
N SER F 127 16.24 18.53 -36.98
CA SER F 127 15.26 17.94 -36.04
C SER F 127 16.03 17.49 -34.81
N PRO F 128 15.38 17.33 -33.63
CA PRO F 128 16.08 17.07 -32.38
C PRO F 128 17.18 16.01 -32.54
N GLY F 129 18.38 16.31 -32.06
CA GLY F 129 19.55 15.39 -32.07
C GLY F 129 20.59 15.79 -33.11
N GLN F 130 20.21 16.53 -34.14
CA GLN F 130 21.11 16.84 -35.29
C GLN F 130 22.09 17.95 -34.88
N VAL F 131 23.34 17.86 -35.34
CA VAL F 131 24.43 18.84 -35.03
C VAL F 131 25.06 19.30 -36.35
N GLU F 132 25.22 20.62 -36.52
CA GLU F 132 25.89 21.23 -37.71
C GLU F 132 27.04 22.10 -37.22
N ALA F 133 27.99 22.41 -38.11
CA ALA F 133 29.23 23.17 -37.80
C ALA F 133 29.28 24.43 -38.67
N VAL F 134 29.84 25.51 -38.14
CA VAL F 134 30.24 26.71 -38.93
C VAL F 134 31.65 27.10 -38.50
N SER F 135 32.36 27.79 -39.36
CA SER F 135 33.74 28.30 -39.13
C SER F 135 34.17 29.07 -40.37
N PRO F 136 35.04 30.10 -40.25
CA PRO F 136 35.60 30.77 -41.42
C PRO F 136 36.18 29.80 -42.46
N ARG F 137 36.75 28.68 -41.99
CA ARG F 137 37.45 27.66 -42.82
C ARG F 137 36.44 26.85 -43.65
N ILE F 138 35.34 26.40 -43.02
CA ILE F 138 34.40 25.41 -43.62
C ILE F 138 33.12 26.09 -44.13
N GLY F 139 32.90 27.38 -43.82
CA GLY F 139 31.68 28.11 -44.18
C GLY F 139 31.05 28.77 -42.97
N ASP F 140 31.03 30.10 -42.95
CA ASP F 140 30.76 30.91 -41.73
C ASP F 140 29.42 31.65 -41.83
N ILE F 141 28.90 31.88 -43.04
CA ILE F 141 27.73 32.76 -43.28
C ILE F 141 26.47 31.89 -43.39
N HIS F 142 25.47 32.17 -42.56
CA HIS F 142 24.18 31.44 -42.59
C HIS F 142 23.06 32.31 -42.00
N ARG F 143 21.83 31.82 -42.14
CA ARG F 143 20.59 32.36 -41.51
C ARG F 143 19.83 31.16 -40.95
N VAL F 144 19.49 31.19 -39.67
CA VAL F 144 18.75 30.10 -38.96
C VAL F 144 17.36 30.62 -38.63
N PHE F 145 16.30 29.84 -38.89
CA PHE F 145 14.91 30.30 -38.71
C PHE F 145 14.01 29.13 -38.29
N ASN F 146 12.99 29.44 -37.49
CA ASN F 146 11.94 28.49 -37.08
C ASN F 146 11.20 28.04 -38.33
N ALA F 147 11.02 26.73 -38.50
CA ALA F 147 10.36 26.10 -39.66
C ALA F 147 8.91 25.77 -39.30
N SER F 148 8.49 26.06 -38.06
CA SER F 148 7.12 25.82 -37.54
C SER F 148 6.38 27.15 -37.44
N PRO F 149 5.09 27.19 -37.83
CA PRO F 149 4.27 28.39 -37.69
C PRO F 149 3.45 28.48 -36.40
N ASP F 150 3.54 27.47 -35.52
CA ASP F 150 2.74 27.42 -34.26
C ASP F 150 3.58 26.94 -33.06
N GLN F 151 4.85 26.57 -33.23
CA GLN F 151 5.70 26.01 -32.14
C GLN F 151 7.03 26.75 -32.09
N PRO F 152 7.59 26.97 -30.88
CA PRO F 152 8.91 27.59 -30.74
C PRO F 152 9.95 26.52 -31.09
N SER F 153 11.15 26.94 -31.52
CA SER F 153 12.27 26.00 -31.79
C SER F 153 13.45 26.41 -30.90
N ILE F 154 14.20 25.41 -30.43
CA ILE F 154 15.39 25.62 -29.56
C ILE F 154 16.54 24.79 -30.12
N SER F 155 17.70 25.43 -30.30
CA SER F 155 18.98 24.74 -30.57
C SER F 155 20.02 25.24 -29.56
N ILE F 156 20.94 24.35 -29.17
CA ILE F 156 22.06 24.66 -28.24
C ILE F 156 23.30 24.87 -29.11
N HIS F 157 23.89 26.07 -29.06
CA HIS F 157 25.05 26.46 -29.90
C HIS F 157 26.29 26.56 -29.00
N VAL F 158 27.43 26.14 -29.53
CA VAL F 158 28.76 26.20 -28.84
C VAL F 158 29.74 26.89 -29.78
N TYR F 159 30.47 27.88 -29.28
CA TYR F 159 31.38 28.72 -30.09
C TYR F 159 32.76 28.74 -29.44
N GLY F 160 33.78 29.06 -30.25
CA GLY F 160 35.19 29.09 -29.80
C GLY F 160 35.55 30.41 -29.16
N ALA F 161 34.58 31.07 -28.53
CA ALA F 161 34.71 32.38 -27.85
C ALA F 161 33.46 32.62 -26.98
N ASN F 162 33.44 33.78 -26.31
CA ASN F 162 32.23 34.42 -25.73
C ASN F 162 31.52 35.14 -26.88
N ILE F 163 30.59 34.46 -27.56
CA ILE F 163 29.99 34.84 -28.88
C ILE F 163 29.23 36.16 -28.76
N GLY F 164 28.59 36.40 -27.61
CA GLY F 164 27.83 37.64 -27.34
C GLY F 164 28.71 38.88 -27.41
N ALA F 165 30.03 38.73 -27.27
CA ALA F 165 31.02 39.83 -27.27
C ALA F 165 31.92 39.80 -28.51
N VAL F 166 31.72 38.87 -29.44
CA VAL F 166 32.53 38.82 -30.70
C VAL F 166 32.03 39.92 -31.65
N ARG F 167 32.95 40.75 -32.14
CA ARG F 167 32.70 41.71 -33.25
C ARG F 167 32.66 40.95 -34.57
N ARG F 168 31.47 40.80 -35.15
CA ARG F 168 31.23 40.07 -36.43
C ARG F 168 30.30 40.91 -37.31
N ALA F 169 29.63 40.32 -38.30
CA ALA F 169 28.85 41.09 -39.31
C ALA F 169 27.51 40.41 -39.62
N VAL F 170 26.50 41.23 -39.96
CA VAL F 170 25.28 40.81 -40.69
C VAL F 170 25.43 41.28 -42.15
N TYR F 171 24.82 40.58 -43.10
CA TYR F 171 24.99 40.84 -44.55
C TYR F 171 23.62 41.19 -45.16
N LEU F 172 23.57 42.23 -45.99
CA LEU F 172 22.38 42.57 -46.82
C LEU F 172 22.42 41.75 -48.12
N GLU F 177 28.18 44.78 -45.51
CA GLU F 177 28.33 44.28 -44.12
C GLU F 177 27.99 45.41 -43.14
N LYS F 178 27.21 45.10 -42.09
CA LYS F 178 27.07 45.97 -40.90
C LYS F 178 27.81 45.30 -39.75
N PRO F 179 28.45 46.07 -38.83
CA PRO F 179 29.01 45.47 -37.62
C PRO F 179 27.90 44.78 -36.83
N PHE F 180 28.25 43.69 -36.12
CA PHE F 180 27.31 42.86 -35.34
C PHE F 180 27.98 42.39 -34.05
N ILE F 181 27.41 42.79 -32.92
CA ILE F 181 27.70 42.23 -31.56
C ILE F 181 26.35 41.83 -30.98
N SER F 182 26.12 40.54 -30.79
CA SER F 182 24.79 39.94 -30.52
C SER F 182 24.38 40.15 -29.06
N GLY F 183 25.33 40.11 -28.12
CA GLY F 183 25.03 40.18 -26.68
C GLY F 183 24.18 39.01 -26.25
N TYR F 184 23.47 39.14 -25.12
CA TYR F 184 22.66 38.06 -24.49
C TYR F 184 21.34 38.64 -23.99
N SER F 185 20.30 37.81 -23.94
CA SER F 185 18.93 38.17 -23.51
C SER F 185 18.78 38.02 -21.99
N ASN F 186 19.66 37.28 -21.32
CA ASN F 186 19.50 36.91 -19.89
C ASN F 186 20.51 37.69 -19.04
N GLN F 187 20.05 38.22 -17.89
CA GLN F 187 20.93 38.86 -16.87
C GLN F 187 21.48 37.77 -15.93
N PHE F 188 20.87 36.58 -15.96
CA PHE F 188 21.17 35.45 -15.07
C PHE F 188 21.45 34.19 -15.87
N LEU F 189 22.44 33.41 -15.42
CA LEU F 189 22.77 32.06 -15.96
C LEU F 189 22.18 31.02 -15.01
N PRO F 190 21.99 29.77 -15.48
CA PRO F 190 21.60 28.67 -14.61
C PRO F 190 22.75 28.19 -13.72
N ASN F 191 22.47 27.90 -12.46
CA ASN F 191 23.41 27.20 -11.57
C ASN F 191 23.38 25.71 -11.89
N ILE F 192 24.35 25.23 -12.64
CA ILE F 192 24.47 23.81 -13.08
C ILE F 192 25.44 23.08 -12.15
N TRP F 193 25.85 23.69 -11.03
CA TRP F 193 27.01 23.23 -10.23
C TRP F 193 26.58 22.67 -8.86
N ASP F 194 25.29 22.70 -8.52
CA ASP F 194 24.73 22.20 -7.24
C ASP F 194 24.38 20.71 -7.40
N GLN F 195 25.41 19.85 -7.31
CA GLN F 195 25.35 18.40 -7.61
C GLN F 195 24.55 17.65 -6.53
N SER F 196 24.50 18.19 -5.31
CA SER F 196 23.79 17.60 -4.14
C SER F 196 22.27 17.60 -4.37
N LYS F 197 21.75 18.60 -5.10
CA LYS F 197 20.33 18.65 -5.58
C LYS F 197 19.97 17.36 -6.32
N GLU F 198 20.95 16.74 -6.99
CA GLU F 198 20.84 15.42 -7.67
C GLU F 198 21.42 14.34 -6.75
N PRO G 5 25.90 8.29 15.60
CA PRO G 5 25.48 7.70 14.30
C PRO G 5 26.66 7.16 13.46
N LEU G 6 26.76 5.84 13.32
CA LEU G 6 27.86 5.14 12.60
C LEU G 6 28.07 5.78 11.23
N ARG G 7 29.30 6.18 10.92
CA ARG G 7 29.69 6.79 9.61
C ARG G 7 29.96 5.66 8.60
N LEU G 8 28.91 4.92 8.22
CA LEU G 8 28.99 3.78 7.27
C LEU G 8 29.36 4.27 5.87
N ASP G 9 29.12 5.56 5.60
CA ASP G 9 29.46 6.23 4.32
C ASP G 9 30.97 6.12 4.07
N ARG G 10 31.79 6.04 5.12
CA ARG G 10 33.27 5.91 5.02
C ARG G 10 33.61 4.56 4.38
N LEU G 11 32.97 3.48 4.84
CA LEU G 11 33.17 2.12 4.29
C LEU G 11 32.63 2.04 2.87
N ARG G 12 31.45 2.63 2.63
CA ARG G 12 30.83 2.71 1.29
C ARG G 12 31.81 3.37 0.32
N ASP G 13 32.42 4.50 0.73
CA ASP G 13 33.32 5.31 -0.13
C ASP G 13 34.63 4.55 -0.36
N PHE G 14 35.14 3.86 0.66
CA PHE G 14 36.35 3.01 0.53
C PHE G 14 36.10 1.95 -0.55
N VAL G 15 34.97 1.26 -0.46
CA VAL G 15 34.59 0.15 -1.39
C VAL G 15 34.46 0.67 -2.82
N SER G 16 33.79 1.81 -3.01
CA SER G 16 33.62 2.48 -4.33
C SER G 16 34.99 2.79 -4.94
N ALA G 17 35.85 3.47 -4.18
CA ALA G 17 37.19 3.93 -4.60
C ALA G 17 38.06 2.73 -4.99
N LEU G 18 38.02 1.67 -4.19
CA LEU G 18 38.77 0.41 -4.42
C LEU G 18 38.26 -0.27 -5.71
N GLY G 19 36.96 -0.17 -5.98
CA GLY G 19 36.35 -0.68 -7.22
C GLY G 19 36.86 0.09 -8.42
N GLU G 20 36.76 1.43 -8.37
CA GLU G 20 37.25 2.37 -9.41
C GLU G 20 38.72 2.07 -9.71
N LEU G 21 39.52 1.85 -8.66
CA LEU G 21 40.99 1.62 -8.74
C LEU G 21 41.26 0.37 -9.58
N LEU G 22 40.58 -0.74 -9.29
CA LEU G 22 40.81 -2.05 -9.97
C LEU G 22 40.17 -2.05 -11.37
N ASP G 23 39.27 -1.10 -11.65
CA ASP G 23 38.70 -0.88 -13.02
C ASP G 23 39.80 -0.43 -13.98
N ARG G 24 40.82 0.27 -13.49
CA ARG G 24 42.00 0.75 -14.28
C ARG G 24 43.00 -0.40 -14.53
N HIS G 25 42.70 -1.62 -14.04
CA HIS G 25 43.56 -2.83 -14.14
C HIS G 25 45.02 -2.46 -13.91
N PRO G 26 45.36 -1.79 -12.78
CA PRO G 26 46.73 -1.36 -12.52
C PRO G 26 47.58 -2.53 -12.01
N ASP G 27 48.90 -2.36 -11.96
CA ASP G 27 49.85 -3.40 -11.50
C ASP G 27 49.80 -3.47 -9.97
N GLU G 28 50.31 -4.56 -9.38
CA GLU G 28 50.24 -4.83 -7.91
C GLU G 28 50.82 -3.63 -7.15
N GLU G 29 51.95 -3.08 -7.62
CA GLU G 29 52.67 -1.95 -6.97
C GLU G 29 51.73 -0.73 -6.88
N SER G 30 50.97 -0.44 -7.93
CA SER G 30 50.02 0.70 -8.00
C SER G 30 48.80 0.41 -7.10
N VAL G 31 48.34 -0.83 -7.05
CA VAL G 31 47.19 -1.26 -6.21
C VAL G 31 47.57 -1.04 -4.74
N LEU G 32 48.74 -1.53 -4.34
CA LEU G 32 49.25 -1.45 -2.94
C LEU G 32 49.48 0.02 -2.55
N ARG G 33 50.01 0.83 -3.47
CA ARG G 33 50.35 2.26 -3.21
C ARG G 33 49.06 3.07 -3.01
N GLU G 34 48.11 2.99 -3.95
CA GLU G 34 46.84 3.75 -3.91
C GLU G 34 45.93 3.12 -2.84
N GLY G 35 45.96 1.80 -2.73
CA GLY G 35 45.14 1.03 -1.77
C GLY G 35 45.44 1.40 -0.34
N ARG G 36 46.72 1.41 0.03
CA ARG G 36 47.16 1.67 1.43
C ARG G 36 46.80 3.12 1.80
N SER G 37 46.82 4.02 0.84
CA SER G 37 46.39 5.44 1.01
C SER G 37 44.89 5.47 1.33
N LEU G 38 44.05 4.76 0.55
CA LEU G 38 42.59 4.71 0.74
C LEU G 38 42.26 4.03 2.09
N LEU G 39 42.95 2.94 2.42
CA LEU G 39 42.71 2.19 3.68
C LEU G 39 43.16 3.03 4.89
N GLY G 40 44.33 3.67 4.79
CA GLY G 40 44.83 4.65 5.78
C GLY G 40 43.78 5.67 6.15
N GLU G 41 43.07 6.18 5.14
CA GLU G 41 42.00 7.21 5.32
C GLU G 41 40.82 6.60 6.09
N LEU G 42 40.49 5.33 5.84
CA LEU G 42 39.38 4.62 6.52
C LEU G 42 39.74 4.36 7.98
N VAL G 43 40.90 3.75 8.26
CA VAL G 43 41.25 3.24 9.62
C VAL G 43 41.78 4.37 10.51
N ARG G 44 41.99 5.57 9.98
CA ARG G 44 42.30 6.79 10.76
C ARG G 44 41.07 7.21 11.59
N HIS G 45 39.88 6.81 11.19
CA HIS G 45 38.59 7.11 11.88
C HIS G 45 38.04 5.83 12.50
N ASP G 46 37.62 5.89 13.76
CA ASP G 46 37.04 4.73 14.49
C ASP G 46 35.57 5.06 14.84
N ASP G 47 34.78 5.52 13.85
CA ASP G 47 33.38 5.98 14.03
C ASP G 47 32.44 5.29 13.04
N TRP G 48 32.84 4.17 12.42
CA TRP G 48 32.11 3.58 11.27
C TRP G 48 31.84 2.07 11.42
N LEU G 49 32.68 1.33 12.15
CA LEU G 49 32.57 -0.15 12.26
C LEU G 49 31.37 -0.49 13.16
N PRO G 50 30.37 -1.25 12.66
CA PRO G 50 29.31 -1.77 13.52
C PRO G 50 29.86 -2.70 14.61
N GLU G 51 29.25 -2.65 15.79
CA GLU G 51 29.69 -3.35 17.02
C GLU G 51 29.71 -4.87 16.79
N GLU G 52 28.79 -5.39 15.96
CA GLU G 52 28.64 -6.84 15.66
C GLU G 52 29.91 -7.40 15.03
N PHE G 53 30.69 -6.58 14.32
CA PHE G 53 31.93 -6.97 13.60
C PHE G 53 33.16 -6.43 14.33
N ALA G 54 33.02 -6.13 15.62
CA ALA G 54 34.11 -5.70 16.52
C ALA G 54 34.22 -6.64 17.72
N GLN G 55 33.48 -7.76 17.72
CA GLN G 55 33.29 -8.62 18.91
C GLN G 55 34.34 -9.72 18.96
N PRO G 56 35.12 -9.83 20.05
CA PRO G 56 36.03 -10.96 20.22
C PRO G 56 35.28 -12.25 20.58
N ASP G 57 35.94 -13.39 20.33
CA ASP G 57 35.47 -14.76 20.67
C ASP G 57 36.47 -15.34 21.66
N PRO G 58 36.02 -16.09 22.68
CA PRO G 58 36.94 -16.64 23.68
C PRO G 58 37.88 -17.76 23.18
N GLU G 59 37.56 -18.42 22.06
CA GLU G 59 38.30 -19.63 21.61
C GLU G 59 39.21 -19.34 20.41
N ARG G 60 38.83 -18.47 19.47
CA ARG G 60 39.65 -18.19 18.26
C ARG G 60 39.37 -16.78 17.75
N TYR G 61 40.35 -16.18 17.06
CA TYR G 61 40.26 -14.83 16.47
C TYR G 61 39.10 -14.87 15.45
N GLN G 62 38.40 -13.75 15.29
CA GLN G 62 37.18 -13.66 14.45
C GLN G 62 37.52 -12.95 13.13
N GLN G 63 36.88 -13.39 12.06
CA GLN G 63 37.10 -12.98 10.65
C GLN G 63 35.73 -12.56 10.09
N TYR G 64 35.38 -11.29 10.23
CA TYR G 64 34.08 -10.73 9.77
C TYR G 64 34.24 -10.11 8.38
N LEU G 65 33.73 -10.77 7.34
CA LEU G 65 33.59 -10.17 5.99
C LEU G 65 32.69 -8.94 6.10
N LEU G 66 33.15 -7.79 5.59
CA LEU G 66 32.39 -6.52 5.53
C LEU G 66 31.85 -6.30 4.12
N HIS G 67 32.61 -6.69 3.08
CA HIS G 67 32.22 -6.56 1.67
C HIS G 67 33.06 -7.48 0.78
N ALA G 68 32.39 -8.20 -0.14
CA ALA G 68 33.03 -8.94 -1.24
C ALA G 68 32.54 -8.35 -2.57
N ASP G 69 33.47 -8.11 -3.49
CA ASP G 69 33.19 -7.64 -4.87
C ASP G 69 32.38 -8.73 -5.60
N SER G 70 31.47 -8.30 -6.48
CA SER G 70 30.59 -9.15 -7.33
C SER G 70 31.40 -10.22 -8.06
N ARG G 71 32.60 -9.87 -8.54
CA ARG G 71 33.49 -10.75 -9.35
C ARG G 71 34.62 -11.31 -8.48
N GLN G 72 34.55 -11.12 -7.16
CA GLN G 72 35.54 -11.62 -6.17
C GLN G 72 36.94 -11.07 -6.50
N ARG G 73 37.02 -9.83 -6.99
CA ARG G 73 38.29 -9.13 -7.31
C ARG G 73 38.95 -8.62 -6.02
N PHE G 74 38.14 -8.27 -5.01
CA PHE G 74 38.63 -7.94 -3.64
C PHE G 74 37.57 -8.28 -2.59
N SER G 75 38.00 -8.21 -1.33
CA SER G 75 37.17 -8.39 -0.11
C SER G 75 37.73 -7.49 1.00
N VAL G 76 36.86 -7.05 1.92
CA VAL G 76 37.23 -6.23 3.11
C VAL G 76 36.77 -7.01 4.35
N VAL G 77 37.68 -7.23 5.31
CA VAL G 77 37.46 -8.10 6.50
C VAL G 77 37.85 -7.33 7.76
N SER G 78 37.00 -7.39 8.79
CA SER G 78 37.33 -6.97 10.18
C SER G 78 37.90 -8.19 10.90
N PHE G 79 39.18 -8.18 11.25
CA PHE G 79 39.82 -9.24 12.08
C PHE G 79 39.85 -8.75 13.53
N VAL G 80 39.38 -9.59 14.45
CA VAL G 80 39.28 -9.26 15.90
C VAL G 80 40.02 -10.34 16.68
N TRP G 81 41.15 -9.99 17.29
CA TRP G 81 41.89 -10.85 18.25
C TRP G 81 41.49 -10.45 19.66
N GLY G 82 41.16 -11.44 20.50
CA GLY G 82 40.99 -11.25 21.95
C GLY G 82 42.36 -11.20 22.61
N PRO G 83 42.42 -10.87 23.92
CA PRO G 83 43.69 -10.90 24.65
C PRO G 83 44.46 -12.20 24.35
N GLY G 84 45.71 -12.07 23.89
CA GLY G 84 46.68 -13.16 23.69
C GLY G 84 46.37 -14.08 22.52
N GLN G 85 45.53 -13.69 21.56
CA GLN G 85 45.18 -14.57 20.41
C GLN G 85 46.16 -14.32 19.25
N THR G 86 46.39 -15.34 18.42
CA THR G 86 47.26 -15.27 17.23
C THR G 86 46.60 -15.99 16.06
N THR G 87 46.96 -15.59 14.84
CA THR G 87 46.76 -16.39 13.60
C THR G 87 47.77 -17.52 13.62
N PRO G 88 47.58 -18.59 12.82
CA PRO G 88 48.70 -19.47 12.48
C PRO G 88 49.68 -18.72 11.57
N VAL G 89 50.86 -19.29 11.34
CA VAL G 89 51.78 -18.81 10.27
C VAL G 89 51.14 -19.23 8.95
N HIS G 90 50.85 -18.25 8.09
CA HIS G 90 50.03 -18.45 6.87
C HIS G 90 50.56 -17.55 5.74
N ASP G 91 50.22 -17.89 4.50
CA ASP G 91 50.42 -17.04 3.29
C ASP G 91 49.04 -16.56 2.82
N HIS G 92 48.96 -15.93 1.65
CA HIS G 92 47.74 -15.25 1.13
C HIS G 92 47.51 -15.64 -0.34
N ARG G 93 48.57 -15.67 -1.15
CA ARG G 93 48.54 -16.06 -2.59
C ARG G 93 47.95 -14.92 -3.41
N VAL G 94 47.64 -13.80 -2.77
CA VAL G 94 47.12 -12.56 -3.44
C VAL G 94 47.70 -11.38 -2.67
N TRP G 95 47.61 -10.18 -3.23
CA TRP G 95 47.99 -8.94 -2.52
C TRP G 95 47.04 -8.73 -1.34
N GLY G 96 47.53 -8.11 -0.28
CA GLY G 96 46.78 -7.85 0.96
C GLY G 96 47.25 -6.57 1.61
N LEU G 97 46.33 -5.79 2.17
CA LEU G 97 46.64 -4.60 2.99
C LEU G 97 46.05 -4.82 4.38
N ILE G 98 46.79 -4.43 5.42
CA ILE G 98 46.39 -4.55 6.86
C ILE G 98 46.33 -3.13 7.42
N GLY G 99 45.14 -2.64 7.75
CA GLY G 99 44.94 -1.31 8.36
C GLY G 99 44.62 -1.46 9.83
N MET G 100 45.44 -0.92 10.72
CA MET G 100 45.23 -1.02 12.18
C MET G 100 44.14 -0.02 12.58
N LEU G 101 43.16 -0.47 13.37
CA LEU G 101 41.98 0.35 13.75
C LEU G 101 41.95 0.58 15.26
N ARG G 102 42.11 -0.48 16.05
CA ARG G 102 41.82 -0.43 17.51
C ARG G 102 42.76 -1.37 18.26
N GLY G 103 43.43 -0.87 19.29
CA GLY G 103 44.33 -1.62 20.18
C GLY G 103 45.72 -1.76 19.59
N ALA G 104 46.38 -2.89 19.85
CA ALA G 104 47.80 -3.15 19.57
C ALA G 104 47.96 -4.57 19.03
N GLU G 105 48.56 -4.73 17.86
CA GLU G 105 49.01 -6.07 17.40
C GLU G 105 50.37 -5.95 16.72
N ASP G 106 51.03 -7.10 16.58
CA ASP G 106 52.37 -7.26 15.94
C ASP G 106 52.20 -8.25 14.80
N ALA G 107 53.04 -8.11 13.77
CA ALA G 107 53.09 -8.97 12.56
C ALA G 107 54.54 -9.41 12.34
N GLN G 108 54.80 -10.72 12.40
CA GLN G 108 56.14 -11.30 12.15
C GLN G 108 56.15 -11.89 10.73
N SER G 109 57.05 -11.39 9.87
CA SER G 109 57.31 -11.96 8.52
C SER G 109 58.17 -13.22 8.68
N PHE G 110 57.99 -14.20 7.79
CA PHE G 110 58.77 -15.46 7.73
C PHE G 110 59.23 -15.71 6.30
N GLU G 111 60.29 -16.51 6.17
CA GLU G 111 60.86 -16.97 4.87
C GLU G 111 61.00 -18.50 4.99
N LEU G 112 60.89 -19.21 3.87
CA LEU G 112 61.15 -20.68 3.79
C LEU G 112 62.64 -20.88 3.52
N GLY G 113 63.37 -21.45 4.48
CA GLY G 113 64.81 -21.76 4.39
C GLY G 113 65.07 -23.25 4.24
N ALA G 114 66.35 -23.64 4.28
CA ALA G 114 66.81 -25.06 4.23
C ALA G 114 66.21 -25.83 5.41
N GLU G 115 66.15 -25.19 6.58
CA GLU G 115 65.67 -25.79 7.86
C GLU G 115 64.14 -25.74 7.93
N GLY G 116 63.53 -24.72 7.31
CA GLY G 116 62.08 -24.46 7.37
C GLY G 116 61.78 -22.98 7.54
N LEU G 117 60.90 -22.64 8.48
CA LEU G 117 60.51 -21.23 8.78
C LEU G 117 61.66 -20.51 9.49
N ARG G 118 62.07 -19.36 8.97
CA ARG G 118 62.95 -18.39 9.67
C ARG G 118 62.29 -17.02 9.63
N PRO G 119 62.17 -16.30 10.77
CA PRO G 119 61.62 -14.96 10.79
C PRO G 119 62.52 -13.95 10.07
N ILE G 120 61.92 -13.06 9.27
CA ILE G 120 62.61 -11.89 8.63
C ILE G 120 62.38 -10.67 9.52
N GLY G 121 63.46 -10.06 10.00
CA GLY G 121 63.43 -8.82 10.80
C GLY G 121 62.70 -9.03 12.12
N ASP G 122 62.45 -7.94 12.83
CA ASP G 122 61.68 -7.92 14.10
C ASP G 122 60.19 -7.94 13.76
N PRO G 123 59.31 -8.24 14.74
CA PRO G 123 57.87 -8.01 14.55
C PRO G 123 57.60 -6.54 14.23
N VAL G 124 56.77 -6.29 13.22
CA VAL G 124 56.23 -4.93 12.92
C VAL G 124 55.13 -4.66 13.94
N ARG G 125 55.26 -3.56 14.69
CA ARG G 125 54.38 -3.18 15.82
C ARG G 125 53.38 -2.13 15.32
N LEU G 126 52.12 -2.52 15.14
CA LEU G 126 51.07 -1.66 14.54
C LEU G 126 50.31 -0.91 15.64
N SER G 127 49.93 0.32 15.35
CA SER G 127 49.04 1.15 16.20
C SER G 127 48.03 1.85 15.29
N PRO G 128 46.87 2.28 15.82
CA PRO G 128 45.78 2.76 14.96
C PRO G 128 46.28 3.71 13.87
N GLY G 129 45.87 3.49 12.63
CA GLY G 129 46.20 4.32 11.46
C GLY G 129 47.24 3.69 10.56
N GLN G 130 48.06 2.76 11.07
CA GLN G 130 49.19 2.17 10.30
C GLN G 130 48.65 1.14 9.31
N VAL G 131 49.25 1.07 8.11
CA VAL G 131 48.86 0.13 7.03
C VAL G 131 50.10 -0.64 6.58
N GLU G 132 50.01 -1.96 6.47
CA GLU G 132 51.08 -2.84 5.95
C GLU G 132 50.56 -3.63 4.76
N ALA G 133 51.48 -4.17 3.96
CA ALA G 133 51.18 -4.88 2.70
C ALA G 133 51.75 -6.30 2.77
N VAL G 134 51.08 -7.25 2.17
CA VAL G 134 51.62 -8.61 1.89
C VAL G 134 51.29 -8.94 0.44
N SER G 135 52.08 -9.84 -0.17
CA SER G 135 51.91 -10.33 -1.56
C SER G 135 52.98 -11.37 -1.81
N PRO G 136 52.75 -12.36 -2.69
CA PRO G 136 53.80 -13.30 -3.09
C PRO G 136 55.09 -12.58 -3.53
N ARG G 137 54.96 -11.42 -4.17
CA ARG G 137 56.07 -10.63 -4.76
C ARG G 137 56.92 -9.98 -3.67
N ILE G 138 56.28 -9.37 -2.65
CA ILE G 138 56.95 -8.49 -1.65
C ILE G 138 57.14 -9.23 -0.31
N GLY G 139 56.54 -10.40 -0.13
CA GLY G 139 56.58 -11.15 1.14
C GLY G 139 55.17 -11.53 1.60
N ASP G 140 54.86 -12.82 1.62
CA ASP G 140 53.48 -13.35 1.74
C ASP G 140 53.26 -14.04 3.08
N ILE G 141 54.32 -14.54 3.74
CA ILE G 141 54.21 -15.42 4.94
C ILE G 141 54.38 -14.57 6.19
N HIS G 142 53.38 -14.62 7.09
CA HIS G 142 53.41 -13.86 8.36
C HIS G 142 52.52 -14.53 9.41
N ARG G 143 52.61 -14.04 10.63
CA ARG G 143 51.74 -14.36 11.78
C ARG G 143 51.37 -13.04 12.45
N VAL G 144 50.08 -12.76 12.62
CA VAL G 144 49.55 -11.52 13.26
C VAL G 144 48.95 -11.90 14.61
N PHE G 145 49.26 -11.15 15.68
CA PHE G 145 48.83 -11.49 17.05
C PHE G 145 48.56 -10.22 17.86
N ASN G 146 47.60 -10.32 18.78
CA ASN G 146 47.27 -9.24 19.76
C ASN G 146 48.51 -9.04 20.64
N ALA G 147 48.93 -7.79 20.82
CA ALA G 147 50.12 -7.41 21.60
C ALA G 147 49.69 -6.96 23.00
N SER G 148 48.38 -6.97 23.27
CA SER G 148 47.77 -6.66 24.59
C SER G 148 47.30 -7.95 25.27
N PRO G 149 47.52 -8.09 26.60
CA PRO G 149 47.03 -9.25 27.34
C PRO G 149 45.66 -9.04 28.02
N ASP G 150 45.06 -7.85 27.87
CA ASP G 150 43.77 -7.51 28.55
C ASP G 150 42.80 -6.76 27.62
N GLN G 151 43.18 -6.45 26.37
CA GLN G 151 42.33 -5.67 25.42
C GLN G 151 42.25 -6.39 24.08
N PRO G 152 41.10 -6.33 23.38
CA PRO G 152 40.99 -6.89 22.04
C PRO G 152 41.70 -5.96 21.05
N SER G 153 42.16 -6.47 19.90
CA SER G 153 42.73 -5.63 18.82
C SER G 153 41.91 -5.88 17.54
N ILE G 154 41.76 -4.84 16.71
CA ILE G 154 41.00 -4.90 15.43
C ILE G 154 41.85 -4.26 14.34
N SER G 155 42.01 -4.96 13.22
CA SER G 155 42.58 -4.40 11.96
C SER G 155 41.62 -4.71 10.82
N ILE G 156 41.55 -3.81 9.85
CA ILE G 156 40.72 -3.95 8.62
C ILE G 156 41.66 -4.39 7.50
N HIS G 157 41.43 -5.57 6.93
CA HIS G 157 42.29 -6.17 5.89
C HIS G 157 41.56 -6.14 4.55
N VAL G 158 42.30 -5.90 3.47
CA VAL G 158 41.79 -5.86 2.08
C VAL G 158 42.67 -6.78 1.23
N TYR G 159 42.07 -7.67 0.44
CA TYR G 159 42.78 -8.71 -0.33
C TYR G 159 42.32 -8.65 -1.79
N GLY G 160 43.15 -9.16 -2.68
CA GLY G 160 42.90 -9.16 -4.13
C GLY G 160 42.04 -10.34 -4.57
N ALA G 161 41.18 -10.81 -3.66
CA ALA G 161 40.24 -11.93 -3.86
C ALA G 161 39.19 -11.94 -2.73
N ASN G 162 38.26 -12.91 -2.78
CA ASN G 162 37.42 -13.34 -1.65
C ASN G 162 38.27 -14.28 -0.77
N ILE G 163 38.98 -13.71 0.22
CA ILE G 163 40.10 -14.34 0.99
C ILE G 163 39.60 -15.58 1.73
N GLY G 164 38.36 -15.53 2.23
CA GLY G 164 37.74 -16.65 2.97
C GLY G 164 37.64 -17.91 2.12
N ALA G 165 37.70 -17.78 0.79
CA ALA G 165 37.55 -18.89 -0.18
C ALA G 165 38.86 -19.17 -0.93
N VAL G 166 39.95 -18.46 -0.63
CA VAL G 166 41.26 -18.69 -1.30
C VAL G 166 41.89 -19.96 -0.71
N ARG G 167 42.29 -20.91 -1.56
CA ARG G 167 43.11 -22.09 -1.17
C ARG G 167 44.56 -21.63 -0.97
N ARG G 168 45.02 -21.56 0.28
CA ARG G 168 46.38 -21.13 0.67
C ARG G 168 46.91 -22.12 1.71
N ALA G 169 47.94 -21.74 2.50
CA ALA G 169 48.63 -22.69 3.40
C ALA G 169 48.93 -22.05 4.76
N VAL G 170 48.95 -22.88 5.80
CA VAL G 170 49.60 -22.59 7.11
C VAL G 170 50.91 -23.38 7.13
N TYR G 171 51.93 -22.89 7.86
CA TYR G 171 53.28 -23.50 7.87
C TYR G 171 53.61 -23.94 9.29
N LEU G 172 54.18 -25.15 9.43
CA LEU G 172 54.74 -25.69 10.70
C LEU G 172 56.19 -25.19 10.79
N PRO G 173 56.80 -25.23 12.00
CA PRO G 173 58.19 -24.80 12.19
C PRO G 173 59.20 -25.37 11.18
N ASP G 174 59.00 -26.60 10.70
CA ASP G 174 59.93 -27.30 9.78
C ASP G 174 59.59 -26.96 8.32
N GLY G 175 58.67 -26.02 8.08
CA GLY G 175 58.37 -25.48 6.73
C GLY G 175 57.37 -26.35 5.97
N SER G 176 56.86 -27.42 6.57
CA SER G 176 55.77 -28.26 6.00
C SER G 176 54.50 -27.41 5.90
N GLU G 177 53.72 -27.61 4.84
CA GLU G 177 52.51 -26.82 4.50
C GLU G 177 51.26 -27.69 4.70
N LYS G 178 50.23 -27.15 5.35
CA LYS G 178 48.87 -27.73 5.36
C LYS G 178 47.99 -26.86 4.49
N PRO G 179 47.01 -27.42 3.75
CA PRO G 179 46.04 -26.59 3.04
C PRO G 179 45.28 -25.70 4.03
N PHE G 180 44.90 -24.50 3.60
CA PHE G 180 44.23 -23.48 4.44
C PHE G 180 43.17 -22.75 3.61
N ILE G 181 41.91 -22.86 4.04
CA ILE G 181 40.76 -22.03 3.61
C ILE G 181 40.15 -21.46 4.89
N SER G 182 40.23 -20.15 5.09
CA SER G 182 39.94 -19.47 6.39
C SER G 182 38.44 -19.36 6.63
N GLY G 183 37.65 -19.14 5.58
CA GLY G 183 36.19 -18.87 5.70
C GLY G 183 35.94 -17.59 6.49
N TYR G 184 34.75 -17.44 7.07
CA TYR G 184 34.28 -16.22 7.77
C TYR G 184 33.49 -16.61 9.02
N SER G 185 33.48 -15.75 10.03
CA SER G 185 32.82 -15.94 11.35
C SER G 185 31.37 -15.46 11.31
N ASN G 186 30.99 -14.63 10.32
CA ASN G 186 29.66 -13.94 10.31
C ASN G 186 28.75 -14.55 9.24
N GLN G 187 27.48 -14.78 9.59
CA GLN G 187 26.42 -15.23 8.66
C GLN G 187 25.83 -14.02 7.95
N PHE G 188 26.07 -12.81 8.49
CA PHE G 188 25.50 -11.53 8.01
C PHE G 188 26.60 -10.52 7.76
N LEU G 189 26.46 -9.73 6.68
CA LEU G 189 27.29 -8.54 6.39
C LEU G 189 26.53 -7.29 6.83
N PRO G 190 27.23 -6.15 7.05
CA PRO G 190 26.56 -4.89 7.30
C PRO G 190 25.97 -4.28 6.02
N ASN G 191 24.74 -3.76 6.10
CA ASN G 191 24.11 -3.06 4.95
C ASN G 191 24.66 -1.63 4.94
N ILE G 192 25.62 -1.36 4.07
CA ILE G 192 26.29 -0.04 3.94
C ILE G 192 25.65 0.75 2.80
N TRP G 193 24.50 0.30 2.26
CA TRP G 193 23.97 0.80 0.97
C TRP G 193 22.67 1.59 1.12
N ASP G 194 22.14 1.72 2.35
CA ASP G 194 20.86 2.45 2.60
C ASP G 194 21.19 3.92 2.91
N GLN G 195 21.48 4.71 1.87
CA GLN G 195 22.07 6.08 1.96
C GLN G 195 20.99 7.07 2.44
N SER G 196 19.71 6.77 2.23
CA SER G 196 18.54 7.61 2.62
C SER G 196 18.43 7.68 4.16
N LYS G 197 18.84 6.63 4.87
CA LYS G 197 18.96 6.61 6.36
C LYS G 197 19.84 7.75 6.84
N GLU G 198 20.82 8.16 6.01
CA GLU G 198 21.72 9.32 6.23
C GLU G 198 21.16 10.50 5.42
N PRO H 5 4.87 -1.20 19.78
CA PRO H 5 4.74 0.26 19.98
C PRO H 5 3.72 0.64 21.07
N LEU H 6 4.20 1.18 22.19
CA LEU H 6 3.38 1.53 23.39
C LEU H 6 2.16 2.32 22.97
N ARG H 7 0.97 1.87 23.38
CA ARG H 7 -0.33 2.55 23.09
C ARG H 7 -0.55 3.64 24.14
N LEU H 8 0.28 4.70 24.11
CA LEU H 8 0.21 5.83 25.09
C LEU H 8 -1.08 6.63 24.90
N ASP H 9 -1.68 6.51 23.71
CA ASP H 9 -2.97 7.18 23.35
C ASP H 9 -4.07 6.71 24.32
N ARG H 10 -3.97 5.49 24.86
CA ARG H 10 -4.95 4.92 25.83
C ARG H 10 -4.91 5.75 27.13
N LEU H 11 -3.72 6.05 27.64
CA LEU H 11 -3.52 6.87 28.86
C LEU H 11 -3.95 8.32 28.59
N ARG H 12 -3.59 8.85 27.42
CA ARG H 12 -3.99 10.21 26.98
C ARG H 12 -5.52 10.30 27.01
N ASP H 13 -6.21 9.30 26.45
CA ASP H 13 -7.70 9.28 26.32
C ASP H 13 -8.35 9.11 27.68
N PHE H 14 -7.77 8.30 28.56
CA PHE H 14 -8.23 8.12 29.95
C PHE H 14 -8.21 9.49 30.66
N VAL H 15 -7.08 10.19 30.55
CA VAL H 15 -6.84 11.50 31.22
C VAL H 15 -7.84 12.54 30.69
N SER H 16 -8.04 12.62 29.39
CA SER H 16 -9.00 13.54 28.72
C SER H 16 -10.41 13.29 29.25
N ALA H 17 -10.86 12.04 29.22
CA ALA H 17 -12.21 11.59 29.62
C ALA H 17 -12.46 11.93 31.09
N LEU H 18 -11.47 11.66 31.94
CA LEU H 18 -11.53 11.93 33.40
C LEU H 18 -11.62 13.45 33.63
N GLY H 19 -10.94 14.24 32.80
CA GLY H 19 -11.02 15.71 32.84
C GLY H 19 -12.41 16.19 32.49
N GLU H 20 -12.93 15.73 31.35
CA GLU H 20 -14.29 16.04 30.84
C GLU H 20 -15.32 15.70 31.92
N LEU H 21 -15.16 14.55 32.57
CA LEU H 21 -16.08 14.02 33.63
C LEU H 21 -16.16 15.02 34.78
N LEU H 22 -15.02 15.47 35.30
CA LEU H 22 -14.95 16.37 36.48
C LEU H 22 -15.32 17.81 36.08
N ASP H 23 -15.32 18.14 34.78
CA ASP H 23 -15.82 19.44 34.25
C ASP H 23 -17.33 19.57 34.51
N ARG H 24 -18.05 18.45 34.54
CA ARG H 24 -19.52 18.40 34.82
C ARG H 24 -19.80 18.54 36.32
N HIS H 25 -18.76 18.69 37.15
CA HIS H 25 -18.84 18.79 38.64
C HIS H 25 -19.86 17.80 39.19
N PRO H 26 -19.75 16.49 38.85
CA PRO H 26 -20.73 15.50 39.30
C PRO H 26 -20.45 15.11 40.76
N ASP H 27 -21.36 14.39 41.39
CA ASP H 27 -21.23 13.95 42.81
C ASP H 27 -20.28 12.75 42.85
N GLU H 28 -19.76 12.41 44.05
CA GLU H 28 -18.75 11.34 44.24
C GLU H 28 -19.25 10.03 43.64
N GLU H 29 -20.53 9.70 43.84
CA GLU H 29 -21.17 8.45 43.35
C GLU H 29 -21.06 8.38 41.83
N SER H 30 -21.29 9.48 41.12
CA SER H 30 -21.23 9.58 39.65
C SER H 30 -19.76 9.51 39.17
N VAL H 31 -18.85 10.11 39.92
CA VAL H 31 -17.38 10.11 39.61
C VAL H 31 -16.90 8.66 39.68
N LEU H 32 -17.22 7.96 40.77
CA LEU H 32 -16.78 6.56 41.02
C LEU H 32 -17.39 5.63 39.98
N ARG H 33 -18.67 5.84 39.61
CA ARG H 33 -19.40 4.97 38.66
C ARG H 33 -18.81 5.11 37.25
N GLU H 34 -18.69 6.34 36.75
CA GLU H 34 -18.17 6.62 35.38
C GLU H 34 -16.65 6.38 35.37
N GLY H 35 -15.98 6.75 36.47
CA GLY H 35 -14.52 6.61 36.62
C GLY H 35 -14.07 5.17 36.52
N ARG H 36 -14.71 4.27 37.28
CA ARG H 36 -14.33 2.84 37.36
C ARG H 36 -14.55 2.18 35.99
N SER H 37 -15.56 2.65 35.24
CA SER H 37 -15.82 2.21 33.86
C SER H 37 -14.65 2.62 32.96
N LEU H 38 -14.22 3.89 33.02
CA LEU H 38 -13.10 4.41 32.21
C LEU H 38 -11.78 3.71 32.59
N LEU H 39 -11.54 3.50 33.89
CA LEU H 39 -10.30 2.84 34.37
C LEU H 39 -10.31 1.35 33.98
N GLY H 40 -11.44 0.67 34.14
CA GLY H 40 -11.67 -0.71 33.67
C GLY H 40 -11.22 -0.88 32.22
N GLU H 41 -11.57 0.08 31.37
CA GLU H 41 -11.23 0.08 29.93
C GLU H 41 -9.71 0.22 29.75
N LEU H 42 -9.05 1.01 30.58
CA LEU H 42 -7.58 1.24 30.53
C LEU H 42 -6.84 -0.03 30.98
N VAL H 43 -7.18 -0.58 32.15
CA VAL H 43 -6.38 -1.68 32.79
C VAL H 43 -6.73 -3.04 32.18
N ARG H 44 -7.74 -3.12 31.31
CA ARG H 44 -8.05 -4.32 30.49
C ARG H 44 -6.94 -4.54 29.45
N HIS H 45 -6.19 -3.51 29.08
CA HIS H 45 -5.08 -3.57 28.09
C HIS H 45 -3.75 -3.39 28.83
N ASP H 46 -2.77 -4.23 28.50
CA ASP H 46 -1.41 -4.17 29.12
C ASP H 46 -0.39 -3.83 28.01
N ASP H 47 -0.69 -2.83 27.17
CA ASP H 47 0.13 -2.48 25.97
C ASP H 47 0.51 -0.98 25.96
N TRP H 48 0.40 -0.28 27.10
CA TRP H 48 0.49 1.20 27.14
C TRP H 48 1.45 1.72 28.22
N LEU H 49 1.67 0.98 29.33
CA LEU H 49 2.51 1.45 30.45
C LEU H 49 3.97 1.39 30.05
N PRO H 50 4.72 2.52 30.07
CA PRO H 50 6.18 2.47 29.87
C PRO H 50 6.86 1.63 30.98
N GLU H 51 7.92 0.94 30.61
CA GLU H 51 8.65 -0.04 31.46
C GLU H 51 9.23 0.66 32.70
N GLU H 52 9.62 1.94 32.56
CA GLU H 52 10.23 2.76 33.64
C GLU H 52 9.28 2.91 34.84
N PHE H 53 7.97 2.85 34.61
CA PHE H 53 6.92 2.99 35.65
C PHE H 53 6.24 1.65 35.93
N ALA H 54 6.93 0.56 35.64
CA ALA H 54 6.51 -0.83 35.94
C ALA H 54 7.57 -1.54 36.79
N GLN H 55 8.59 -0.82 37.26
CA GLN H 55 9.82 -1.42 37.85
C GLN H 55 9.66 -1.56 39.36
N PRO H 56 9.80 -2.78 39.91
CA PRO H 56 9.82 -2.96 41.37
C PRO H 56 11.14 -2.47 41.98
N ASP H 57 11.08 -2.16 43.29
CA ASP H 57 12.24 -1.74 44.10
C ASP H 57 12.43 -2.80 45.19
N PRO H 58 13.68 -3.18 45.54
CA PRO H 58 13.90 -4.21 46.54
C PRO H 58 13.55 -3.82 47.99
N GLU H 59 13.43 -2.52 48.31
CA GLU H 59 13.30 -2.04 49.71
C GLU H 59 11.86 -1.58 50.02
N ARG H 60 11.14 -0.96 49.08
CA ARG H 60 9.76 -0.44 49.32
C ARG H 60 8.95 -0.38 48.02
N TYR H 61 7.63 -0.49 48.13
CA TYR H 61 6.70 -0.43 46.97
C TYR H 61 6.89 0.93 46.30
N GLN H 62 6.73 1.00 44.98
CA GLN H 62 7.01 2.19 44.16
C GLN H 62 5.70 2.85 43.77
N GLN H 63 5.71 4.18 43.74
CA GLN H 63 4.56 5.08 43.50
C GLN H 63 4.94 6.02 42.36
N TYR H 64 4.67 5.63 41.12
CA TYR H 64 5.00 6.40 39.91
C TYR H 64 3.80 7.25 39.48
N LEU H 65 3.85 8.57 39.70
CA LEU H 65 2.90 9.52 39.11
C LEU H 65 2.99 9.42 37.58
N LEU H 66 1.85 9.24 36.91
CA LEU H 66 1.73 9.19 35.44
C LEU H 66 1.18 10.53 34.93
N HIS H 67 0.25 11.13 35.68
CA HIS H 67 -0.37 12.43 35.33
C HIS H 67 -1.00 13.08 36.56
N ALA H 68 -0.75 14.39 36.75
CA ALA H 68 -1.47 15.24 37.72
C ALA H 68 -2.18 16.36 36.94
N ASP H 69 -3.45 16.59 37.26
CA ASP H 69 -4.27 17.70 36.70
C ASP H 69 -3.65 19.04 37.10
N SER H 70 -3.74 20.02 36.20
CA SER H 70 -3.23 21.41 36.38
C SER H 70 -3.71 22.02 37.70
N ARG H 71 -4.96 21.74 38.10
CA ARG H 71 -5.61 22.29 39.31
C ARG H 71 -5.61 21.25 40.45
N GLN H 72 -4.89 20.14 40.28
CA GLN H 72 -4.75 19.06 41.29
C GLN H 72 -6.12 18.48 41.64
N ARG H 73 -7.03 18.41 40.67
CA ARG H 73 -8.41 17.83 40.83
C ARG H 73 -8.32 16.31 40.82
N PHE H 74 -7.37 15.73 40.07
CA PHE H 74 -7.07 14.28 40.10
C PHE H 74 -5.59 14.02 39.78
N SER H 75 -5.18 12.77 39.99
CA SER H 75 -3.84 12.20 39.68
C SER H 75 -3.99 10.73 39.29
N VAL H 76 -3.10 10.23 38.45
CA VAL H 76 -3.04 8.81 37.99
C VAL H 76 -1.66 8.27 38.36
N VAL H 77 -1.61 7.16 39.10
CA VAL H 77 -0.36 6.60 39.70
C VAL H 77 -0.27 5.11 39.32
N SER H 78 0.92 4.69 38.89
CA SER H 78 1.30 3.26 38.76
C SER H 78 1.92 2.83 40.09
N PHE H 79 1.26 1.94 40.85
CA PHE H 79 1.80 1.35 42.09
C PHE H 79 2.40 -0.01 41.75
N VAL H 80 3.64 -0.26 42.16
CA VAL H 80 4.38 -1.51 41.87
C VAL H 80 4.87 -2.09 43.20
N TRP H 81 4.29 -3.21 43.62
CA TRP H 81 4.75 -4.03 44.77
C TRP H 81 5.67 -5.14 44.26
N GLY H 82 6.83 -5.32 44.87
CA GLY H 82 7.70 -6.48 44.64
C GLY H 82 7.15 -7.66 45.46
N PRO H 83 7.72 -8.87 45.27
CA PRO H 83 7.32 -10.02 46.07
C PRO H 83 7.23 -9.67 47.56
N GLY H 84 6.06 -9.91 48.17
CA GLY H 84 5.79 -9.80 49.61
C GLY H 84 5.75 -8.38 50.15
N GLN H 85 5.55 -7.35 49.30
CA GLN H 85 5.56 -5.95 49.79
C GLN H 85 4.11 -5.54 50.12
N THR H 86 3.95 -4.61 51.06
CA THR H 86 2.64 -4.07 51.49
C THR H 86 2.74 -2.56 51.65
N THR H 87 1.60 -1.88 51.52
CA THR H 87 1.40 -0.50 52.02
C THR H 87 1.25 -0.59 53.54
N PRO H 88 1.43 0.52 54.29
CA PRO H 88 0.90 0.59 55.65
C PRO H 88 -0.64 0.62 55.59
N VAL H 89 -1.30 0.46 56.74
CA VAL H 89 -2.75 0.74 56.88
C VAL H 89 -2.90 2.26 56.82
N HIS H 90 -3.65 2.77 55.85
CA HIS H 90 -3.72 4.19 55.50
C HIS H 90 -5.14 4.56 55.07
N ASP H 91 -5.46 5.85 55.11
CA ASP H 91 -6.69 6.45 54.52
C ASP H 91 -6.26 7.29 53.31
N HIS H 92 -7.17 8.06 52.73
CA HIS H 92 -6.97 8.80 51.45
C HIS H 92 -7.47 10.24 51.59
N ARG H 93 -8.63 10.45 52.22
CA ARG H 93 -9.26 11.77 52.49
C ARG H 93 -9.86 12.30 51.19
N VAL H 94 -9.82 11.52 50.11
CA VAL H 94 -10.44 11.85 48.79
C VAL H 94 -10.93 10.54 48.19
N TRP H 95 -11.76 10.62 47.15
CA TRP H 95 -12.19 9.43 46.39
C TRP H 95 -10.98 8.82 45.69
N GLY H 96 -10.98 7.51 45.50
CA GLY H 96 -9.89 6.75 44.87
C GLY H 96 -10.43 5.55 44.12
N LEU H 97 -9.86 5.25 42.96
CA LEU H 97 -10.16 4.01 42.18
C LEU H 97 -8.86 3.23 42.03
N ILE H 98 -8.94 1.91 42.17
CA ILE H 98 -7.80 0.95 42.06
C ILE H 98 -8.09 0.01 40.90
N GLY H 99 -7.35 0.12 39.80
CA GLY H 99 -7.49 -0.77 38.62
C GLY H 99 -6.34 -1.76 38.59
N MET H 100 -6.63 -3.06 38.68
CA MET H 100 -5.59 -4.12 38.66
C MET H 100 -5.10 -4.29 37.22
N LEU H 101 -3.78 -4.33 37.03
CA LEU H 101 -3.14 -4.39 35.69
C LEU H 101 -2.37 -5.70 35.52
N ARG H 102 -1.53 -6.05 36.49
CA ARG H 102 -0.50 -7.12 36.31
C ARG H 102 -0.24 -7.81 37.64
N GLY H 103 -0.30 -9.14 37.65
CA GLY H 103 -0.05 -10.00 38.83
C GLY H 103 -1.26 -10.12 39.74
N ALA H 104 -1.02 -10.22 41.04
CA ALA H 104 -2.01 -10.55 42.09
C ALA H 104 -1.77 -9.69 43.32
N GLU H 105 -2.78 -8.95 43.77
CA GLU H 105 -2.73 -8.29 45.10
C GLU H 105 -4.08 -8.41 45.80
N ASP H 106 -4.06 -8.19 47.12
CA ASP H 106 -5.25 -8.22 48.00
C ASP H 106 -5.36 -6.85 48.68
N ALA H 107 -6.58 -6.46 49.04
CA ALA H 107 -6.91 -5.20 49.72
C ALA H 107 -7.80 -5.52 50.94
N GLN H 108 -7.34 -5.22 52.16
CA GLN H 108 -8.11 -5.42 53.42
C GLN H 108 -8.66 -4.07 53.86
N SER H 109 -9.99 -3.93 53.96
CA SER H 109 -10.67 -2.75 54.53
C SER H 109 -10.59 -2.83 56.05
N PHE H 110 -10.52 -1.68 56.71
CA PHE H 110 -10.49 -1.53 58.19
C PHE H 110 -11.51 -0.48 58.62
N GLU H 111 -11.94 -0.56 59.89
CA GLU H 111 -12.83 0.41 60.56
C GLU H 111 -12.14 0.79 61.89
N LEU H 112 -12.37 2.00 62.40
CA LEU H 112 -11.91 2.43 63.74
C LEU H 112 -12.95 2.03 64.78
N GLY H 113 -12.60 1.09 65.67
CA GLY H 113 -13.49 0.55 66.71
C GLY H 113 -13.08 0.98 68.10
N ALA H 114 -13.73 0.41 69.12
CA ALA H 114 -13.44 0.66 70.56
C ALA H 114 -11.98 0.27 70.87
N GLU H 115 -11.51 -0.83 70.28
CA GLU H 115 -10.17 -1.41 70.51
C GLU H 115 -9.13 -0.70 69.63
N GLY H 116 -9.55 -0.21 68.45
CA GLY H 116 -8.66 0.34 67.41
C GLY H 116 -9.06 -0.14 66.03
N LEU H 117 -8.11 -0.66 65.25
CA LEU H 117 -8.35 -1.20 63.89
C LEU H 117 -9.08 -2.54 64.00
N ARG H 118 -10.21 -2.68 63.30
CA ARG H 118 -10.88 -3.98 63.05
C ARG H 118 -11.08 -4.13 61.55
N PRO H 119 -10.68 -5.27 60.94
CA PRO H 119 -10.93 -5.51 59.52
C PRO H 119 -12.41 -5.68 59.20
N ILE H 120 -12.87 -5.07 58.10
CA ILE H 120 -14.24 -5.25 57.53
C ILE H 120 -14.13 -6.31 56.43
N GLY H 121 -14.89 -7.40 56.56
CA GLY H 121 -14.95 -8.49 55.56
C GLY H 121 -13.61 -9.16 55.38
N ASP H 122 -13.51 -10.02 54.37
CA ASP H 122 -12.27 -10.72 53.96
C ASP H 122 -11.45 -9.78 53.09
N PRO H 123 -10.16 -10.06 52.85
CA PRO H 123 -9.39 -9.34 51.82
C PRO H 123 -10.07 -9.47 50.46
N VAL H 124 -10.23 -8.37 49.74
CA VAL H 124 -10.67 -8.37 48.31
C VAL H 124 -9.47 -8.78 47.47
N ARG H 125 -9.64 -9.85 46.68
CA ARG H 125 -8.57 -10.51 45.88
C ARG H 125 -8.68 -10.02 44.44
N LEU H 126 -7.75 -9.16 44.01
CA LEU H 126 -7.80 -8.48 42.68
C LEU H 126 -7.01 -9.31 41.66
N SER H 127 -7.50 -9.35 40.43
CA SER H 127 -6.80 -9.92 39.25
C SER H 127 -6.99 -8.95 38.09
N PRO H 128 -6.11 -9.00 37.06
CA PRO H 128 -6.09 -7.98 36.01
C PRO H 128 -7.51 -7.67 35.51
N GLY H 129 -7.85 -6.38 35.41
CA GLY H 129 -9.14 -5.89 34.89
C GLY H 129 -10.07 -5.39 35.99
N GLN H 130 -9.89 -5.87 37.23
CA GLN H 130 -10.82 -5.55 38.36
C GLN H 130 -10.54 -4.12 38.85
N VAL H 131 -11.59 -3.39 39.24
CA VAL H 131 -11.52 -1.99 39.73
C VAL H 131 -12.26 -1.91 41.07
N GLU H 132 -11.65 -1.28 42.09
CA GLU H 132 -12.24 -1.05 43.42
C GLU H 132 -12.22 0.44 43.73
N ALA H 133 -13.06 0.87 44.67
CA ALA H 133 -13.24 2.28 45.06
C ALA H 133 -12.91 2.46 46.54
N VAL H 134 -12.36 3.60 46.92
CA VAL H 134 -12.25 4.06 48.33
C VAL H 134 -12.70 5.51 48.39
N SER H 135 -13.14 5.98 49.56
CA SER H 135 -13.61 7.36 49.82
C SER H 135 -13.99 7.46 51.29
N PRO H 136 -13.88 8.64 51.94
CA PRO H 136 -14.37 8.82 53.30
C PRO H 136 -15.82 8.34 53.47
N ARG H 137 -16.65 8.51 52.42
CA ARG H 137 -18.11 8.21 52.43
C ARG H 137 -18.35 6.70 52.42
N ILE H 138 -17.63 5.94 51.58
CA ILE H 138 -17.91 4.51 51.31
C ILE H 138 -16.92 3.59 52.06
N GLY H 139 -15.87 4.13 52.64
CA GLY H 139 -14.81 3.34 53.32
C GLY H 139 -13.42 3.73 52.80
N ASP H 140 -12.60 4.32 53.67
CA ASP H 140 -11.36 5.04 53.30
C ASP H 140 -10.12 4.29 53.78
N ILE H 141 -10.23 3.44 54.81
CA ILE H 141 -9.05 2.81 55.48
C ILE H 141 -8.83 1.41 54.89
N HIS H 142 -7.64 1.15 54.36
CA HIS H 142 -7.27 -0.18 53.81
C HIS H 142 -5.76 -0.38 53.85
N ARG H 143 -5.35 -1.61 53.52
CA ARG H 143 -3.94 -2.02 53.28
C ARG H 143 -3.94 -2.86 52.00
N VAL H 144 -3.11 -2.50 51.02
CA VAL H 144 -2.97 -3.22 49.72
C VAL H 144 -1.60 -3.91 49.71
N PHE H 145 -1.54 -5.18 49.32
CA PHE H 145 -0.29 -5.99 49.37
C PHE H 145 -0.23 -6.96 48.20
N ASN H 146 1.00 -7.23 47.73
CA ASN H 146 1.28 -8.27 46.71
C ASN H 146 0.88 -9.61 47.31
N ALA H 147 0.11 -10.41 46.55
CA ALA H 147 -0.41 -11.72 46.98
C ALA H 147 0.50 -12.83 46.44
N SER H 148 1.54 -12.46 45.67
CA SER H 148 2.56 -13.37 45.13
C SER H 148 3.86 -13.23 45.92
N PRO H 149 4.56 -14.35 46.22
CA PRO H 149 5.86 -14.31 46.87
C PRO H 149 7.06 -14.30 45.92
N ASP H 150 6.85 -14.36 44.60
CA ASP H 150 7.92 -14.47 43.59
C ASP H 150 7.69 -13.55 42.37
N GLN H 151 6.56 -12.83 42.30
CA GLN H 151 6.21 -11.97 41.13
C GLN H 151 5.80 -10.57 41.61
N PRO H 152 6.14 -9.52 40.84
CA PRO H 152 5.69 -8.17 41.17
C PRO H 152 4.20 -8.02 40.82
N SER H 153 3.49 -7.09 41.45
CA SER H 153 2.09 -6.75 41.08
C SER H 153 2.02 -5.25 40.75
N ILE H 154 1.16 -4.87 39.81
CA ILE H 154 0.93 -3.46 39.39
C ILE H 154 -0.57 -3.18 39.35
N SER H 155 -1.01 -2.10 39.98
CA SER H 155 -2.36 -1.52 39.83
C SER H 155 -2.24 -0.04 39.47
N ILE H 156 -3.18 0.47 38.66
CA ILE H 156 -3.27 1.90 38.28
C ILE H 156 -4.34 2.53 39.16
N HIS H 157 -3.96 3.52 39.98
CA HIS H 157 -4.86 4.19 40.95
C HIS H 157 -5.15 5.61 40.47
N VAL H 158 -6.38 6.07 40.70
CA VAL H 158 -6.86 7.44 40.35
C VAL H 158 -7.49 8.04 41.60
N TYR H 159 -7.12 9.27 41.95
CA TYR H 159 -7.56 9.95 43.20
C TYR H 159 -8.13 11.31 42.86
N GLY H 160 -8.95 11.85 43.74
CA GLY H 160 -9.63 13.15 43.59
C GLY H 160 -8.74 14.28 44.05
N ALA H 161 -7.42 14.11 43.93
CA ALA H 161 -6.38 15.10 44.29
C ALA H 161 -5.03 14.67 43.69
N ASN H 162 -3.99 15.47 43.92
CA ASN H 162 -2.56 15.09 43.81
C ASN H 162 -2.19 14.31 45.08
N ILE H 163 -2.35 12.99 45.06
CA ILE H 163 -2.37 12.06 46.23
C ILE H 163 -1.02 12.11 46.95
N GLY H 164 0.07 12.26 46.20
CA GLY H 164 1.43 12.33 46.76
C GLY H 164 1.62 13.51 47.69
N ALA H 165 0.74 14.52 47.61
CA ALA H 165 0.81 15.77 48.40
C ALA H 165 -0.37 15.88 49.37
N VAL H 166 -1.26 14.89 49.45
CA VAL H 166 -2.40 14.90 50.41
C VAL H 166 -1.86 14.58 51.81
N ARG H 167 -2.16 15.43 52.80
CA ARG H 167 -1.93 15.16 54.23
C ARG H 167 -3.01 14.19 54.73
N ARG H 168 -2.62 12.93 54.97
CA ARG H 168 -3.52 11.84 55.41
C ARG H 168 -2.82 11.09 56.55
N ALA H 169 -3.23 9.85 56.87
CA ALA H 169 -2.75 9.13 58.06
C ALA H 169 -2.47 7.66 57.74
N VAL H 170 -1.50 7.08 58.45
CA VAL H 170 -1.33 5.61 58.63
C VAL H 170 -1.82 5.26 60.04
N TYR H 171 -2.32 4.05 60.24
CA TYR H 171 -2.94 3.61 61.52
C TYR H 171 -2.14 2.44 62.08
N LEU H 172 -1.86 2.46 63.39
CA LEU H 172 -1.27 1.33 64.16
C LEU H 172 -2.42 0.43 64.60
N PRO H 173 -2.13 -0.84 64.99
CA PRO H 173 -3.16 -1.77 65.47
C PRO H 173 -4.15 -1.22 66.50
N ASP H 174 -3.69 -0.32 67.39
CA ASP H 174 -4.50 0.26 68.50
C ASP H 174 -5.26 1.50 68.01
N GLY H 175 -5.23 1.81 66.71
CA GLY H 175 -6.03 2.89 66.08
C GLY H 175 -5.38 4.25 66.19
N SER H 176 -4.19 4.35 66.77
CA SER H 176 -3.38 5.59 66.82
C SER H 176 -2.98 5.97 65.39
N GLU H 177 -2.97 7.27 65.09
CA GLU H 177 -2.72 7.83 63.74
C GLU H 177 -1.37 8.54 63.71
N LYS H 178 -0.57 8.31 62.67
CA LYS H 178 0.62 9.14 62.32
C LYS H 178 0.28 9.95 61.09
N PRO H 179 0.78 11.20 60.95
CA PRO H 179 0.64 11.94 59.69
C PRO H 179 1.28 11.15 58.55
N PHE H 180 0.74 11.27 57.34
CA PHE H 180 1.19 10.53 56.13
C PHE H 180 1.08 11.45 54.91
N ILE H 181 2.22 11.69 54.26
CA ILE H 181 2.34 12.28 52.89
C ILE H 181 3.21 11.31 52.10
N SER H 182 2.64 10.66 51.07
CA SER H 182 3.26 9.50 50.37
C SER H 182 4.35 9.96 49.39
N GLY H 183 4.17 11.11 48.76
CA GLY H 183 5.09 11.59 47.69
C GLY H 183 5.11 10.62 46.51
N TYR H 184 6.17 10.66 45.71
CA TYR H 184 6.32 9.87 44.44
C TYR H 184 7.75 9.35 44.34
N SER H 185 7.91 8.22 43.64
CA SER H 185 9.21 7.52 43.43
C SER H 185 9.93 8.05 42.19
N ASN H 186 9.23 8.74 41.28
CA ASN H 186 9.77 9.14 39.96
C ASN H 186 10.03 10.65 39.92
N GLN H 187 11.19 11.05 39.38
CA GLN H 187 11.57 12.45 39.11
C GLN H 187 11.03 12.86 37.74
N PHE H 188 10.59 11.88 36.94
CA PHE H 188 10.16 12.05 35.53
C PHE H 188 8.78 11.42 35.36
N LEU H 189 7.90 12.11 34.61
CA LEU H 189 6.61 11.57 34.12
C LEU H 189 6.80 11.11 32.68
N PRO H 190 5.91 10.23 32.16
CA PRO H 190 5.90 9.91 30.75
C PRO H 190 5.28 11.04 29.92
N ASN H 191 5.88 11.37 28.77
CA ASN H 191 5.31 12.39 27.85
C ASN H 191 4.25 11.67 26.99
N ILE H 192 2.98 11.84 27.34
CA ILE H 192 1.84 11.18 26.65
C ILE H 192 1.23 12.14 25.62
N TRP H 193 1.90 13.28 25.33
CA TRP H 193 1.26 14.41 24.61
C TRP H 193 1.87 14.63 23.21
N ASP H 194 2.87 13.84 22.82
CA ASP H 194 3.55 13.98 21.50
C ASP H 194 2.85 13.06 20.49
N GLN H 195 1.69 13.49 19.98
CA GLN H 195 0.74 12.66 19.18
C GLN H 195 1.29 12.43 17.78
N SER H 196 2.16 13.33 17.29
CA SER H 196 2.81 13.27 15.95
C SER H 196 3.75 12.05 15.86
N LYS H 197 4.39 11.67 16.98
CA LYS H 197 5.23 10.44 17.10
C LYS H 197 4.39 9.22 16.69
N GLU H 198 3.08 9.26 16.90
CA GLU H 198 2.09 8.24 16.47
C GLU H 198 1.46 8.72 15.16
N LEU I 6 -21.89 48.00 -19.72
CA LEU I 6 -21.24 47.74 -21.05
C LEU I 6 -21.97 48.52 -22.14
N ARG I 7 -21.23 49.34 -22.89
CA ARG I 7 -21.78 50.19 -23.99
C ARG I 7 -21.88 49.35 -25.27
N LEU I 8 -22.76 48.35 -25.27
CA LEU I 8 -22.97 47.41 -26.40
C LEU I 8 -23.57 48.15 -27.61
N ASP I 9 -24.17 49.32 -27.36
CA ASP I 9 -24.73 50.22 -28.40
C ASP I 9 -23.65 50.59 -29.41
N ARG I 10 -22.39 50.64 -28.99
CA ARG I 10 -21.23 50.99 -29.86
C ARG I 10 -21.07 49.91 -30.93
N LEU I 11 -21.12 48.64 -30.51
CA LEU I 11 -20.97 47.47 -31.42
C LEU I 11 -22.21 47.38 -32.32
N ARG I 12 -23.40 47.58 -31.75
CA ARG I 12 -24.68 47.62 -32.50
C ARG I 12 -24.57 48.66 -33.62
N ASP I 13 -24.07 49.87 -33.33
CA ASP I 13 -24.01 51.00 -34.28
C ASP I 13 -22.95 50.70 -35.35
N PHE I 14 -21.83 50.10 -34.95
CA PHE I 14 -20.78 49.67 -35.91
C PHE I 14 -21.37 48.70 -36.93
N VAL I 15 -22.10 47.69 -36.44
CA VAL I 15 -22.69 46.60 -37.27
C VAL I 15 -23.72 47.19 -38.25
N SER I 16 -24.60 48.08 -37.77
CA SER I 16 -25.62 48.78 -38.59
C SER I 16 -24.94 49.54 -39.73
N ALA I 17 -23.97 50.40 -39.38
CA ALA I 17 -23.24 51.28 -40.32
C ALA I 17 -22.52 50.45 -41.38
N LEU I 18 -21.86 49.37 -40.96
CA LEU I 18 -21.13 48.44 -41.87
C LEU I 18 -22.12 47.76 -42.82
N GLY I 19 -23.33 47.44 -42.34
CA GLY I 19 -24.41 46.89 -43.18
C GLY I 19 -24.85 47.89 -44.23
N GLU I 20 -25.19 49.11 -43.79
CA GLU I 20 -25.59 50.23 -44.67
C GLU I 20 -24.53 50.47 -45.74
N LEU I 21 -23.25 50.43 -45.35
CA LEU I 21 -22.08 50.68 -46.23
C LEU I 21 -22.06 49.66 -47.38
N LEU I 22 -22.19 48.38 -47.05
CA LEU I 22 -22.10 47.28 -48.06
C LEU I 22 -23.41 47.19 -48.88
N ASP I 23 -24.50 47.81 -48.42
CA ASP I 23 -25.76 47.95 -49.19
C ASP I 23 -25.53 48.82 -50.44
N ARG I 24 -24.59 49.77 -50.38
CA ARG I 24 -24.21 50.68 -51.51
C ARG I 24 -23.31 49.93 -52.51
N HIS I 25 -23.00 48.65 -52.26
CA HIS I 25 -22.10 47.79 -53.09
C HIS I 25 -20.89 48.58 -53.55
N PRO I 26 -20.13 49.22 -52.63
CA PRO I 26 -18.98 50.04 -53.01
C PRO I 26 -17.78 49.13 -53.31
N ASP I 27 -16.71 49.71 -53.88
CA ASP I 27 -15.47 48.97 -54.25
C ASP I 27 -14.65 48.76 -52.97
N GLU I 28 -13.68 47.83 -53.00
CA GLU I 28 -12.88 47.43 -51.82
C GLU I 28 -12.23 48.66 -51.20
N GLU I 29 -11.70 49.58 -52.02
CA GLU I 29 -11.01 50.82 -51.57
C GLU I 29 -11.96 51.66 -50.71
N SER I 30 -13.21 51.79 -51.12
CA SER I 30 -14.26 52.57 -50.40
C SER I 30 -14.68 51.86 -49.12
N VAL I 31 -14.75 50.51 -49.16
CA VAL I 31 -15.11 49.67 -47.98
C VAL I 31 -14.03 49.87 -46.91
N LEU I 32 -12.76 49.73 -47.30
CA LEU I 32 -11.60 49.84 -46.39
C LEU I 32 -11.50 51.26 -45.82
N ARG I 33 -11.76 52.28 -46.63
CA ARG I 33 -11.63 53.71 -46.24
C ARG I 33 -12.72 54.06 -45.22
N GLU I 34 -13.99 53.78 -45.53
CA GLU I 34 -15.15 54.09 -44.66
C GLU I 34 -15.14 53.12 -43.47
N GLY I 35 -14.77 51.87 -43.73
CA GLY I 35 -14.75 50.79 -42.72
C GLY I 35 -13.78 51.10 -41.60
N ARG I 36 -12.54 51.47 -41.94
CA ARG I 36 -11.46 51.73 -40.95
C ARG I 36 -11.85 52.93 -40.09
N SER I 37 -12.56 53.90 -40.66
CA SER I 37 -13.12 55.07 -39.93
C SER I 37 -14.16 54.59 -38.89
N LEU I 38 -15.10 53.74 -39.31
CA LEU I 38 -16.15 53.18 -38.43
C LEU I 38 -15.52 52.31 -37.33
N LEU I 39 -14.54 51.47 -37.69
CA LEU I 39 -13.86 50.56 -36.73
C LEU I 39 -13.03 51.38 -35.74
N GLY I 40 -12.29 52.37 -36.24
CA GLY I 40 -11.53 53.34 -35.42
C GLY I 40 -12.40 53.93 -34.32
N GLU I 41 -13.65 54.28 -34.66
CA GLU I 41 -14.62 54.88 -33.69
C GLU I 41 -14.98 53.85 -32.62
N LEU I 42 -15.12 52.57 -32.99
CA LEU I 42 -15.47 51.48 -32.04
C LEU I 42 -14.29 51.22 -31.09
N VAL I 43 -13.09 50.99 -31.63
CA VAL I 43 -11.94 50.46 -30.83
C VAL I 43 -11.24 51.60 -30.08
N ARG I 44 -11.62 52.86 -30.32
CA ARG I 44 -11.15 54.02 -29.51
C ARG I 44 -11.70 53.94 -28.08
N HIS I 45 -12.82 53.23 -27.89
CA HIS I 45 -13.50 53.04 -26.58
C HIS I 45 -13.34 51.59 -26.14
N ASP I 46 -12.95 51.37 -24.88
CA ASP I 46 -12.78 50.02 -24.29
C ASP I 46 -13.80 49.85 -23.15
N ASP I 47 -15.08 50.13 -23.43
CA ASP I 47 -16.19 50.12 -22.44
C ASP I 47 -17.37 49.26 -22.92
N TRP I 48 -17.16 48.39 -23.92
CA TRP I 48 -18.28 47.70 -24.65
C TRP I 48 -18.07 46.18 -24.75
N LEU I 49 -16.84 45.66 -24.78
CA LEU I 49 -16.59 44.22 -25.01
C LEU I 49 -16.96 43.43 -23.76
N PRO I 50 -17.90 42.45 -23.84
CA PRO I 50 -18.16 41.54 -22.73
C PRO I 50 -16.91 40.72 -22.37
N GLU I 51 -16.75 40.42 -21.08
CA GLU I 51 -15.57 39.75 -20.47
C GLU I 51 -15.39 38.36 -21.07
N GLU I 52 -16.48 37.68 -21.44
CA GLU I 52 -16.47 36.29 -21.97
C GLU I 52 -15.70 36.22 -23.29
N PHE I 53 -15.63 37.33 -24.05
CA PHE I 53 -14.95 37.43 -25.37
C PHE I 53 -13.67 38.25 -25.24
N ALA I 54 -13.12 38.34 -24.03
CA ALA I 54 -11.85 39.01 -23.71
C ALA I 54 -10.89 38.04 -23.03
N GLN I 55 -11.23 36.75 -22.97
CA GLN I 55 -10.54 35.75 -22.11
C GLN I 55 -9.43 35.06 -22.90
N PRO I 56 -8.16 35.11 -22.42
CA PRO I 56 -7.09 34.35 -23.04
C PRO I 56 -7.19 32.85 -22.71
N ASP I 57 -6.55 32.03 -23.54
CA ASP I 57 -6.40 30.57 -23.39
C ASP I 57 -4.91 30.27 -23.25
N PRO I 58 -4.51 29.31 -22.38
CA PRO I 58 -3.10 29.01 -22.17
C PRO I 58 -2.37 28.35 -23.35
N GLU I 59 -3.09 27.74 -24.30
CA GLU I 59 -2.47 26.89 -25.37
C GLU I 59 -2.47 27.61 -26.73
N ARG I 60 -3.52 28.39 -27.06
CA ARG I 60 -3.62 29.04 -28.39
C ARG I 60 -4.46 30.31 -28.28
N TYR I 61 -4.21 31.28 -29.16
CA TYR I 61 -4.94 32.57 -29.25
C TYR I 61 -6.41 32.23 -29.52
N GLN I 62 -7.33 33.05 -29.00
CA GLN I 62 -8.79 32.79 -29.05
C GLN I 62 -9.44 33.70 -30.10
N GLN I 63 -10.46 33.17 -30.77
CA GLN I 63 -11.15 33.76 -31.94
C GLN I 63 -12.65 33.77 -31.63
N TYR I 64 -13.15 34.85 -31.00
CA TYR I 64 -14.56 35.00 -30.59
C TYR I 64 -15.35 35.76 -31.65
N LEU I 65 -16.20 35.08 -32.42
CA LEU I 65 -17.20 35.74 -33.30
C LEU I 65 -18.12 36.60 -32.43
N LEU I 66 -18.28 37.88 -32.80
CA LEU I 66 -19.17 38.84 -32.13
C LEU I 66 -20.45 39.02 -32.95
N HIS I 67 -20.35 38.99 -34.28
CA HIS I 67 -21.49 39.17 -35.21
C HIS I 67 -21.13 38.62 -36.60
N ALA I 68 -22.05 37.86 -37.19
CA ALA I 68 -22.01 37.44 -38.60
C ALA I 68 -23.27 37.99 -39.30
N ASP I 69 -23.08 38.59 -40.48
CA ASP I 69 -24.18 39.07 -41.35
C ASP I 69 -25.02 37.86 -41.79
N SER I 70 -26.33 38.07 -41.94
CA SER I 70 -27.33 37.06 -42.41
C SER I 70 -26.86 36.34 -43.68
N ARG I 71 -26.25 37.09 -44.61
CA ARG I 71 -25.80 36.60 -45.94
C ARG I 71 -24.29 36.34 -45.94
N GLN I 72 -23.65 36.39 -44.76
CA GLN I 72 -22.19 36.14 -44.57
C GLN I 72 -21.37 37.12 -45.43
N ARG I 73 -21.84 38.35 -45.59
CA ARG I 73 -21.15 39.43 -46.34
C ARG I 73 -20.02 40.01 -45.49
N PHE I 74 -20.16 40.01 -44.15
CA PHE I 74 -19.08 40.36 -43.21
C PHE I 74 -19.25 39.60 -41.88
N SER I 75 -18.21 39.70 -41.05
CA SER I 75 -18.15 39.15 -39.66
C SER I 75 -17.26 40.06 -38.82
N VAL I 76 -17.53 40.11 -37.50
CA VAL I 76 -16.74 40.88 -36.50
C VAL I 76 -16.25 39.89 -35.45
N VAL I 77 -14.94 39.87 -35.17
CA VAL I 77 -14.25 38.86 -34.31
C VAL I 77 -13.40 39.59 -33.27
N SER I 78 -13.49 39.16 -32.01
CA SER I 78 -12.54 39.54 -30.93
C SER I 78 -11.42 38.49 -30.93
N PHE I 79 -10.20 38.89 -31.29
CA PHE I 79 -8.99 38.04 -31.18
C PHE I 79 -8.27 38.37 -29.87
N VAL I 80 -7.95 37.35 -29.09
CA VAL I 80 -7.28 37.50 -27.76
C VAL I 80 -6.01 36.65 -27.78
N TRP I 81 -4.86 37.31 -27.75
CA TRP I 81 -3.53 36.68 -27.55
C TRP I 81 -3.17 36.79 -26.06
N GLY I 82 -2.75 35.67 -25.47
CA GLY I 82 -2.10 35.66 -24.15
C GLY I 82 -0.66 36.14 -24.25
N PRO I 83 0.03 36.36 -23.12
CA PRO I 83 1.46 36.68 -23.15
C PRO I 83 2.22 35.75 -24.11
N GLY I 84 2.93 36.36 -25.09
CA GLY I 84 3.85 35.69 -26.02
C GLY I 84 3.17 34.83 -27.08
N GLN I 85 1.87 35.02 -27.36
CA GLN I 85 1.17 34.16 -28.35
C GLN I 85 1.24 34.84 -29.73
N THR I 86 1.22 34.03 -30.79
CA THR I 86 1.23 34.51 -32.20
C THR I 86 0.21 33.71 -33.01
N THR I 87 -0.30 34.30 -34.09
CA THR I 87 -0.96 33.58 -35.19
C THR I 87 0.13 32.87 -35.98
N PRO I 88 -0.21 31.85 -36.80
CA PRO I 88 0.70 31.45 -37.88
C PRO I 88 0.75 32.56 -38.93
N VAL I 89 1.68 32.46 -39.87
CA VAL I 89 1.67 33.30 -41.10
C VAL I 89 0.52 32.79 -41.96
N HIS I 90 -0.43 33.68 -42.28
CA HIS I 90 -1.72 33.32 -42.90
C HIS I 90 -2.14 34.41 -43.89
N ASP I 91 -3.03 34.07 -44.81
CA ASP I 91 -3.74 35.00 -45.71
C ASP I 91 -5.21 35.04 -45.28
N HIS I 92 -6.08 35.71 -46.05
CA HIS I 92 -7.49 35.98 -45.69
C HIS I 92 -8.41 35.65 -46.87
N ARG I 93 -8.02 36.02 -48.09
CA ARG I 93 -8.75 35.76 -49.36
C ARG I 93 -9.94 36.71 -49.46
N VAL I 94 -10.08 37.62 -48.50
CA VAL I 94 -11.14 38.68 -48.49
C VAL I 94 -10.52 39.92 -47.86
N TRP I 95 -11.18 41.08 -47.99
CA TRP I 95 -10.75 42.31 -47.30
C TRP I 95 -10.89 42.10 -45.78
N GLY I 96 -10.03 42.75 -45.00
CA GLY I 96 -9.99 42.64 -43.53
C GLY I 96 -9.53 43.94 -42.93
N LEU I 97 -10.13 44.33 -41.80
CA LEU I 97 -9.68 45.49 -40.98
C LEU I 97 -9.31 44.95 -39.59
N ILE I 98 -8.22 45.45 -39.02
CA ILE I 98 -7.71 45.08 -37.67
C ILE I 98 -7.75 46.34 -36.80
N GLY I 99 -8.63 46.39 -35.81
CA GLY I 99 -8.73 47.50 -34.87
C GLY I 99 -8.13 47.12 -33.52
N MET I 100 -7.10 47.83 -33.07
CA MET I 100 -6.42 47.54 -31.79
C MET I 100 -7.30 48.08 -30.64
N LEU I 101 -7.55 47.25 -29.62
CA LEU I 101 -8.48 47.59 -28.51
C LEU I 101 -7.72 47.67 -27.18
N ARG I 102 -6.92 46.64 -26.85
CA ARG I 102 -6.35 46.47 -25.50
C ARG I 102 -4.96 45.85 -25.59
N GLY I 103 -3.98 46.47 -24.93
CA GLY I 103 -2.59 46.00 -24.82
C GLY I 103 -1.77 46.41 -26.04
N ALA I 104 -0.84 45.54 -26.44
CA ALA I 104 0.20 45.82 -27.46
C ALA I 104 0.35 44.57 -28.34
N GLU I 105 0.21 44.73 -29.66
CA GLU I 105 0.61 43.68 -30.61
C GLU I 105 1.29 44.31 -31.81
N ASP I 106 2.00 43.46 -32.57
CA ASP I 106 2.73 43.82 -33.81
C ASP I 106 2.16 42.96 -34.94
N ALA I 107 2.23 43.46 -36.17
CA ALA I 107 1.77 42.79 -37.40
C ALA I 107 2.90 42.85 -38.44
N GLN I 108 3.43 41.69 -38.86
CA GLN I 108 4.49 41.61 -39.89
C GLN I 108 3.84 41.19 -41.22
N SER I 109 3.95 42.02 -42.25
CA SER I 109 3.53 41.69 -43.64
C SER I 109 4.58 40.79 -44.27
N PHE I 110 4.15 39.88 -45.15
CA PHE I 110 5.03 38.95 -45.91
C PHE I 110 4.64 38.99 -47.39
N GLU I 111 5.59 38.60 -48.25
CA GLU I 111 5.42 38.44 -49.72
C GLU I 111 5.96 37.05 -50.08
N LEU I 112 5.41 36.44 -51.14
CA LEU I 112 5.92 35.16 -51.70
C LEU I 112 7.01 35.47 -52.71
N GLY I 113 8.26 35.05 -52.41
CA GLY I 113 9.42 35.17 -53.31
C GLY I 113 9.81 33.82 -53.91
N ALA I 114 10.90 33.80 -54.69
CA ALA I 114 11.53 32.59 -55.26
C ALA I 114 11.92 31.62 -54.14
N GLU I 115 12.43 32.18 -53.03
CA GLU I 115 12.96 31.42 -51.86
C GLU I 115 11.81 31.04 -50.92
N GLY I 116 10.73 31.82 -50.89
CA GLY I 116 9.54 31.57 -50.05
C GLY I 116 9.01 32.87 -49.44
N LEU I 117 8.78 32.87 -48.13
CA LEU I 117 8.31 34.05 -47.36
C LEU I 117 9.47 35.04 -47.21
N ARG I 118 9.24 36.31 -47.59
CA ARG I 118 10.11 37.46 -47.24
C ARG I 118 9.24 38.51 -46.57
N PRO I 119 9.65 39.03 -45.38
CA PRO I 119 8.91 40.11 -44.73
C PRO I 119 9.01 41.43 -45.51
N ILE I 120 7.88 42.14 -45.63
CA ILE I 120 7.79 43.51 -46.20
C ILE I 120 7.85 44.50 -45.03
N GLY I 121 8.84 45.40 -45.04
CA GLY I 121 9.04 46.44 -44.02
C GLY I 121 9.25 45.85 -42.63
N ASP I 122 9.25 46.70 -41.62
CA ASP I 122 9.34 46.34 -40.19
C ASP I 122 7.95 45.91 -39.72
N PRO I 123 7.85 45.22 -38.55
CA PRO I 123 6.55 44.99 -37.93
C PRO I 123 5.84 46.32 -37.65
N VAL I 124 4.56 46.40 -38.01
CA VAL I 124 3.69 47.55 -37.65
C VAL I 124 3.28 47.36 -36.19
N ARG I 125 3.56 48.36 -35.35
CA ARG I 125 3.39 48.32 -33.88
C ARG I 125 2.07 49.01 -33.52
N LEU I 126 1.06 48.24 -33.14
CA LEU I 126 -0.32 48.75 -32.91
C LEU I 126 -0.49 49.12 -31.44
N SER I 127 -1.24 50.18 -31.17
CA SER I 127 -1.69 50.57 -29.81
C SER I 127 -3.16 50.94 -29.89
N PRO I 128 -3.91 50.91 -28.77
CA PRO I 128 -5.37 51.07 -28.81
C PRO I 128 -5.80 52.22 -29.72
N GLY I 129 -6.74 51.96 -30.62
CA GLY I 129 -7.33 52.96 -31.54
C GLY I 129 -6.84 52.77 -32.97
N GLN I 130 -5.70 52.13 -33.19
CA GLN I 130 -5.06 52.02 -34.53
C GLN I 130 -5.81 50.94 -35.34
N VAL I 131 -5.97 51.18 -36.65
CA VAL I 131 -6.68 50.28 -37.59
C VAL I 131 -5.77 50.01 -38.78
N GLU I 132 -5.62 48.73 -39.16
CA GLU I 132 -4.84 48.31 -40.35
C GLU I 132 -5.76 47.51 -41.28
N ALA I 133 -5.37 47.39 -42.54
CA ALA I 133 -6.17 46.74 -43.61
C ALA I 133 -5.35 45.60 -44.21
N VAL I 134 -6.03 44.52 -44.60
CA VAL I 134 -5.44 43.44 -45.45
C VAL I 134 -6.45 43.14 -46.55
N SER I 135 -5.97 42.58 -47.66
CA SER I 135 -6.79 42.18 -48.84
C SER I 135 -5.84 41.57 -49.86
N PRO I 136 -6.31 40.63 -50.71
CA PRO I 136 -5.48 40.11 -51.80
C PRO I 136 -4.87 41.24 -52.65
N ARG I 137 -5.59 42.35 -52.82
CA ARG I 137 -5.22 43.50 -53.70
C ARG I 137 -4.08 44.30 -53.07
N ILE I 138 -4.14 44.59 -51.76
CA ILE I 138 -3.23 45.55 -51.07
C ILE I 138 -2.16 44.81 -50.26
N GLY I 139 -2.28 43.48 -50.08
CA GLY I 139 -1.37 42.68 -49.24
C GLY I 139 -2.14 41.86 -48.22
N ASP I 140 -2.09 40.53 -48.35
CA ASP I 140 -3.00 39.59 -47.67
C ASP I 140 -2.27 38.77 -46.61
N ILE I 141 -0.94 38.61 -46.73
CA ILE I 141 -0.15 37.66 -45.90
C ILE I 141 0.48 38.43 -44.74
N HIS I 142 0.21 37.98 -43.51
CA HIS I 142 0.79 38.61 -42.29
C HIS I 142 0.79 37.61 -41.14
N ARG I 143 1.45 38.01 -40.05
CA ARG I 143 1.47 37.31 -38.74
C ARG I 143 1.24 38.38 -37.68
N VAL I 144 0.24 38.19 -36.81
CA VAL I 144 -0.11 39.13 -35.70
C VAL I 144 0.27 38.46 -34.37
N PHE I 145 0.94 39.16 -33.47
CA PHE I 145 1.45 38.58 -32.21
C PHE I 145 1.40 39.60 -31.08
N ASN I 146 1.16 39.11 -29.86
CA ASN I 146 1.24 39.90 -28.61
C ASN I 146 2.67 40.39 -28.48
N ALA I 147 2.83 41.69 -28.21
CA ALA I 147 4.15 42.36 -28.07
C ALA I 147 4.50 42.47 -26.59
N SER I 148 3.61 42.02 -25.70
CA SER I 148 3.79 42.00 -24.23
C SER I 148 4.08 40.57 -23.77
N PRO I 149 5.02 40.37 -22.82
CA PRO I 149 5.30 39.05 -22.25
C PRO I 149 4.53 38.74 -20.95
N ASP I 150 3.73 39.68 -20.45
CA ASP I 150 2.99 39.52 -19.16
C ASP I 150 1.52 39.99 -19.25
N GLN I 151 1.06 40.53 -20.39
CA GLN I 151 -0.31 41.08 -20.54
C GLN I 151 -0.98 40.51 -21.79
N PRO I 152 -2.30 40.26 -21.77
CA PRO I 152 -3.01 39.81 -22.96
C PRO I 152 -3.20 41.00 -23.90
N SER I 153 -3.38 40.75 -25.20
CA SER I 153 -3.72 41.80 -26.19
C SER I 153 -5.03 41.41 -26.88
N ILE I 154 -5.85 42.40 -27.23
CA ILE I 154 -7.15 42.21 -27.93
C ILE I 154 -7.21 43.17 -29.13
N SER I 155 -7.54 42.66 -30.30
CA SER I 155 -7.91 43.49 -31.49
C SER I 155 -9.24 43.00 -32.03
N ILE I 156 -10.06 43.91 -32.54
CA ILE I 156 -11.38 43.62 -33.16
C ILE I 156 -11.15 43.62 -34.68
N HIS I 157 -11.40 42.48 -35.34
CA HIS I 157 -11.16 42.29 -36.79
C HIS I 157 -12.50 42.20 -37.50
N VAL I 158 -12.57 42.79 -38.70
CA VAL I 158 -13.77 42.80 -39.58
C VAL I 158 -13.36 42.29 -40.95
N TYR I 159 -14.09 41.33 -41.51
CA TYR I 159 -13.74 40.65 -42.78
C TYR I 159 -14.93 40.70 -43.72
N GLY I 160 -14.66 40.57 -45.03
CA GLY I 160 -15.67 40.62 -46.09
C GLY I 160 -16.33 39.27 -46.30
N ALA I 161 -16.42 38.46 -45.23
CA ALA I 161 -17.04 37.11 -45.21
C ALA I 161 -17.24 36.67 -43.75
N ASN I 162 -17.78 35.46 -43.57
CA ASN I 162 -17.71 34.67 -42.32
C ASN I 162 -16.34 33.99 -42.28
N ILE I 163 -15.35 34.66 -41.68
CA ILE I 163 -13.89 34.35 -41.76
C ILE I 163 -13.60 32.96 -41.19
N GLY I 164 -14.32 32.55 -40.15
CA GLY I 164 -14.16 31.24 -39.50
C GLY I 164 -14.45 30.09 -40.45
N ALA I 165 -15.17 30.35 -41.54
CA ALA I 165 -15.57 29.35 -42.55
C ALA I 165 -14.86 29.57 -43.90
N VAL I 166 -13.99 30.56 -44.04
CA VAL I 166 -13.23 30.80 -45.29
C VAL I 166 -12.11 29.76 -45.39
N ARG I 167 -12.03 29.06 -46.52
CA ARG I 167 -10.88 28.18 -46.91
C ARG I 167 -9.71 29.08 -47.36
N ARG I 168 -8.68 29.19 -46.53
CA ARG I 168 -7.47 30.03 -46.79
C ARG I 168 -6.23 29.20 -46.44
N ALA I 169 -5.07 29.82 -46.21
CA ALA I 169 -3.78 29.10 -46.05
C ALA I 169 -2.94 29.70 -44.92
N VAL I 170 -2.14 28.85 -44.26
CA VAL I 170 -0.96 29.24 -43.46
C VAL I 170 0.29 28.92 -44.29
N TYR I 171 1.37 29.66 -44.10
CA TYR I 171 2.62 29.56 -44.91
C TYR I 171 3.77 29.18 -43.99
N LEU I 172 4.60 28.22 -44.43
CA LEU I 172 5.89 27.87 -43.78
C LEU I 172 6.96 28.80 -44.34
N PRO I 173 8.11 28.96 -43.66
CA PRO I 173 9.20 29.82 -44.13
C PRO I 173 9.60 29.63 -45.60
N ASP I 174 9.50 28.41 -46.15
CA ASP I 174 9.89 28.09 -47.55
C ASP I 174 8.73 28.36 -48.53
N GLY I 175 7.63 28.96 -48.05
CA GLY I 175 6.51 29.43 -48.89
C GLY I 175 5.49 28.34 -49.18
N SER I 176 5.69 27.13 -48.66
CA SER I 176 4.72 26.01 -48.77
C SER I 176 3.45 26.39 -48.01
N GLU I 177 2.28 25.99 -48.54
CA GLU I 177 0.95 26.34 -48.02
C GLU I 177 0.27 25.12 -47.42
N LYS I 178 -0.31 25.25 -46.23
CA LYS I 178 -1.29 24.27 -45.67
C LYS I 178 -2.68 24.89 -45.77
N PRO I 179 -3.74 24.09 -46.06
CA PRO I 179 -5.10 24.61 -45.99
C PRO I 179 -5.38 25.12 -44.57
N PHE I 180 -6.22 26.14 -44.44
CA PHE I 180 -6.54 26.82 -43.16
C PHE I 180 -8.02 27.22 -43.14
N ILE I 181 -8.75 26.66 -42.18
CA ILE I 181 -10.12 27.07 -41.77
C ILE I 181 -10.04 27.30 -40.27
N SER I 182 -10.20 28.55 -39.83
CA SER I 182 -9.86 29.00 -38.46
C SER I 182 -10.98 28.61 -37.48
N GLY I 183 -12.24 28.62 -37.91
CA GLY I 183 -13.40 28.39 -37.02
C GLY I 183 -13.46 29.44 -35.91
N TYR I 184 -14.16 29.14 -34.82
CA TYR I 184 -14.41 30.07 -33.69
C TYR I 184 -14.25 29.33 -32.37
N SER I 185 -13.83 30.05 -31.33
CA SER I 185 -13.59 29.53 -29.96
C SER I 185 -14.87 29.55 -29.12
N ASN I 186 -15.90 30.31 -29.51
CA ASN I 186 -17.12 30.52 -28.70
C ASN I 186 -18.31 29.75 -29.29
N GLN I 187 -19.12 29.12 -28.43
CA GLN I 187 -20.39 28.46 -28.81
C GLN I 187 -21.52 29.50 -28.79
N PHE I 188 -21.27 30.64 -28.14
CA PHE I 188 -22.27 31.70 -27.88
C PHE I 188 -21.75 33.06 -28.36
N LEU I 189 -22.65 33.86 -28.95
CA LEU I 189 -22.38 35.28 -29.32
C LEU I 189 -22.97 36.19 -28.26
N PRO I 190 -22.49 37.45 -28.16
CA PRO I 190 -23.13 38.45 -27.30
C PRO I 190 -24.44 38.99 -27.91
N ASN I 191 -25.47 39.15 -27.08
CA ASN I 191 -26.73 39.80 -27.48
C ASN I 191 -26.51 41.32 -27.45
N ILE I 192 -26.30 41.92 -28.62
CA ILE I 192 -26.04 43.38 -28.76
C ILE I 192 -27.34 44.10 -29.13
N TRP I 193 -28.49 43.43 -29.06
CA TRP I 193 -29.75 43.92 -29.70
C TRP I 193 -30.82 44.34 -28.71
N ASP I 194 -30.57 44.27 -27.40
CA ASP I 194 -31.58 44.68 -26.38
C ASP I 194 -31.81 46.20 -26.40
N PRO J 5 14.80 -35.84 24.77
CA PRO J 5 15.39 -35.42 26.06
C PRO J 5 16.49 -36.37 26.57
N LEU J 6 17.74 -35.91 26.57
CA LEU J 6 18.92 -36.63 27.13
C LEU J 6 18.59 -37.18 28.52
N ARG J 7 18.80 -38.47 28.74
CA ARG J 7 18.55 -39.15 30.03
C ARG J 7 19.75 -38.95 30.97
N LEU J 8 20.00 -37.71 31.39
CA LEU J 8 21.15 -37.34 32.26
C LEU J 8 21.00 -37.95 33.65
N ASP J 9 19.77 -38.33 34.01
CA ASP J 9 19.42 -39.01 35.30
C ASP J 9 20.22 -40.33 35.39
N ARG J 10 20.56 -40.96 34.27
CA ARG J 10 21.35 -42.22 34.23
C ARG J 10 22.76 -41.95 34.77
N LEU J 11 23.39 -40.87 34.31
CA LEU J 11 24.76 -40.47 34.76
C LEU J 11 24.70 -40.02 36.23
N ARG J 12 23.67 -39.25 36.60
CA ARG J 12 23.44 -38.83 38.00
C ARG J 12 23.36 -40.07 38.90
N ASP J 13 22.61 -41.08 38.50
CA ASP J 13 22.37 -42.32 39.32
C ASP J 13 23.65 -43.15 39.39
N PHE J 14 24.41 -43.22 38.29
CA PHE J 14 25.73 -43.91 38.27
C PHE J 14 26.65 -43.26 39.31
N VAL J 15 26.73 -41.92 39.29
CA VAL J 15 27.63 -41.13 40.18
C VAL J 15 27.24 -41.33 41.65
N SER J 16 25.95 -41.26 41.95
CA SER J 16 25.39 -41.48 43.32
C SER J 16 25.79 -42.87 43.83
N ALA J 17 25.50 -43.91 43.04
CA ALA J 17 25.74 -45.32 43.37
C ALA J 17 27.24 -45.56 43.61
N LEU J 18 28.09 -45.01 42.75
CA LEU J 18 29.56 -45.13 42.85
C LEU J 18 30.05 -44.43 44.13
N GLY J 19 29.41 -43.31 44.51
CA GLY J 19 29.70 -42.61 45.77
C GLY J 19 29.35 -43.47 46.98
N GLU J 20 28.13 -43.97 47.01
CA GLU J 20 27.59 -44.88 48.05
C GLU J 20 28.54 -46.09 48.21
N LEU J 21 28.98 -46.65 47.09
CA LEU J 21 29.86 -47.86 47.04
C LEU J 21 31.17 -47.57 47.78
N LEU J 22 31.82 -46.45 47.48
CA LEU J 22 33.16 -46.09 48.04
C LEU J 22 33.00 -45.58 49.48
N ASP J 23 31.78 -45.22 49.91
CA ASP J 23 31.46 -44.88 51.33
C ASP J 23 31.65 -46.11 52.23
N ARG J 24 31.43 -47.32 51.69
CA ARG J 24 31.61 -48.61 52.41
C ARG J 24 33.08 -48.99 52.50
N HIS J 25 33.99 -48.16 51.96
CA HIS J 25 35.47 -48.39 51.92
C HIS J 25 35.77 -49.85 51.58
N PRO J 26 35.22 -50.38 50.47
CA PRO J 26 35.43 -51.78 50.12
C PRO J 26 36.82 -51.98 49.47
N ASP J 27 37.25 -53.23 49.30
CA ASP J 27 38.56 -53.56 48.69
C ASP J 27 38.47 -53.40 47.17
N GLU J 28 39.61 -53.34 46.48
CA GLU J 28 39.67 -53.08 45.01
C GLU J 28 38.81 -54.11 44.27
N GLU J 29 38.88 -55.38 44.67
CA GLU J 29 38.13 -56.49 44.03
C GLU J 29 36.62 -56.22 44.09
N SER J 30 36.13 -55.72 45.23
CA SER J 30 34.69 -55.39 45.44
C SER J 30 34.31 -54.15 44.64
N VAL J 31 35.21 -53.17 44.56
CA VAL J 31 35.00 -51.90 43.80
C VAL J 31 34.83 -52.26 42.31
N LEU J 32 35.76 -53.06 41.78
CA LEU J 32 35.78 -53.47 40.36
C LEU J 32 34.56 -54.32 40.03
N ARG J 33 34.15 -55.22 40.94
CA ARG J 33 33.01 -56.15 40.73
C ARG J 33 31.70 -55.37 40.70
N GLU J 34 31.42 -54.53 41.71
CA GLU J 34 30.17 -53.75 41.82
C GLU J 34 30.22 -52.60 40.81
N GLY J 35 31.40 -52.02 40.61
CA GLY J 35 31.62 -50.88 39.70
C GLY J 35 31.29 -51.24 38.27
N ARG J 36 31.83 -52.37 37.78
CA ARG J 36 31.67 -52.81 36.37
C ARG J 36 30.20 -53.13 36.11
N SER J 37 29.49 -53.61 37.12
CA SER J 37 28.02 -53.85 37.07
C SER J 37 27.28 -52.51 36.89
N LEU J 38 27.61 -51.51 37.70
CA LEU J 38 26.99 -50.16 37.63
C LEU J 38 27.31 -49.50 36.28
N LEU J 39 28.56 -49.59 35.82
CA LEU J 39 29.01 -48.98 34.54
C LEU J 39 28.35 -49.70 33.36
N GLY J 40 28.31 -51.03 33.39
CA GLY J 40 27.58 -51.87 32.42
C GLY J 40 26.16 -51.38 32.21
N GLU J 41 25.48 -51.03 33.30
CA GLU J 41 24.08 -50.53 33.27
C GLU J 41 24.03 -49.17 32.57
N LEU J 42 25.02 -48.31 32.78
CA LEU J 42 25.10 -46.97 32.16
C LEU J 42 25.36 -47.09 30.66
N VAL J 43 26.40 -47.84 30.24
CA VAL J 43 26.88 -47.86 28.84
C VAL J 43 26.03 -48.79 27.95
N ARG J 44 25.11 -49.55 28.55
CA ARG J 44 24.07 -50.33 27.81
C ARG J 44 23.10 -49.38 27.11
N HIS J 45 22.95 -48.15 27.59
CA HIS J 45 22.05 -47.11 27.03
C HIS J 45 22.89 -46.01 26.38
N ASP J 46 22.53 -45.58 25.17
CA ASP J 46 23.24 -44.50 24.44
C ASP J 46 22.27 -43.32 24.25
N ASP J 47 21.59 -42.90 25.32
CA ASP J 47 20.53 -41.84 25.29
C ASP J 47 20.80 -40.74 26.32
N TRP J 48 22.03 -40.63 26.83
CA TRP J 48 22.34 -39.77 28.01
C TRP J 48 23.55 -38.86 27.78
N LEU J 49 24.52 -39.23 26.94
CA LEU J 49 25.77 -38.46 26.75
C LEU J 49 25.45 -37.20 25.95
N PRO J 50 25.72 -35.98 26.47
CA PRO J 50 25.62 -34.77 25.66
C PRO J 50 26.60 -34.79 24.47
N GLU J 51 26.18 -34.23 23.34
CA GLU J 51 26.89 -34.24 22.04
C GLU J 51 28.27 -33.56 22.19
N GLU J 52 28.38 -32.55 23.06
CA GLU J 52 29.61 -31.76 23.31
C GLU J 52 30.75 -32.65 23.81
N PHE J 53 30.44 -33.76 24.49
CA PHE J 53 31.41 -34.71 25.07
C PHE J 53 31.43 -36.02 24.29
N ALA J 54 30.98 -35.97 23.02
CA ALA J 54 31.00 -37.10 22.06
C ALA J 54 31.78 -36.70 20.81
N GLN J 55 32.45 -35.55 20.80
CA GLN J 55 33.01 -34.91 19.58
C GLN J 55 34.46 -35.36 19.39
N PRO J 56 34.79 -35.96 18.21
CA PRO J 56 36.19 -36.25 17.90
C PRO J 56 36.96 -34.99 17.52
N ASP J 57 38.29 -35.06 17.67
CA ASP J 57 39.25 -34.00 17.28
C ASP J 57 40.14 -34.57 16.17
N PRO J 58 40.50 -33.79 15.14
CA PRO J 58 41.33 -34.30 14.04
C PRO J 58 42.78 -34.63 14.41
N GLU J 59 43.32 -34.10 15.51
CA GLU J 59 44.78 -34.20 15.83
C GLU J 59 45.06 -35.20 16.97
N ARG J 60 44.18 -35.30 17.97
CA ARG J 60 44.41 -36.22 19.13
C ARG J 60 43.09 -36.65 19.75
N TYR J 61 43.07 -37.84 20.38
CA TYR J 61 41.89 -38.39 21.06
C TYR J 61 41.48 -37.41 22.16
N GLN J 62 40.18 -37.31 22.46
CA GLN J 62 39.63 -36.29 23.39
C GLN J 62 39.27 -36.99 24.71
N GLN J 63 39.47 -36.26 25.81
CA GLN J 63 39.33 -36.72 27.21
C GLN J 63 38.40 -35.73 27.92
N TYR J 64 37.10 -36.00 27.89
CA TYR J 64 36.06 -35.12 28.49
C TYR J 64 35.71 -35.62 29.90
N LEU J 65 36.18 -34.90 30.94
CA LEU J 65 35.70 -35.13 32.33
C LEU J 65 34.19 -34.88 32.37
N LEU J 66 33.43 -35.85 32.90
CA LEU J 66 31.96 -35.74 33.12
C LEU J 66 31.67 -35.41 34.58
N HIS J 67 32.43 -35.98 35.51
CA HIS J 67 32.27 -35.77 36.98
C HIS J 67 33.56 -36.13 37.72
N ALA J 68 33.96 -35.27 38.66
CA ALA J 68 35.02 -35.55 39.64
C ALA J 68 34.41 -35.45 41.04
N ASP J 69 34.70 -36.43 41.89
CA ASP J 69 34.29 -36.46 43.32
C ASP J 69 34.95 -35.29 44.05
N SER J 70 34.25 -34.71 45.03
CA SER J 70 34.70 -33.59 45.90
C SER J 70 36.08 -33.87 46.49
N ARG J 71 36.34 -35.12 46.88
CA ARG J 71 37.60 -35.56 47.56
C ARG J 71 38.52 -36.27 46.56
N GLN J 72 38.20 -36.23 45.27
CA GLN J 72 39.00 -36.82 44.16
C GLN J 72 39.16 -38.34 44.40
N ARG J 73 38.14 -39.00 44.96
CA ARG J 73 38.11 -40.46 45.20
C ARG J 73 37.84 -41.20 43.89
N PHE J 74 37.07 -40.60 42.98
CA PHE J 74 36.86 -41.12 41.61
C PHE J 74 36.59 -39.97 40.63
N SER J 75 36.60 -40.32 39.34
CA SER J 75 36.28 -39.44 38.18
C SER J 75 35.64 -40.28 37.08
N VAL J 76 34.78 -39.66 36.27
CA VAL J 76 34.09 -40.30 35.11
C VAL J 76 34.44 -39.49 33.87
N VAL J 77 34.97 -40.14 32.82
CA VAL J 77 35.54 -39.48 31.61
C VAL J 77 34.92 -40.12 30.36
N SER J 78 34.49 -39.28 29.41
CA SER J 78 34.15 -39.71 28.03
C SER J 78 35.42 -39.61 27.18
N PHE J 79 35.96 -40.74 26.73
CA PHE J 79 37.11 -40.79 25.79
C PHE J 79 36.56 -40.95 24.37
N VAL J 80 37.01 -40.11 23.44
CA VAL J 80 36.55 -40.12 22.03
C VAL J 80 37.76 -40.23 21.11
N TRP J 81 37.91 -41.37 20.44
CA TRP J 81 38.92 -41.60 19.38
C TRP J 81 38.26 -41.36 18.02
N GLY J 82 38.90 -40.57 17.16
CA GLY J 82 38.53 -40.44 15.74
C GLY J 82 39.03 -41.66 14.96
N PRO J 83 38.65 -41.82 13.68
CA PRO J 83 39.18 -42.90 12.86
C PRO J 83 40.72 -43.01 13.01
N GLY J 84 41.22 -44.19 13.39
CA GLY J 84 42.66 -44.54 13.44
C GLY J 84 43.44 -43.86 14.56
N GLN J 85 42.79 -43.34 15.62
CA GLN J 85 43.51 -42.69 16.74
C GLN J 85 43.81 -43.74 17.83
N THR J 86 44.89 -43.53 18.58
CA THR J 86 45.33 -44.40 19.69
C THR J 86 45.77 -43.55 20.87
N THR J 87 45.69 -44.10 22.08
CA THR J 87 46.42 -43.62 23.27
C THR J 87 47.89 -44.02 23.11
N PRO J 88 48.81 -43.40 23.85
CA PRO J 88 50.13 -44.00 24.05
C PRO J 88 49.99 -45.27 24.91
N VAL J 89 51.05 -46.05 25.00
CA VAL J 89 51.14 -47.15 26.01
C VAL J 89 51.34 -46.46 27.36
N HIS J 90 50.43 -46.69 28.30
CA HIS J 90 50.34 -45.93 29.57
C HIS J 90 49.90 -46.87 30.69
N ASP J 91 50.16 -46.47 31.94
CA ASP J 91 49.61 -47.09 33.17
C ASP J 91 48.61 -46.10 33.79
N HIS J 92 48.12 -46.38 35.00
CA HIS J 92 47.02 -45.64 35.66
C HIS J 92 47.38 -45.31 37.11
N ARG J 93 47.96 -46.28 37.83
CA ARG J 93 48.44 -46.16 39.24
C ARG J 93 47.22 -46.18 40.17
N VAL J 94 46.02 -46.41 39.63
CA VAL J 94 44.77 -46.54 40.40
C VAL J 94 43.90 -47.56 39.65
N TRP J 95 42.84 -48.06 40.29
CA TRP J 95 41.84 -48.92 39.63
C TRP J 95 41.12 -48.11 38.55
N GLY J 96 40.70 -48.77 37.48
CA GLY J 96 40.02 -48.17 36.32
C GLY J 96 39.03 -49.13 35.71
N LEU J 97 37.87 -48.63 35.28
CA LEU J 97 36.88 -49.41 34.51
C LEU J 97 36.68 -48.72 33.17
N ILE J 98 36.58 -49.50 32.09
CA ILE J 98 36.37 -49.03 30.70
C ILE J 98 35.03 -49.58 30.22
N GLY J 99 34.02 -48.74 30.04
CA GLY J 99 32.70 -49.14 29.52
C GLY J 99 32.55 -48.70 28.07
N MET J 100 32.37 -49.63 27.14
CA MET J 100 32.24 -49.33 25.70
C MET J 100 30.83 -48.78 25.46
N LEU J 101 30.71 -47.66 24.75
CA LEU J 101 29.42 -46.96 24.51
C LEU J 101 29.06 -46.97 23.03
N ARG J 102 30.00 -46.58 22.16
CA ARG J 102 29.68 -46.28 20.74
C ARG J 102 30.89 -46.66 19.86
N GLY J 103 30.65 -47.43 18.81
CA GLY J 103 31.65 -47.83 17.80
C GLY J 103 32.45 -49.05 18.24
N ALA J 104 33.72 -49.11 17.85
CA ALA J 104 34.61 -50.28 17.99
C ALA J 104 36.00 -49.81 18.44
N GLU J 105 36.51 -50.32 19.55
CA GLU J 105 37.94 -50.14 19.89
C GLU J 105 38.51 -51.44 20.45
N ASP J 106 39.84 -51.52 20.46
CA ASP J 106 40.64 -52.66 20.98
C ASP J 106 41.53 -52.12 22.09
N ALA J 107 41.87 -52.97 23.04
CA ALA J 107 42.76 -52.70 24.19
C ALA J 107 43.83 -53.79 24.26
N GLN J 108 45.10 -53.42 24.10
CA GLN J 108 46.26 -54.35 24.20
C GLN J 108 46.91 -54.17 25.57
N SER J 109 46.95 -55.23 26.39
CA SER J 109 47.70 -55.26 27.67
C SER J 109 49.18 -55.46 27.37
N PHE J 110 50.04 -54.89 28.20
CA PHE J 110 51.53 -55.00 28.12
C PHE J 110 52.09 -55.37 29.49
N GLU J 111 53.29 -55.95 29.49
CA GLU J 111 54.08 -56.31 30.69
C GLU J 111 55.49 -55.72 30.47
N LEU J 112 56.20 -55.38 31.55
CA LEU J 112 57.63 -54.96 31.47
C LEU J 112 58.51 -56.21 31.57
N GLY J 113 59.20 -56.54 30.48
CA GLY J 113 60.04 -57.76 30.35
C GLY J 113 61.52 -57.42 30.31
N ALA J 114 62.36 -58.42 30.04
CA ALA J 114 63.82 -58.30 29.94
C ALA J 114 64.18 -57.30 28.83
N GLU J 115 63.44 -57.33 27.71
CA GLU J 115 63.68 -56.49 26.50
C GLU J 115 63.02 -55.12 26.68
N GLY J 116 61.91 -55.06 27.43
CA GLY J 116 61.06 -53.87 27.56
C GLY J 116 59.59 -54.24 27.52
N LEU J 117 58.79 -53.59 26.68
CA LEU J 117 57.33 -53.86 26.52
C LEU J 117 57.12 -55.19 25.78
N ARG J 118 56.34 -56.10 26.36
CA ARG J 118 55.82 -57.32 25.67
C ARG J 118 54.31 -57.35 25.85
N PRO J 119 53.53 -57.53 24.77
CA PRO J 119 52.08 -57.65 24.88
C PRO J 119 51.64 -58.94 25.58
N ILE J 120 50.66 -58.84 26.48
CA ILE J 120 49.98 -60.00 27.14
C ILE J 120 48.71 -60.31 26.34
N GLY J 121 48.61 -61.53 25.82
CA GLY J 121 47.43 -62.02 25.08
C GLY J 121 47.20 -61.23 23.83
N ASP J 122 46.05 -61.46 23.18
CA ASP J 122 45.58 -60.74 21.98
C ASP J 122 44.93 -59.44 22.44
N PRO J 123 44.72 -58.46 21.53
CA PRO J 123 43.89 -57.30 21.83
C PRO J 123 42.49 -57.73 22.27
N VAL J 124 41.99 -57.15 23.36
CA VAL J 124 40.56 -57.30 23.78
C VAL J 124 39.73 -56.39 22.88
N ARG J 125 38.75 -56.98 22.18
CA ARG J 125 37.91 -56.31 21.15
C ARG J 125 36.59 -55.92 21.80
N LEU J 126 36.38 -54.62 22.06
CA LEU J 126 35.20 -54.10 22.81
C LEU J 126 34.10 -53.73 21.82
N SER J 127 32.84 -53.96 22.21
CA SER J 127 31.64 -53.48 21.49
C SER J 127 30.66 -52.95 22.53
N PRO J 128 29.70 -52.07 22.13
CA PRO J 128 28.87 -51.36 23.10
C PRO J 128 28.34 -52.30 24.20
N GLY J 129 28.47 -51.90 25.45
CA GLY J 129 27.97 -52.65 26.64
C GLY J 129 29.11 -53.31 27.41
N GLN J 130 30.25 -53.60 26.78
CA GLN J 130 31.34 -54.39 27.40
C GLN J 130 32.11 -53.49 28.38
N VAL J 131 32.55 -54.05 29.51
CA VAL J 131 33.30 -53.35 30.58
C VAL J 131 34.58 -54.13 30.88
N GLU J 132 35.73 -53.44 30.94
CA GLU J 132 37.05 -54.02 31.28
C GLU J 132 37.62 -53.25 32.48
N ALA J 133 38.58 -53.86 33.18
CA ALA J 133 39.21 -53.34 34.40
C ALA J 133 40.71 -53.20 34.19
N VAL J 134 41.31 -52.18 34.80
CA VAL J 134 42.79 -52.06 34.95
C VAL J 134 43.09 -51.69 36.40
N SER J 135 44.28 -52.01 36.87
CA SER J 135 44.77 -51.71 38.25
C SER J 135 46.20 -52.21 38.36
N PRO J 136 47.05 -51.59 39.20
CA PRO J 136 48.39 -52.12 39.46
C PRO J 136 48.38 -53.61 39.83
N ARG J 137 47.33 -54.06 40.54
CA ARG J 137 47.19 -55.44 41.08
C ARG J 137 46.91 -56.43 39.95
N ILE J 138 46.00 -56.10 39.03
CA ILE J 138 45.43 -57.04 38.02
C ILE J 138 46.07 -56.81 36.64
N GLY J 139 46.82 -55.72 36.44
CA GLY J 139 47.39 -55.34 35.14
C GLY J 139 47.03 -53.92 34.76
N ASP J 140 48.04 -53.04 34.70
CA ASP J 140 47.88 -51.58 34.67
C ASP J 140 48.27 -50.99 33.31
N ILE J 141 49.12 -51.68 32.54
CA ILE J 141 49.73 -51.11 31.30
C ILE J 141 48.93 -51.59 30.09
N HIS J 142 48.44 -50.65 29.28
CA HIS J 142 47.67 -50.96 28.06
C HIS J 142 47.76 -49.80 27.06
N ARG J 143 47.24 -50.04 25.86
CA ARG J 143 47.03 -49.06 24.78
C ARG J 143 45.61 -49.31 24.23
N VAL J 144 44.78 -48.28 24.17
CA VAL J 144 43.38 -48.34 23.66
C VAL J 144 43.33 -47.57 22.34
N PHE J 145 42.70 -48.12 21.30
CA PHE J 145 42.70 -47.53 19.95
C PHE J 145 41.39 -47.83 19.22
N ASN J 146 40.96 -46.89 18.37
CA ASN J 146 39.78 -47.05 17.50
C ASN J 146 40.08 -48.20 16.53
N ALA J 147 39.14 -49.13 16.40
CA ALA J 147 39.26 -50.33 15.53
C ALA J 147 38.53 -50.08 14.20
N SER J 148 37.92 -48.90 14.05
CA SER J 148 37.21 -48.46 12.81
C SER J 148 38.05 -47.42 12.08
N PRO J 149 38.13 -47.50 10.74
CA PRO J 149 38.85 -46.52 9.92
C PRO J 149 37.98 -45.37 9.39
N ASP J 150 36.67 -45.37 9.69
CA ASP J 150 35.71 -44.35 9.17
C ASP J 150 34.73 -43.85 10.25
N GLN J 151 34.76 -44.40 11.48
CA GLN J 151 33.80 -44.04 12.54
C GLN J 151 34.55 -43.71 13.83
N PRO J 152 34.05 -42.74 14.63
CA PRO J 152 34.64 -42.44 15.92
C PRO J 152 34.22 -43.53 16.92
N SER J 153 34.99 -43.76 17.97
CA SER J 153 34.62 -44.69 19.07
C SER J 153 34.59 -43.91 20.38
N ILE J 154 33.68 -44.28 21.28
CA ILE J 154 33.49 -43.65 22.61
C ILE J 154 33.39 -44.74 23.67
N SER J 155 34.19 -44.63 24.73
CA SER J 155 34.06 -45.45 25.96
C SER J 155 34.02 -44.51 27.17
N ILE J 156 33.25 -44.90 28.19
CA ILE J 156 33.13 -44.16 29.47
C ILE J 156 34.05 -44.86 30.47
N HIS J 157 35.04 -44.14 30.99
CA HIS J 157 36.06 -44.69 31.92
C HIS J 157 35.82 -44.11 33.32
N VAL J 158 36.03 -44.95 34.34
CA VAL J 158 35.91 -44.58 35.78
C VAL J 158 37.20 -44.98 36.48
N TYR J 159 37.79 -44.08 37.25
CA TYR J 159 39.10 -44.28 37.91
C TYR J 159 38.97 -43.97 39.39
N GLY J 160 39.88 -44.53 40.19
CA GLY J 160 39.92 -44.37 41.66
C GLY J 160 40.63 -43.10 42.07
N ALA J 161 40.56 -42.07 41.22
CA ALA J 161 41.17 -40.74 41.43
C ALA J 161 40.59 -39.74 40.42
N ASN J 162 41.03 -38.49 40.49
CA ASN J 162 40.94 -37.48 39.40
C ASN J 162 42.08 -37.76 38.41
N ILE J 163 41.79 -38.59 37.40
CA ILE J 163 42.80 -39.26 36.50
C ILE J 163 43.59 -38.23 35.71
N GLY J 164 42.96 -37.12 35.33
CA GLY J 164 43.60 -36.02 34.58
C GLY J 164 44.74 -35.38 35.35
N ALA J 165 44.77 -35.55 36.68
CA ALA J 165 45.77 -34.96 37.59
C ALA J 165 46.68 -36.03 38.21
N VAL J 166 46.52 -37.31 37.87
CA VAL J 166 47.40 -38.39 38.40
C VAL J 166 48.74 -38.32 37.66
N ARG J 167 49.85 -38.30 38.42
CA ARG J 167 51.23 -38.47 37.89
C ARG J 167 51.45 -39.96 37.62
N ARG J 168 51.48 -40.33 36.33
CA ARG J 168 51.66 -41.74 35.87
C ARG J 168 52.68 -41.72 34.73
N ALA J 169 52.73 -42.76 33.88
CA ALA J 169 53.80 -42.92 32.87
C ALA J 169 53.24 -43.40 31.53
N VAL J 170 53.90 -43.00 30.44
CA VAL J 170 53.82 -43.64 29.11
C VAL J 170 55.11 -44.45 28.92
N TYR J 171 55.06 -45.53 28.14
CA TYR J 171 56.20 -46.46 27.96
C TYR J 171 56.60 -46.48 26.49
N LEU J 172 57.91 -46.41 26.23
CA LEU J 172 58.51 -46.61 24.88
C LEU J 172 58.72 -48.10 24.67
N PRO J 173 58.90 -48.57 23.41
CA PRO J 173 59.14 -49.98 23.12
C PRO J 173 60.19 -50.69 23.99
N ASP J 174 61.24 -49.97 24.41
CA ASP J 174 62.37 -50.53 25.20
C ASP J 174 62.07 -50.47 26.70
N GLY J 175 60.84 -50.09 27.08
CA GLY J 175 60.37 -50.13 28.48
C GLY J 175 60.76 -48.89 29.28
N SER J 176 61.42 -47.92 28.66
CA SER J 176 61.74 -46.61 29.28
C SER J 176 60.43 -45.86 29.55
N GLU J 177 60.36 -45.15 30.68
CA GLU J 177 59.13 -44.46 31.17
C GLU J 177 59.33 -42.94 31.07
N LYS J 178 58.34 -42.23 30.52
CA LYS J 178 58.25 -40.75 30.62
C LYS J 178 57.13 -40.42 31.61
N PRO J 179 57.25 -39.32 32.40
CA PRO J 179 56.15 -38.86 33.23
C PRO J 179 54.94 -38.56 32.33
N PHE J 180 53.73 -38.76 32.87
CA PHE J 180 52.44 -38.58 32.15
C PHE J 180 51.40 -38.00 33.10
N ILE J 181 50.91 -36.81 32.77
CA ILE J 181 49.68 -36.19 33.34
C ILE J 181 48.78 -35.85 32.15
N SER J 182 47.63 -36.50 32.04
CA SER J 182 46.77 -36.49 30.82
C SER J 182 45.96 -35.20 30.71
N GLY J 183 45.52 -34.64 31.85
CA GLY J 183 44.61 -33.47 31.87
C GLY J 183 43.29 -33.78 31.18
N TYR J 184 42.57 -32.75 30.74
CA TYR J 184 41.21 -32.86 30.16
C TYR J 184 41.08 -31.92 28.96
N SER J 185 40.22 -32.26 28.00
CA SER J 185 39.97 -31.51 26.74
C SER J 185 38.89 -30.45 26.94
N ASN J 186 38.06 -30.55 27.98
CA ASN J 186 36.86 -29.68 28.17
C ASN J 186 37.10 -28.67 29.29
N GLN J 187 36.70 -27.42 29.07
CA GLN J 187 36.71 -26.34 30.10
C GLN J 187 35.42 -26.42 30.91
N PHE J 188 34.41 -27.13 30.40
CA PHE J 188 33.05 -27.22 30.97
C PHE J 188 32.65 -28.69 31.16
N LEU J 189 31.99 -28.96 32.29
CA LEU J 189 31.34 -30.27 32.60
C LEU J 189 29.86 -30.16 32.29
N PRO J 190 29.17 -31.30 32.08
CA PRO J 190 27.70 -31.29 31.97
C PRO J 190 27.03 -31.12 33.35
N ASN J 191 26.00 -30.28 33.44
CA ASN J 191 25.24 -30.09 34.70
C ASN J 191 24.22 -31.23 34.77
N ILE J 192 24.52 -32.25 35.58
CA ILE J 192 23.66 -33.46 35.73
C ILE J 192 22.76 -33.30 36.96
N TRP J 193 22.71 -32.12 37.58
CA TRP J 193 22.13 -31.93 38.93
C TRP J 193 20.84 -31.10 38.93
N ASP J 194 20.37 -30.62 37.77
CA ASP J 194 19.11 -29.84 37.66
C ASP J 194 17.94 -30.81 37.40
N GLN J 195 17.48 -31.50 38.45
CA GLN J 195 16.53 -32.64 38.38
C GLN J 195 15.11 -32.12 38.08
N SER J 196 14.82 -30.86 38.41
CA SER J 196 13.51 -30.18 38.20
C SER J 196 13.22 -30.02 36.69
N LYS J 197 14.27 -29.84 35.88
CA LYS J 197 14.19 -29.85 34.39
C LYS J 197 13.52 -31.14 33.90
N GLU J 198 13.69 -32.25 34.63
CA GLU J 198 13.00 -33.55 34.41
C GLU J 198 11.80 -33.63 35.36
N LEU K 6 -27.03 18.71 -32.19
CA LEU K 6 -27.95 19.80 -32.56
C LEU K 6 -27.75 20.20 -34.03
N ARG K 7 -28.82 20.18 -34.83
CA ARG K 7 -28.79 20.53 -36.27
C ARG K 7 -28.91 22.05 -36.42
N LEU K 8 -27.90 22.79 -35.98
CA LEU K 8 -27.86 24.28 -36.04
C LEU K 8 -27.79 24.77 -37.48
N ASP K 9 -27.36 23.89 -38.39
CA ASP K 9 -27.28 24.16 -39.86
C ASP K 9 -28.69 24.52 -40.38
N ARG K 10 -29.76 23.99 -39.75
CA ARG K 10 -31.16 24.26 -40.14
C ARG K 10 -31.47 25.74 -39.89
N LEU K 11 -31.09 26.27 -38.73
CA LEU K 11 -31.29 27.70 -38.37
C LEU K 11 -30.41 28.59 -39.26
N ARG K 12 -29.16 28.18 -39.48
CA ARG K 12 -28.22 28.89 -40.38
C ARG K 12 -28.87 29.01 -41.77
N ASP K 13 -29.44 27.93 -42.30
CA ASP K 13 -30.02 27.87 -43.68
C ASP K 13 -31.30 28.71 -43.73
N PHE K 14 -32.10 28.68 -42.67
CA PHE K 14 -33.32 29.53 -42.56
C PHE K 14 -32.91 31.01 -42.68
N VAL K 15 -31.90 31.41 -41.90
CA VAL K 15 -31.40 32.82 -41.82
C VAL K 15 -30.86 33.26 -43.19
N SER K 16 -30.07 32.43 -43.85
CA SER K 16 -29.50 32.67 -45.21
C SER K 16 -30.63 32.91 -46.20
N ALA K 17 -31.59 31.99 -46.26
CA ALA K 17 -32.73 32.00 -47.20
C ALA K 17 -33.58 33.26 -46.99
N LEU K 18 -33.84 33.60 -45.73
CA LEU K 18 -34.63 34.80 -45.34
C LEU K 18 -33.87 36.07 -45.76
N GLY K 19 -32.54 36.06 -45.69
CA GLY K 19 -31.68 37.16 -46.16
C GLY K 19 -31.79 37.32 -47.66
N GLU K 20 -31.58 36.23 -48.39
CA GLU K 20 -31.69 36.16 -49.88
C GLU K 20 -33.06 36.70 -50.31
N LEU K 21 -34.11 36.30 -49.60
CA LEU K 21 -35.53 36.66 -49.89
C LEU K 21 -35.70 38.18 -49.83
N LEU K 22 -35.21 38.82 -48.76
CA LEU K 22 -35.38 40.28 -48.54
C LEU K 22 -34.40 41.08 -49.42
N ASP K 23 -33.38 40.44 -49.98
CA ASP K 23 -32.47 41.04 -50.99
C ASP K 23 -33.24 41.37 -52.27
N ARG K 24 -34.29 40.60 -52.58
CA ARG K 24 -35.17 40.80 -53.77
C ARG K 24 -36.17 41.95 -53.52
N HIS K 25 -36.12 42.58 -52.34
CA HIS K 25 -37.03 43.67 -51.89
C HIS K 25 -38.47 43.36 -52.31
N PRO K 26 -39.02 42.18 -51.95
CA PRO K 26 -40.36 41.80 -52.37
C PRO K 26 -41.41 42.49 -51.48
N ASP K 27 -42.68 42.43 -51.86
CA ASP K 27 -43.81 43.06 -51.12
C ASP K 27 -44.15 42.17 -49.92
N GLU K 28 -44.89 42.72 -48.95
CA GLU K 28 -45.23 42.02 -47.67
C GLU K 28 -45.88 40.67 -47.98
N GLU K 29 -46.79 40.62 -48.95
CA GLU K 29 -47.54 39.40 -49.33
C GLU K 29 -46.56 38.30 -49.77
N SER K 30 -45.53 38.66 -50.54
CA SER K 30 -44.49 37.71 -51.04
C SER K 30 -43.58 37.28 -49.89
N VAL K 31 -43.25 38.19 -48.98
CA VAL K 31 -42.41 37.92 -47.79
C VAL K 31 -43.12 36.88 -46.92
N LEU K 32 -44.40 37.13 -46.61
CA LEU K 32 -45.22 36.26 -45.73
C LEU K 32 -45.42 34.89 -46.39
N ARG K 33 -45.62 34.85 -47.71
CA ARG K 33 -45.88 33.59 -48.47
C ARG K 33 -44.63 32.72 -48.49
N GLU K 34 -43.49 33.27 -48.91
CA GLU K 34 -42.20 32.53 -49.01
C GLU K 34 -41.65 32.28 -47.60
N GLY K 35 -41.83 33.27 -46.71
CA GLY K 35 -41.35 33.23 -45.31
C GLY K 35 -41.96 32.08 -44.54
N ARG K 36 -43.30 31.97 -44.58
CA ARG K 36 -44.06 30.95 -43.81
C ARG K 36 -43.68 29.56 -44.31
N SER K 37 -43.38 29.43 -45.60
CA SER K 37 -42.87 28.16 -46.21
C SER K 37 -41.50 27.82 -45.61
N LEU K 38 -40.58 28.78 -45.56
CA LEU K 38 -39.21 28.57 -45.00
C LEU K 38 -39.30 28.26 -43.50
N LEU K 39 -40.15 28.98 -42.76
CA LEU K 39 -40.31 28.78 -41.29
C LEU K 39 -40.97 27.43 -41.01
N GLY K 40 -42.01 27.07 -41.78
CA GLY K 40 -42.66 25.75 -41.75
C GLY K 40 -41.63 24.63 -41.82
N GLU K 41 -40.64 24.77 -42.71
CA GLU K 41 -39.57 23.77 -42.92
C GLU K 41 -38.69 23.69 -41.65
N LEU K 42 -38.42 24.82 -41.01
CA LEU K 42 -37.59 24.88 -39.77
C LEU K 42 -38.32 24.23 -38.60
N VAL K 43 -39.56 24.64 -38.32
CA VAL K 43 -40.30 24.25 -37.07
C VAL K 43 -40.92 22.86 -37.21
N ARG K 44 -40.88 22.25 -38.39
CA ARG K 44 -41.25 20.83 -38.61
C ARG K 44 -40.25 19.90 -37.92
N HIS K 45 -39.03 20.37 -37.69
CA HIS K 45 -37.93 19.60 -37.01
C HIS K 45 -37.68 20.21 -35.63
N ASP K 46 -37.57 19.37 -34.60
CA ASP K 46 -37.28 19.79 -33.21
C ASP K 46 -35.94 19.20 -32.79
N ASP K 47 -34.90 19.34 -33.63
CA ASP K 47 -33.55 18.75 -33.42
C ASP K 47 -32.44 19.81 -33.50
N TRP K 48 -32.78 21.10 -33.40
CA TRP K 48 -31.85 22.23 -33.71
C TRP K 48 -31.79 23.28 -32.60
N LEU K 49 -32.88 23.48 -31.82
CA LEU K 49 -32.93 24.56 -30.81
C LEU K 49 -32.06 24.17 -29.62
N PRO K 50 -31.03 24.98 -29.26
CA PRO K 50 -30.29 24.74 -28.02
C PRO K 50 -31.20 24.86 -26.79
N GLU K 51 -30.91 24.06 -25.77
CA GLU K 51 -31.71 23.92 -24.52
C GLU K 51 -31.78 25.26 -23.78
N GLU K 52 -30.73 26.08 -23.88
CA GLU K 52 -30.61 27.41 -23.21
C GLU K 52 -31.72 28.37 -23.66
N PHE K 53 -32.23 28.20 -24.88
CA PHE K 53 -33.29 29.06 -25.49
C PHE K 53 -34.60 28.30 -25.57
N ALA K 54 -34.77 27.27 -24.73
CA ALA K 54 -36.01 26.49 -24.59
C ALA K 54 -36.50 26.52 -23.14
N GLN K 55 -35.88 27.34 -22.27
CA GLN K 55 -36.07 27.28 -20.81
C GLN K 55 -37.18 28.23 -20.37
N PRO K 56 -38.23 27.72 -19.67
CA PRO K 56 -39.25 28.59 -19.10
C PRO K 56 -38.74 29.33 -17.85
N ASP K 57 -39.40 30.44 -17.52
CA ASP K 57 -39.15 31.27 -16.32
C ASP K 57 -40.41 31.25 -15.46
N PRO K 58 -40.30 31.18 -14.12
CA PRO K 58 -41.48 31.12 -13.26
C PRO K 58 -42.34 32.40 -13.20
N GLU K 59 -41.79 33.56 -13.58
CA GLU K 59 -42.46 34.88 -13.38
C GLU K 59 -43.03 35.44 -14.69
N ARG K 60 -42.36 35.27 -15.83
CA ARG K 60 -42.81 35.84 -17.12
C ARG K 60 -42.31 34.99 -18.30
N TYR K 61 -43.04 35.02 -19.42
CA TYR K 61 -42.68 34.30 -20.66
C TYR K 61 -41.33 34.83 -21.12
N GLN K 62 -40.51 33.98 -21.75
CA GLN K 62 -39.11 34.31 -22.12
C GLN K 62 -39.04 34.56 -23.63
N GLN K 63 -38.20 35.50 -24.02
CA GLN K 63 -38.01 36.05 -25.38
C GLN K 63 -36.53 35.94 -25.73
N TYR K 64 -36.10 34.83 -26.30
CA TYR K 64 -34.69 34.54 -26.66
C TYR K 64 -34.45 34.92 -28.13
N LEU K 65 -33.74 36.03 -28.38
CA LEU K 65 -33.22 36.35 -29.73
C LEU K 65 -32.27 35.23 -30.16
N LEU K 66 -32.49 34.68 -31.36
CA LEU K 66 -31.64 33.64 -31.99
C LEU K 66 -30.72 34.29 -33.05
N HIS K 67 -31.23 35.29 -33.78
CA HIS K 67 -30.48 36.02 -34.83
C HIS K 67 -31.15 37.38 -35.13
N ALA K 68 -30.35 38.44 -35.22
CA ALA K 68 -30.76 39.75 -35.76
C ALA K 68 -29.89 40.07 -36.98
N ASP K 69 -30.53 40.51 -38.06
CA ASP K 69 -29.85 40.97 -39.30
C ASP K 69 -29.00 42.20 -38.99
N SER K 70 -27.85 42.32 -39.66
CA SER K 70 -26.86 43.43 -39.56
C SER K 70 -27.56 44.79 -39.67
N ARG K 71 -28.55 44.90 -40.56
CA ARG K 71 -29.28 46.16 -40.88
C ARG K 71 -30.65 46.17 -40.18
N GLN K 72 -30.90 45.22 -39.28
CA GLN K 72 -32.16 45.10 -38.48
C GLN K 72 -33.37 44.96 -39.42
N ARG K 73 -33.20 44.29 -40.57
CA ARG K 73 -34.28 44.04 -41.56
C ARG K 73 -35.19 42.91 -41.07
N PHE K 74 -34.64 41.95 -40.33
CA PHE K 74 -35.43 40.89 -39.63
C PHE K 74 -34.71 40.43 -38.36
N SER K 75 -35.43 39.62 -37.56
CA SER K 75 -34.96 38.97 -36.33
C SER K 75 -35.70 37.64 -36.17
N VAL K 76 -35.07 36.65 -35.51
CA VAL K 76 -35.64 35.32 -35.21
C VAL K 76 -35.58 35.13 -33.70
N VAL K 77 -36.72 34.79 -33.07
CA VAL K 77 -36.89 34.75 -31.58
C VAL K 77 -37.51 33.40 -31.19
N SER K 78 -36.97 32.77 -30.16
CA SER K 78 -37.60 31.62 -29.46
C SER K 78 -38.43 32.19 -28.31
N PHE K 79 -39.76 32.09 -28.38
CA PHE K 79 -40.68 32.47 -27.28
C PHE K 79 -41.03 31.21 -26.48
N VAL K 80 -40.89 31.27 -25.16
CA VAL K 80 -41.13 30.14 -24.24
C VAL K 80 -42.14 30.60 -23.18
N TRP K 81 -43.35 30.04 -23.22
CA TRP K 81 -44.39 30.20 -22.17
C TRP K 81 -44.31 28.99 -21.24
N GLY K 82 -44.28 29.23 -19.93
CA GLY K 82 -44.48 28.19 -18.91
C GLY K 82 -45.95 27.85 -18.80
N PRO K 83 -46.31 26.80 -18.02
CA PRO K 83 -47.72 26.49 -17.78
C PRO K 83 -48.51 27.76 -17.41
N GLY K 84 -49.59 28.06 -18.15
CA GLY K 84 -50.54 29.15 -17.85
C GLY K 84 -50.02 30.56 -18.09
N GLN K 85 -48.94 30.75 -18.86
CA GLN K 85 -48.38 32.11 -19.10
C GLN K 85 -49.01 32.70 -20.37
N THR K 86 -49.12 34.02 -20.45
CA THR K 86 -49.66 34.76 -21.62
C THR K 86 -48.80 35.97 -21.90
N THR K 87 -48.79 36.44 -23.14
CA THR K 87 -48.35 37.80 -23.53
C THR K 87 -49.44 38.77 -23.10
N PRO K 88 -49.15 40.09 -23.01
CA PRO K 88 -50.21 41.08 -23.02
C PRO K 88 -50.86 41.12 -24.41
N VAL K 89 -51.98 41.83 -24.54
CA VAL K 89 -52.55 42.20 -25.87
C VAL K 89 -51.62 43.26 -26.45
N HIS K 90 -51.04 42.98 -27.62
CA HIS K 90 -49.96 43.80 -28.21
C HIS K 90 -50.11 43.83 -29.73
N ASP K 91 -49.48 44.82 -30.38
CA ASP K 91 -49.29 44.90 -31.85
C ASP K 91 -47.81 44.67 -32.15
N HIS K 92 -47.38 44.88 -33.40
CA HIS K 92 -46.02 44.54 -33.89
C HIS K 92 -45.44 45.72 -34.70
N ARG K 93 -46.26 46.35 -35.56
CA ARG K 93 -45.91 47.52 -36.40
C ARG K 93 -45.03 47.06 -37.56
N VAL K 94 -44.81 45.75 -37.69
CA VAL K 94 -44.04 45.14 -38.81
C VAL K 94 -44.69 43.78 -39.10
N TRP K 95 -44.35 43.18 -40.23
CA TRP K 95 -44.80 41.80 -40.55
C TRP K 95 -44.16 40.83 -39.55
N GLY K 96 -44.85 39.75 -39.24
CA GLY K 96 -44.43 38.73 -38.27
C GLY K 96 -44.93 37.36 -38.68
N LEU K 97 -44.11 36.33 -38.50
CA LEU K 97 -44.51 34.90 -38.69
C LEU K 97 -44.32 34.19 -37.35
N ILE K 98 -45.27 33.32 -37.00
CA ILE K 98 -45.26 32.50 -35.75
C ILE K 98 -45.20 31.03 -36.17
N GLY K 99 -44.10 30.34 -35.93
CA GLY K 99 -43.96 28.90 -36.21
C GLY K 99 -44.01 28.10 -34.92
N MET K 100 -44.99 27.21 -34.79
CA MET K 100 -45.17 26.39 -33.56
C MET K 100 -44.13 25.26 -33.59
N LEU K 101 -43.42 25.06 -32.48
CA LEU K 101 -42.31 24.08 -32.39
C LEU K 101 -42.64 22.97 -31.38
N ARG K 102 -43.10 23.33 -30.18
CA ARG K 102 -43.17 22.39 -29.03
C ARG K 102 -44.33 22.78 -28.12
N GLY K 103 -45.20 21.80 -27.80
CA GLY K 103 -46.36 21.95 -26.92
C GLY K 103 -47.56 22.52 -27.64
N ALA K 104 -48.36 23.31 -26.92
CA ALA K 104 -49.69 23.81 -27.35
C ALA K 104 -49.84 25.27 -26.92
N GLU K 105 -50.14 26.16 -27.86
CA GLU K 105 -50.58 27.54 -27.51
C GLU K 105 -51.72 27.97 -28.44
N ASP K 106 -52.42 29.00 -28.00
CA ASP K 106 -53.55 29.65 -28.73
C ASP K 106 -53.19 31.10 -28.96
N ALA K 107 -53.72 31.69 -30.03
CA ALA K 107 -53.53 33.10 -30.43
C ALA K 107 -54.89 33.73 -30.69
N GLN K 108 -55.29 34.74 -29.92
CA GLN K 108 -56.57 35.49 -30.10
C GLN K 108 -56.28 36.81 -30.82
N SER K 109 -56.87 37.02 -31.98
CA SER K 109 -56.81 38.30 -32.73
C SER K 109 -57.80 39.27 -32.08
N PHE K 110 -57.47 40.57 -32.11
CA PHE K 110 -58.30 41.69 -31.60
C PHE K 110 -58.40 42.79 -32.67
N GLU K 111 -59.43 43.61 -32.56
CA GLU K 111 -59.67 44.82 -33.39
C GLU K 111 -59.95 45.98 -32.43
N LEU K 112 -59.60 47.21 -32.83
CA LEU K 112 -59.97 48.44 -32.08
C LEU K 112 -61.34 48.91 -32.56
N GLY K 113 -62.35 48.85 -31.68
CA GLY K 113 -63.74 49.27 -31.95
C GLY K 113 -64.09 50.57 -31.23
N ALA K 114 -65.36 50.98 -31.32
CA ALA K 114 -65.93 52.16 -30.63
C ALA K 114 -65.73 52.01 -29.11
N GLU K 115 -65.92 50.80 -28.59
CA GLU K 115 -65.86 50.46 -27.14
C GLU K 115 -64.39 50.26 -26.71
N GLY K 116 -63.54 49.78 -27.62
CA GLY K 116 -62.15 49.41 -27.34
C GLY K 116 -61.77 48.11 -28.03
N LEU K 117 -61.15 47.18 -27.30
CA LEU K 117 -60.73 45.85 -27.80
C LEU K 117 -61.98 44.96 -28.01
N ARG K 118 -62.12 44.39 -29.20
CA ARG K 118 -63.07 43.29 -29.48
C ARG K 118 -62.30 42.15 -30.14
N PRO K 119 -62.44 40.90 -29.66
CA PRO K 119 -61.80 39.75 -30.30
C PRO K 119 -62.40 39.44 -31.68
N ILE K 120 -61.56 39.15 -32.67
CA ILE K 120 -61.95 38.67 -34.02
C ILE K 120 -61.86 37.15 -34.02
N GLY K 121 -62.97 36.46 -34.29
CA GLY K 121 -63.03 35.00 -34.42
C GLY K 121 -62.69 34.31 -33.11
N ASP K 122 -62.54 33.00 -33.15
CA ASP K 122 -62.10 32.15 -32.02
C ASP K 122 -60.58 32.22 -31.91
N PRO K 123 -59.99 31.80 -30.78
CA PRO K 123 -58.55 31.60 -30.69
C PRO K 123 -58.08 30.61 -31.77
N VAL K 124 -57.01 30.94 -32.48
CA VAL K 124 -56.31 29.99 -33.38
C VAL K 124 -55.48 29.04 -32.52
N ARG K 125 -55.71 27.74 -32.67
CA ARG K 125 -55.11 26.67 -31.82
C ARG K 125 -53.92 26.06 -32.57
N LEU K 126 -52.70 26.36 -32.15
CA LEU K 126 -51.45 25.97 -32.85
C LEU K 126 -50.93 24.64 -32.30
N SER K 127 -50.38 23.80 -33.17
CA SER K 127 -49.65 22.57 -32.79
C SER K 127 -48.38 22.48 -33.64
N PRO K 128 -47.34 21.72 -33.21
CA PRO K 128 -46.04 21.76 -33.88
C PRO K 128 -46.18 21.70 -35.41
N GLY K 129 -45.49 22.60 -36.11
CA GLY K 129 -45.44 22.68 -37.58
C GLY K 129 -46.28 23.82 -38.13
N GLN K 130 -47.27 24.32 -37.38
CA GLN K 130 -48.23 25.34 -37.88
C GLN K 130 -47.54 26.71 -37.89
N VAL K 131 -47.83 27.54 -38.91
CA VAL K 131 -47.25 28.90 -39.08
C VAL K 131 -48.41 29.90 -39.27
N GLU K 132 -48.40 31.01 -38.53
CA GLU K 132 -49.39 32.11 -38.65
C GLU K 132 -48.65 33.41 -38.96
N ALA K 133 -49.37 34.41 -39.47
CA ALA K 133 -48.83 35.71 -39.89
C ALA K 133 -49.53 36.83 -39.13
N VAL K 134 -48.81 37.91 -38.83
CA VAL K 134 -49.38 39.19 -38.35
C VAL K 134 -48.72 40.32 -39.16
N SER K 135 -49.39 41.47 -39.25
CA SER K 135 -48.92 42.68 -39.96
C SER K 135 -49.99 43.75 -39.80
N PRO K 136 -49.62 45.05 -39.79
CA PRO K 136 -50.62 46.13 -39.79
C PRO K 136 -51.68 45.96 -40.90
N ARG K 137 -51.29 45.39 -42.04
CA ARG K 137 -52.14 45.23 -43.26
C ARG K 137 -53.18 44.13 -43.03
N ILE K 138 -52.78 42.98 -42.48
CA ILE K 138 -53.60 41.74 -42.43
C ILE K 138 -54.18 41.53 -41.02
N GLY K 139 -53.75 42.29 -40.01
CA GLY K 139 -54.17 42.13 -38.61
C GLY K 139 -52.98 42.00 -37.68
N ASP K 140 -52.80 42.99 -36.79
CA ASP K 140 -51.54 43.21 -36.04
C ASP K 140 -51.73 42.92 -34.54
N ILE K 141 -52.96 42.99 -34.03
CA ILE K 141 -53.23 42.95 -32.56
C ILE K 141 -53.62 41.54 -32.17
N HIS K 142 -52.91 40.95 -31.21
CA HIS K 142 -53.21 39.58 -30.71
C HIS K 142 -52.67 39.39 -29.30
N ARG K 143 -53.02 38.26 -28.70
CA ARG K 143 -52.50 37.74 -27.41
C ARG K 143 -52.20 36.26 -27.63
N VAL K 144 -50.97 35.83 -27.34
CA VAL K 144 -50.52 34.40 -27.48
C VAL K 144 -50.31 33.82 -26.07
N PHE K 145 -50.81 32.62 -25.80
CA PHE K 145 -50.79 32.02 -24.44
C PHE K 145 -50.63 30.49 -24.53
N ASN K 146 -49.95 29.92 -23.53
CA ASN K 146 -49.80 28.46 -23.37
C ASN K 146 -51.20 27.88 -23.14
N ALA K 147 -51.53 26.82 -23.88
CA ALA K 147 -52.84 26.13 -23.82
C ALA K 147 -52.73 24.89 -22.92
N SER K 148 -51.53 24.62 -22.37
CA SER K 148 -51.25 23.51 -21.43
C SER K 148 -51.10 24.06 -20.02
N PRO K 149 -51.65 23.38 -18.99
CA PRO K 149 -51.49 23.78 -17.60
C PRO K 149 -50.31 23.10 -16.87
N ASP K 150 -49.58 22.21 -17.54
CA ASP K 150 -48.46 21.43 -16.92
C ASP K 150 -47.22 21.35 -17.83
N GLN K 151 -47.25 21.88 -19.06
CA GLN K 151 -46.13 21.77 -20.02
C GLN K 151 -45.79 23.15 -20.59
N PRO K 152 -44.49 23.44 -20.87
CA PRO K 152 -44.11 24.68 -21.51
C PRO K 152 -44.46 24.61 -23.00
N SER K 153 -44.66 25.75 -23.66
CA SER K 153 -44.85 25.82 -25.12
C SER K 153 -43.77 26.71 -25.73
N ILE K 154 -43.32 26.38 -26.94
CA ILE K 154 -42.27 27.13 -27.68
C ILE K 154 -42.74 27.34 -29.12
N SER K 155 -42.67 28.59 -29.59
CA SER K 155 -42.86 28.96 -31.01
C SER K 155 -41.68 29.83 -31.45
N ILE K 156 -41.27 29.68 -32.70
CA ILE K 156 -40.18 30.48 -33.33
C ILE K 156 -40.85 31.58 -34.15
N HIS K 157 -40.58 32.84 -33.80
CA HIS K 157 -41.21 34.04 -34.44
C HIS K 157 -40.15 34.75 -35.28
N VAL K 158 -40.58 35.27 -36.44
CA VAL K 158 -39.73 36.05 -37.38
C VAL K 158 -40.44 37.37 -37.68
N TYR K 159 -39.73 38.49 -37.58
CA TYR K 159 -40.31 39.85 -37.71
C TYR K 159 -39.50 40.63 -38.73
N GLY K 160 -40.12 41.66 -39.32
CA GLY K 160 -39.52 42.53 -40.34
C GLY K 160 -38.70 43.64 -39.72
N ALA K 161 -38.12 43.39 -38.54
CA ALA K 161 -37.27 44.32 -37.76
C ALA K 161 -36.55 43.55 -36.64
N ASN K 162 -35.73 44.25 -35.87
CA ASN K 162 -35.24 43.83 -34.53
C ASN K 162 -36.35 44.11 -33.52
N ILE K 163 -37.22 43.12 -33.29
CA ILE K 163 -38.56 43.25 -32.61
C ILE K 163 -38.37 43.72 -31.17
N GLY K 164 -37.30 43.28 -30.49
CA GLY K 164 -36.98 43.66 -29.10
C GLY K 164 -36.77 45.16 -28.95
N ALA K 165 -36.47 45.86 -30.06
CA ALA K 165 -36.17 47.31 -30.08
C ALA K 165 -37.26 48.10 -30.81
N VAL K 166 -38.33 47.46 -31.30
CA VAL K 166 -39.44 48.17 -31.97
C VAL K 166 -40.30 48.86 -30.90
N ARG K 167 -40.55 50.16 -31.07
CA ARG K 167 -41.53 50.94 -30.26
C ARG K 167 -42.93 50.60 -30.77
N ARG K 168 -43.69 49.82 -29.98
CA ARG K 168 -45.07 49.35 -30.32
C ARG K 168 -45.94 49.54 -29.07
N ALA K 169 -47.09 48.87 -28.96
CA ALA K 169 -48.08 49.12 -27.89
C ALA K 169 -48.65 47.82 -27.32
N VAL K 170 -49.01 47.85 -26.04
CA VAL K 170 -49.96 46.89 -25.40
C VAL K 170 -51.29 47.63 -25.23
N TYR K 171 -52.41 46.90 -25.25
CA TYR K 171 -53.77 47.50 -25.22
C TYR K 171 -54.50 47.04 -23.96
N LEU K 172 -55.17 47.97 -23.28
CA LEU K 172 -56.10 47.67 -22.17
C LEU K 172 -57.48 47.37 -22.77
N PRO K 173 -58.38 46.71 -22.01
CA PRO K 173 -59.72 46.40 -22.49
C PRO K 173 -60.49 47.55 -23.17
N ASP K 174 -60.27 48.80 -22.73
CA ASP K 174 -60.99 50.01 -23.24
C ASP K 174 -60.25 50.59 -24.46
N GLY K 175 -59.21 49.90 -24.97
CA GLY K 175 -58.52 50.27 -26.21
C GLY K 175 -57.44 51.32 -26.01
N SER K 176 -57.20 51.75 -24.77
CA SER K 176 -56.08 52.66 -24.41
C SER K 176 -54.77 51.91 -24.65
N GLU K 177 -53.75 52.63 -25.12
CA GLU K 177 -52.43 52.10 -25.53
C GLU K 177 -51.37 52.54 -24.52
N LYS K 178 -50.50 51.63 -24.10
CA LYS K 178 -49.23 51.95 -23.40
C LYS K 178 -48.09 51.71 -24.38
N PRO K 179 -47.02 52.53 -24.37
CA PRO K 179 -45.83 52.23 -25.16
C PRO K 179 -45.26 50.87 -24.74
N PHE K 180 -44.67 50.13 -25.69
CA PHE K 180 -44.17 48.75 -25.49
C PHE K 180 -42.89 48.57 -26.30
N ILE K 181 -41.80 48.27 -25.57
CA ILE K 181 -40.50 47.77 -26.11
C ILE K 181 -40.21 46.49 -25.32
N SER K 182 -40.21 45.35 -26.01
CA SER K 182 -40.21 43.99 -25.39
C SER K 182 -38.82 43.62 -24.89
N GLY K 183 -37.76 44.04 -25.60
CA GLY K 183 -36.38 43.63 -25.31
C GLY K 183 -36.22 42.11 -25.41
N TYR K 184 -35.19 41.55 -24.77
CA TYR K 184 -34.80 40.11 -24.88
C TYR K 184 -34.40 39.60 -23.50
N SER K 185 -34.60 38.30 -23.26
CA SER K 185 -34.30 37.60 -21.99
C SER K 185 -32.86 37.09 -21.94
N ASN K 186 -32.17 37.00 -23.09
CA ASN K 186 -30.84 36.33 -23.18
C ASN K 186 -29.73 37.36 -23.39
N GLN K 187 -28.62 37.18 -22.66
CA GLN K 187 -27.37 37.98 -22.81
C GLN K 187 -26.51 37.36 -23.91
N PHE K 188 -26.83 36.11 -24.32
CA PHE K 188 -26.06 35.31 -25.29
C PHE K 188 -26.97 34.84 -26.42
N LEU K 189 -26.46 34.88 -27.67
CA LEU K 189 -27.09 34.22 -28.84
C LEU K 189 -26.38 32.89 -29.09
N PRO K 190 -27.03 31.95 -29.81
CA PRO K 190 -26.34 30.73 -30.24
C PRO K 190 -25.39 30.99 -31.41
N ASN K 191 -24.19 30.42 -31.38
CA ASN K 191 -23.22 30.55 -32.49
C ASN K 191 -23.60 29.52 -33.55
N ILE K 192 -24.29 29.96 -34.60
CA ILE K 192 -24.79 29.08 -35.70
C ILE K 192 -23.80 29.11 -36.87
N TRP K 193 -22.62 29.71 -36.70
CA TRP K 193 -21.73 30.10 -37.84
C TRP K 193 -20.43 29.30 -37.87
N ASP K 194 -20.21 28.38 -36.92
CA ASP K 194 -18.99 27.53 -36.89
C ASP K 194 -19.23 26.24 -37.68
N GLN K 195 -19.20 26.34 -39.02
CA GLN K 195 -19.66 25.27 -39.97
C GLN K 195 -18.64 24.12 -40.01
N SER K 196 -17.38 24.39 -39.65
CA SER K 196 -16.26 23.41 -39.62
C SER K 196 -16.51 22.34 -38.54
N LYS K 197 -17.18 22.71 -37.44
CA LYS K 197 -17.66 21.78 -36.38
C LYS K 197 -18.51 20.66 -37.01
N GLU K 198 -19.21 20.97 -38.10
CA GLU K 198 -19.98 20.00 -38.93
C GLU K 198 -19.14 19.60 -40.16
N LEU L 6 42.85 -17.50 35.11
CA LEU L 6 41.84 -17.78 36.19
C LEU L 6 42.46 -18.75 37.21
N ARG L 7 42.47 -18.37 38.49
CA ARG L 7 43.02 -19.18 39.61
C ARG L 7 41.96 -20.19 40.07
N LEU L 8 41.60 -21.15 39.20
CA LEU L 8 40.56 -22.18 39.46
C LEU L 8 41.02 -23.13 40.58
N ASP L 9 42.33 -23.17 40.84
CA ASP L 9 42.96 -23.97 41.93
C ASP L 9 42.36 -23.56 43.28
N ARG L 10 41.91 -22.30 43.42
CA ARG L 10 41.30 -21.77 44.67
C ARG L 10 39.98 -22.50 44.93
N LEU L 11 39.15 -22.63 43.89
CA LEU L 11 37.84 -23.32 43.97
C LEU L 11 38.06 -24.83 44.18
N ARG L 12 39.03 -25.41 43.47
CA ARG L 12 39.43 -26.83 43.63
C ARG L 12 39.80 -27.08 45.10
N ASP L 13 40.60 -26.21 45.70
CA ASP L 13 41.12 -26.39 47.09
C ASP L 13 39.98 -26.21 48.09
N PHE L 14 39.08 -25.25 47.83
CA PHE L 14 37.87 -25.05 48.66
C PHE L 14 37.04 -26.33 48.70
N VAL L 15 36.78 -26.92 47.52
CA VAL L 15 35.93 -28.12 47.35
C VAL L 15 36.57 -29.32 48.07
N SER L 16 37.88 -29.52 47.90
CA SER L 16 38.66 -30.59 48.57
C SER L 16 38.51 -30.48 50.09
N ALA L 17 38.82 -29.29 50.63
CA ALA L 17 38.82 -28.99 52.08
C ALA L 17 37.42 -29.22 52.66
N LEU L 18 36.39 -28.76 51.97
CA LEU L 18 34.97 -28.91 52.38
C LEU L 18 34.59 -30.41 52.38
N GLY L 19 35.12 -31.18 51.44
CA GLY L 19 34.93 -32.64 51.39
C GLY L 19 35.57 -33.32 52.60
N GLU L 20 36.85 -33.02 52.83
CA GLU L 20 37.64 -33.53 53.99
C GLU L 20 36.91 -33.21 55.29
N LEU L 21 36.38 -31.99 55.41
CA LEU L 21 35.67 -31.47 56.62
C LEU L 21 34.45 -32.35 56.92
N LEU L 22 33.62 -32.63 55.91
CA LEU L 22 32.35 -33.40 56.09
C LEU L 22 32.65 -34.90 56.23
N ASP L 23 33.86 -35.35 55.86
CA ASP L 23 34.33 -36.74 56.09
C ASP L 23 34.46 -37.01 57.59
N ARG L 24 34.75 -35.98 58.39
CA ARG L 24 34.86 -36.07 59.88
C ARG L 24 33.47 -36.09 60.54
N HIS L 25 32.39 -36.05 59.74
CA HIS L 25 30.98 -36.03 60.19
C HIS L 25 30.82 -35.10 61.40
N PRO L 26 31.27 -33.82 61.31
CA PRO L 26 31.21 -32.90 62.44
C PRO L 26 29.78 -32.35 62.58
N ASP L 27 29.50 -31.67 63.69
CA ASP L 27 28.17 -31.06 63.98
C ASP L 27 28.04 -29.77 63.17
N GLU L 28 26.82 -29.27 63.02
CA GLU L 28 26.50 -28.08 62.17
C GLU L 28 27.37 -26.90 62.61
N GLU L 29 27.55 -26.70 63.93
CA GLU L 29 28.33 -25.58 64.50
C GLU L 29 29.78 -25.63 64.00
N SER L 30 30.36 -26.82 63.94
CA SER L 30 31.76 -27.06 63.49
C SER L 30 31.85 -26.87 61.96
N VAL L 31 30.82 -27.31 61.23
CA VAL L 31 30.74 -27.16 59.74
C VAL L 31 30.73 -25.66 59.41
N LEU L 32 29.86 -24.90 60.06
CA LEU L 32 29.66 -23.44 59.82
C LEU L 32 30.93 -22.69 60.22
N ARG L 33 31.58 -23.07 61.32
CA ARG L 33 32.80 -22.38 61.85
C ARG L 33 33.98 -22.60 60.90
N GLU L 34 34.28 -23.85 60.55
CA GLU L 34 35.43 -24.20 59.66
C GLU L 34 35.08 -23.80 58.23
N GLY L 35 33.81 -23.98 57.84
CA GLY L 35 33.30 -23.68 56.50
C GLY L 35 33.45 -22.22 56.15
N ARG L 36 33.00 -21.33 57.04
CA ARG L 36 33.00 -19.86 56.79
C ARG L 36 34.45 -19.37 56.70
N SER L 37 35.37 -20.01 57.42
CA SER L 37 36.83 -19.74 57.33
C SER L 37 37.33 -20.11 55.94
N LEU L 38 37.00 -21.31 55.44
CA LEU L 38 37.42 -21.80 54.10
C LEU L 38 36.79 -20.93 53.00
N LEU L 39 35.51 -20.56 53.14
CA LEU L 39 34.79 -19.74 52.14
C LEU L 39 35.36 -18.32 52.13
N GLY L 40 35.59 -17.75 53.32
CA GLY L 40 36.27 -16.45 53.50
C GLY L 40 37.55 -16.38 52.70
N GLU L 41 38.35 -17.45 52.72
CA GLU L 41 39.64 -17.54 52.01
C GLU L 41 39.40 -17.51 50.49
N LEU L 42 38.33 -18.16 50.01
CA LEU L 42 37.98 -18.22 48.57
C LEU L 42 37.52 -16.82 48.10
N VAL L 43 36.54 -16.22 48.78
CA VAL L 43 35.83 -15.01 48.27
C VAL L 43 36.64 -13.74 48.58
N ARG L 44 37.75 -13.84 49.33
CA ARG L 44 38.72 -12.73 49.52
C ARG L 44 39.44 -12.42 48.21
N HIS L 45 39.51 -13.40 47.29
CA HIS L 45 40.16 -13.27 45.96
C HIS L 45 39.09 -13.28 44.87
N ASP L 46 39.17 -12.35 43.93
CA ASP L 46 38.23 -12.24 42.79
C ASP L 46 39.02 -12.48 41.49
N ASP L 47 39.79 -13.57 41.43
CA ASP L 47 40.69 -13.91 40.29
C ASP L 47 40.44 -15.34 39.80
N TRP L 48 39.31 -15.96 40.15
CA TRP L 48 39.06 -17.42 39.93
C TRP L 48 37.72 -17.71 39.24
N LEU L 49 36.69 -16.87 39.39
CA LEU L 49 35.34 -17.16 38.84
C LEU L 49 35.34 -16.97 37.34
N PRO L 50 35.01 -18.02 36.53
CA PRO L 50 34.83 -17.84 35.09
C PRO L 50 33.68 -16.87 34.78
N GLU L 51 33.84 -16.09 33.70
CA GLU L 51 32.95 -14.99 33.28
C GLU L 51 31.54 -15.52 33.02
N GLU L 52 31.41 -16.75 32.53
CA GLU L 52 30.11 -17.40 32.16
C GLU L 52 29.21 -17.54 33.40
N PHE L 53 29.78 -17.62 34.60
CA PHE L 53 29.05 -17.79 35.89
C PHE L 53 29.09 -16.50 36.69
N ALA L 54 29.33 -15.37 36.02
CA ALA L 54 29.32 -14.01 36.62
C ALA L 54 28.32 -13.11 35.89
N GLN L 55 27.51 -13.68 34.99
CA GLN L 55 26.69 -12.91 34.02
C GLN L 55 25.30 -12.64 34.61
N PRO L 56 24.88 -11.36 34.70
CA PRO L 56 23.51 -11.04 35.10
C PRO L 56 22.52 -11.33 33.98
N ASP L 57 21.25 -11.51 34.35
CA ASP L 57 20.09 -11.69 33.44
C ASP L 57 19.16 -10.51 33.65
N PRO L 58 18.54 -9.95 32.58
CA PRO L 58 17.66 -8.79 32.74
C PRO L 58 16.33 -9.06 33.47
N GLU L 59 15.87 -10.32 33.56
CA GLU L 59 14.51 -10.64 34.08
C GLU L 59 14.57 -11.23 35.51
N ARG L 60 15.57 -12.04 35.85
CA ARG L 60 15.64 -12.68 37.20
C ARG L 60 17.09 -12.97 37.58
N TYR L 61 17.37 -13.00 38.88
CA TYR L 61 18.72 -13.29 39.44
C TYR L 61 19.13 -14.69 38.96
N GLN L 62 20.42 -14.92 38.74
CA GLN L 62 20.96 -16.15 38.13
C GLN L 62 21.61 -17.02 39.23
N GLN L 63 21.48 -18.33 39.08
CA GLN L 63 21.88 -19.38 40.05
C GLN L 63 22.77 -20.38 39.31
N TYR L 64 24.07 -20.15 39.28
CA TYR L 64 25.07 -21.00 38.57
C TYR L 64 25.68 -22.01 39.54
N LEU L 65 25.31 -23.28 39.45
CA LEU L 65 26.01 -24.39 40.14
C LEU L 65 27.47 -24.42 39.66
N LEU L 66 28.42 -24.42 40.59
CA LEU L 66 29.88 -24.52 40.33
C LEU L 66 30.35 -25.94 40.61
N HIS L 67 29.81 -26.59 41.64
CA HIS L 67 30.20 -27.96 42.06
C HIS L 67 29.09 -28.58 42.92
N ALA L 68 28.74 -29.84 42.63
CA ALA L 68 27.89 -30.69 43.50
C ALA L 68 28.70 -31.93 43.89
N ASP L 69 28.67 -32.26 45.18
CA ASP L 69 29.30 -33.49 45.74
C ASP L 69 28.62 -34.72 45.12
N SER L 70 29.40 -35.79 44.90
CA SER L 70 28.95 -37.10 44.35
C SER L 70 27.70 -37.63 45.09
N ARG L 71 27.65 -37.45 46.41
CA ARG L 71 26.57 -37.95 47.29
C ARG L 71 25.60 -36.82 47.67
N GLN L 72 25.73 -35.65 47.02
CA GLN L 72 24.85 -34.47 47.23
C GLN L 72 24.91 -34.01 48.69
N ARG L 73 26.07 -34.14 49.34
CA ARG L 73 26.31 -33.73 50.75
C ARG L 73 26.48 -32.21 50.81
N PHE L 74 27.03 -31.59 49.76
CA PHE L 74 27.08 -30.12 49.60
C PHE L 74 27.05 -29.73 48.11
N SER L 75 26.90 -28.42 47.88
CA SER L 75 26.92 -27.76 46.55
C SER L 75 27.49 -26.35 46.71
N VAL L 76 28.13 -25.82 45.65
CA VAL L 76 28.69 -24.45 45.60
C VAL L 76 28.04 -23.73 44.41
N VAL L 77 27.46 -22.55 44.65
CA VAL L 77 26.63 -21.80 43.66
C VAL L 77 27.15 -20.35 43.57
N SER L 78 27.30 -19.85 42.35
CA SER L 78 27.48 -18.40 42.07
C SER L 78 26.09 -17.78 41.87
N PHE L 79 25.66 -16.91 42.78
CA PHE L 79 24.40 -16.13 42.63
C PHE L 79 24.75 -14.75 42.09
N VAL L 80 24.06 -14.32 41.03
CA VAL L 80 24.31 -13.03 40.35
C VAL L 80 23.00 -12.25 40.29
N TRP L 81 22.92 -11.15 41.04
CA TRP L 81 21.82 -10.16 40.98
C TRP L 81 22.24 -9.01 40.06
N GLY L 82 21.37 -8.63 39.11
CA GLY L 82 21.51 -7.40 38.34
C GLY L 82 21.07 -6.21 39.17
N PRO L 83 21.30 -4.95 38.68
CA PRO L 83 20.81 -3.77 39.39
C PRO L 83 19.35 -3.96 39.85
N GLY L 84 19.10 -3.79 41.15
CA GLY L 84 17.76 -3.78 41.79
C GLY L 84 17.05 -5.13 41.83
N GLN L 85 17.76 -6.26 41.69
CA GLN L 85 17.10 -7.60 41.72
C GLN L 85 17.10 -8.14 43.17
N THR L 86 16.12 -8.96 43.51
CA THR L 86 15.98 -9.61 44.84
C THR L 86 15.60 -11.08 44.67
N THR L 87 15.95 -11.90 45.65
CA THR L 87 15.32 -13.23 45.88
C THR L 87 13.93 -13.00 46.44
N PRO L 88 13.03 -14.02 46.41
CA PRO L 88 11.87 -14.00 47.30
C PRO L 88 12.32 -14.22 48.74
N VAL L 89 11.43 -14.03 49.70
CA VAL L 89 11.66 -14.48 51.12
C VAL L 89 11.56 -16.00 51.09
N HIS L 90 12.64 -16.68 51.50
CA HIS L 90 12.80 -18.14 51.35
C HIS L 90 13.55 -18.71 52.55
N ASP L 91 13.42 -20.02 52.76
CA ASP L 91 14.22 -20.81 53.72
C ASP L 91 15.16 -21.72 52.91
N HIS L 92 15.86 -22.64 53.58
CA HIS L 92 16.92 -23.50 52.98
C HIS L 92 16.73 -24.97 53.37
N ARG L 93 16.39 -25.22 54.65
CA ARG L 93 16.12 -26.57 55.21
C ARG L 93 17.44 -27.31 55.40
N VAL L 94 18.57 -26.65 55.15
CA VAL L 94 19.94 -27.19 55.36
C VAL L 94 20.82 -26.02 55.79
N TRP L 95 22.01 -26.29 56.30
CA TRP L 95 23.01 -25.24 56.60
C TRP L 95 23.45 -24.59 55.29
N GLY L 96 23.79 -23.31 55.35
CA GLY L 96 24.19 -22.50 54.20
C GLY L 96 25.21 -21.45 54.62
N LEU L 97 26.21 -21.21 53.78
CA LEU L 97 27.18 -20.10 53.95
C LEU L 97 27.05 -19.19 52.72
N ILE L 98 27.10 -17.88 52.95
CA ILE L 98 27.02 -16.83 51.89
C ILE L 98 28.33 -16.05 51.92
N GLY L 99 29.17 -16.19 50.89
CA GLY L 99 30.43 -15.45 50.77
C GLY L 99 30.30 -14.34 49.75
N MET L 100 30.48 -13.08 50.14
CA MET L 100 30.37 -11.92 49.23
C MET L 100 31.63 -11.86 48.37
N LEU L 101 31.47 -11.71 47.05
CA LEU L 101 32.60 -11.74 46.08
C LEU L 101 32.74 -10.40 45.37
N ARG L 102 31.65 -9.85 44.83
CA ARG L 102 31.69 -8.69 43.91
C ARG L 102 30.45 -7.81 44.11
N GLY L 103 30.67 -6.51 44.32
CA GLY L 103 29.62 -5.48 44.43
C GLY L 103 29.07 -5.39 45.84
N ALA L 104 27.77 -5.10 45.96
CA ALA L 104 27.08 -4.76 47.21
C ALA L 104 25.72 -5.46 47.25
N GLU L 105 25.45 -6.26 48.28
CA GLU L 105 24.07 -6.75 48.54
C GLU L 105 23.79 -6.69 50.04
N ASP L 106 22.49 -6.75 50.37
CA ASP L 106 21.96 -6.76 51.75
C ASP L 106 21.17 -8.05 51.92
N ALA L 107 21.11 -8.54 53.16
CA ALA L 107 20.39 -9.78 53.56
C ALA L 107 19.52 -9.43 54.78
N GLN L 108 18.20 -9.56 54.65
CA GLN L 108 17.23 -9.33 55.75
C GLN L 108 16.81 -10.70 56.30
N SER L 109 17.06 -10.95 57.59
CA SER L 109 16.56 -12.15 58.31
C SER L 109 15.10 -11.91 58.67
N PHE L 110 14.31 -12.98 58.71
CA PHE L 110 12.87 -12.99 59.10
C PHE L 110 12.66 -14.11 60.13
N GLU L 111 11.60 -13.96 60.91
CA GLU L 111 11.11 -14.94 61.90
C GLU L 111 9.62 -15.16 61.65
N GLU L 115 1.31 -14.39 63.49
CA GLU L 115 0.77 -13.29 62.63
C GLU L 115 1.48 -13.30 61.27
N GLY L 116 2.74 -13.73 61.22
CA GLY L 116 3.46 -14.09 59.98
C GLY L 116 4.92 -13.68 60.04
N LEU L 117 5.42 -13.13 58.93
CA LEU L 117 6.84 -12.69 58.76
C LEU L 117 7.06 -11.42 59.59
N ARG L 118 8.08 -11.43 60.45
CA ARG L 118 8.66 -10.20 61.09
C ARG L 118 10.16 -10.21 60.83
N PRO L 119 10.73 -9.08 60.34
CA PRO L 119 12.17 -8.97 60.17
C PRO L 119 12.92 -8.97 61.51
N ILE L 120 14.03 -9.71 61.59
CA ILE L 120 14.97 -9.70 62.75
C ILE L 120 16.10 -8.72 62.41
N GLY L 121 16.28 -7.69 63.25
CA GLY L 121 17.34 -6.68 63.11
C GLY L 121 17.24 -5.92 61.81
N ASP L 122 18.27 -5.14 61.51
CA ASP L 122 18.44 -4.38 60.24
C ASP L 122 18.95 -5.34 59.18
N PRO L 123 18.87 -4.97 57.88
CA PRO L 123 19.57 -5.72 56.83
C PRO L 123 21.07 -5.79 57.12
N VAL L 124 21.65 -6.98 56.99
CA VAL L 124 23.13 -7.16 57.04
C VAL L 124 23.68 -6.72 55.68
N ARG L 125 24.62 -5.77 55.71
CA ARG L 125 25.20 -5.10 54.52
C ARG L 125 26.54 -5.77 54.19
N LEU L 126 26.58 -6.58 53.12
CA LEU L 126 27.75 -7.42 52.76
C LEU L 126 28.63 -6.64 51.78
N SER L 127 29.95 -6.81 51.91
CA SER L 127 30.96 -6.30 50.97
C SER L 127 31.99 -7.40 50.76
N PRO L 128 32.76 -7.38 49.64
CA PRO L 128 33.61 -8.50 49.27
C PRO L 128 34.42 -9.02 50.46
N GLY L 129 34.40 -10.35 50.68
CA GLY L 129 35.16 -11.03 51.73
C GLY L 129 34.29 -11.49 52.89
N GLN L 130 33.12 -10.87 53.08
CA GLN L 130 32.24 -11.14 54.26
C GLN L 130 31.50 -12.47 54.02
N VAL L 131 31.30 -13.25 55.09
CA VAL L 131 30.62 -14.58 55.05
C VAL L 131 29.53 -14.59 56.12
N GLU L 132 28.31 -15.01 55.77
CA GLU L 132 27.17 -15.16 56.71
C GLU L 132 26.69 -16.61 56.64
N ALA L 133 25.95 -17.04 57.66
CA ALA L 133 25.44 -18.41 57.82
C ALA L 133 23.91 -18.40 57.90
N VAL L 134 23.27 -19.44 57.37
CA VAL L 134 21.83 -19.75 57.61
C VAL L 134 21.73 -21.23 57.95
N SER L 135 20.66 -21.61 58.65
CA SER L 135 20.35 -23.00 59.05
C SER L 135 19.03 -22.99 59.81
N PRO L 136 18.23 -24.07 59.77
CA PRO L 136 17.02 -24.15 60.60
C PRO L 136 17.29 -23.83 62.08
N ARG L 137 18.48 -24.20 62.58
CA ARG L 137 18.89 -24.07 64.01
C ARG L 137 19.15 -22.61 64.36
N ILE L 138 19.87 -21.86 63.51
CA ILE L 138 20.40 -20.50 63.82
C ILE L 138 19.56 -19.41 63.15
N GLY L 139 18.64 -19.77 62.24
CA GLY L 139 17.84 -18.80 61.46
C GLY L 139 17.94 -19.07 59.97
N ASP L 140 16.83 -19.47 59.35
CA ASP L 140 16.80 -20.07 58.00
C ASP L 140 16.14 -19.13 56.99
N ILE L 141 15.31 -18.19 57.43
CA ILE L 141 14.44 -17.36 56.55
C ILE L 141 15.13 -16.02 56.29
N HIS L 142 15.34 -15.68 55.02
CA HIS L 142 15.96 -14.39 54.63
C HIS L 142 15.53 -14.01 53.21
N ARG L 143 15.89 -12.78 52.83
CA ARG L 143 15.76 -12.22 51.46
C ARG L 143 17.08 -11.51 51.17
N VAL L 144 17.75 -11.86 50.07
CA VAL L 144 19.05 -11.28 49.63
C VAL L 144 18.78 -10.44 48.37
N PHE L 145 19.32 -9.22 48.31
CA PHE L 145 19.04 -8.27 47.20
C PHE L 145 20.27 -7.41 46.90
N ASN L 146 20.43 -7.06 45.63
CA ASN L 146 21.48 -6.12 45.16
C ASN L 146 21.21 -4.77 45.81
N ALA L 147 22.24 -4.16 46.40
CA ALA L 147 22.16 -2.86 47.11
C ALA L 147 22.64 -1.75 46.19
N SER L 148 23.04 -2.08 44.95
CA SER L 148 23.49 -1.14 43.91
C SER L 148 22.40 -1.00 42.85
N PRO L 149 22.13 0.23 42.35
CA PRO L 149 21.17 0.46 41.28
C PRO L 149 21.78 0.48 39.86
N ASP L 150 23.11 0.33 39.74
CA ASP L 150 23.82 0.39 38.43
C ASP L 150 24.88 -0.72 38.27
N GLN L 151 25.12 -1.57 39.28
CA GLN L 151 26.18 -2.61 39.24
C GLN L 151 25.59 -3.96 39.64
N PRO L 152 26.07 -5.07 39.02
CA PRO L 152 25.64 -6.41 39.43
C PRO L 152 26.34 -6.77 40.74
N SER L 153 25.77 -7.68 41.53
CA SER L 153 26.41 -8.22 42.75
C SER L 153 26.53 -9.73 42.61
N ILE L 154 27.60 -10.32 43.16
CA ILE L 154 27.87 -11.78 43.13
C ILE L 154 28.26 -12.22 44.55
N SER L 155 27.61 -13.28 45.05
CA SER L 155 28.04 -14.00 46.26
C SER L 155 28.13 -15.49 45.94
N ILE L 156 29.09 -16.17 46.57
CA ILE L 156 29.30 -17.64 46.43
C ILE L 156 28.66 -18.30 47.64
N HIS L 157 27.65 -19.15 47.43
CA HIS L 157 26.88 -19.82 48.49
C HIS L 157 27.25 -21.29 48.53
N VAL L 158 27.31 -21.85 49.74
CA VAL L 158 27.61 -23.29 50.00
C VAL L 158 26.51 -23.85 50.91
N TYR L 159 25.93 -24.98 50.54
CA TYR L 159 24.78 -25.59 51.24
C TYR L 159 25.09 -27.04 51.59
N GLY L 160 24.40 -27.57 52.59
CA GLY L 160 24.56 -28.95 53.08
C GLY L 160 23.74 -29.93 52.26
N ALA L 161 23.54 -29.64 50.97
CA ALA L 161 22.80 -30.46 49.98
C ALA L 161 23.07 -29.94 48.56
N ASN L 162 22.47 -30.58 47.56
CA ASN L 162 22.24 -30.06 46.19
C ASN L 162 21.04 -29.12 46.24
N ILE L 163 21.28 -27.83 46.48
CA ILE L 163 20.27 -26.80 46.88
C ILE L 163 19.22 -26.61 45.78
N GLY L 164 19.63 -26.72 44.52
CA GLY L 164 18.75 -26.57 43.35
C GLY L 164 17.64 -27.63 43.34
N ALA L 165 17.84 -28.73 44.06
CA ALA L 165 16.90 -29.88 44.12
C ALA L 165 16.25 -30.01 45.50
N VAL L 166 16.54 -29.13 46.45
CA VAL L 166 15.90 -29.17 47.80
C VAL L 166 14.48 -28.62 47.68
N ARG L 167 13.50 -29.38 48.19
CA ARG L 167 12.09 -28.94 48.38
C ARG L 167 12.05 -28.05 49.62
N ARG L 168 11.89 -26.74 49.41
CA ARG L 168 11.84 -25.71 50.50
C ARG L 168 10.67 -24.76 50.21
N ALA L 169 10.65 -23.56 50.79
CA ALA L 169 9.47 -22.66 50.71
C ALA L 169 9.89 -21.21 50.49
N VAL L 170 9.03 -20.46 49.80
CA VAL L 170 8.99 -18.97 49.82
C VAL L 170 7.82 -18.53 50.71
N TYR L 171 7.91 -17.37 51.36
CA TYR L 171 6.92 -16.92 52.37
C TYR L 171 6.27 -15.61 51.90
N LEU L 172 4.95 -15.50 52.06
CA LEU L 172 4.20 -14.23 51.89
C LEU L 172 4.23 -13.48 53.22
N PRO L 173 3.93 -12.16 53.23
CA PRO L 173 3.89 -11.36 54.45
C PRO L 173 3.12 -11.97 55.64
N ASP L 174 2.05 -12.73 55.37
CA ASP L 174 1.18 -13.34 56.42
C ASP L 174 1.73 -14.71 56.85
N GLY L 175 2.91 -15.10 56.37
CA GLY L 175 3.62 -16.32 56.80
C GLY L 175 3.15 -17.57 56.07
N SER L 176 2.23 -17.43 55.11
CA SER L 176 1.79 -18.54 54.21
C SER L 176 2.98 -18.96 53.35
N GLU L 177 3.10 -20.26 53.08
CA GLU L 177 4.23 -20.91 52.36
C GLU L 177 3.78 -21.38 50.99
N LYS L 178 4.60 -21.15 49.96
CA LYS L 178 4.51 -21.85 48.65
C LYS L 178 5.68 -22.83 48.59
N PRO L 179 5.51 -24.02 47.95
CA PRO L 179 6.64 -24.89 47.68
C PRO L 179 7.67 -24.16 46.80
N PHE L 180 8.96 -24.47 47.00
CA PHE L 180 10.09 -23.81 46.30
C PHE L 180 11.17 -24.84 45.98
N ILE L 181 11.44 -25.03 44.68
CA ILE L 181 12.62 -25.76 44.15
C ILE L 181 13.30 -24.82 43.15
N SER L 182 14.50 -24.36 43.47
CA SER L 182 15.16 -23.21 42.79
C SER L 182 15.77 -23.64 41.44
N GLY L 183 16.29 -24.86 41.35
CA GLY L 183 17.01 -25.35 40.15
C GLY L 183 18.24 -24.49 39.88
N TYR L 184 18.74 -24.52 38.64
CA TYR L 184 20.00 -23.85 38.22
C TYR L 184 19.82 -23.19 36.85
N SER L 185 20.55 -22.11 36.60
CA SER L 185 20.50 -21.30 35.36
C SER L 185 21.47 -21.85 34.30
N ASN L 186 22.44 -22.69 34.67
CA ASN L 186 23.53 -23.15 33.76
C ASN L 186 23.32 -24.62 33.36
N GLN L 187 23.54 -24.94 32.09
CA GLN L 187 23.53 -26.34 31.58
C GLN L 187 24.92 -26.95 31.75
N PHE L 188 25.92 -26.11 32.01
CA PHE L 188 27.36 -26.49 32.08
C PHE L 188 27.98 -25.99 33.38
N LEU L 189 28.84 -26.81 33.98
CA LEU L 189 29.69 -26.43 35.14
C LEU L 189 31.09 -26.09 34.64
N PRO L 190 31.88 -25.34 35.43
CA PRO L 190 33.30 -25.14 35.11
C PRO L 190 34.14 -26.38 35.41
N ASN L 191 35.07 -26.73 34.53
CA ASN L 191 36.05 -27.82 34.78
C ASN L 191 37.17 -27.25 35.65
N ILE L 192 37.12 -27.53 36.95
CA ILE L 192 38.10 -27.03 37.95
C ILE L 192 39.19 -28.08 38.19
N TRP L 193 39.26 -29.14 37.39
CA TRP L 193 40.04 -30.36 37.71
C TRP L 193 41.25 -30.56 36.78
N ASP L 194 41.51 -29.65 35.84
CA ASP L 194 42.70 -29.67 34.96
C ASP L 194 43.71 -28.64 35.50
FE FE M . -3.69 -31.65 -21.01
C1 3OH N . -6.00 -32.13 -22.49
O1 3OH N . -6.85 -33.08 -22.72
O2 3OH N . -4.82 -32.23 -22.76
C2 3OH N . -6.61 -30.91 -21.88
C3 3OH N . -5.60 -29.90 -21.32
O3 3OH N . -5.07 -30.29 -20.05
CL CL O . -2.57 -30.29 -22.56
MG MG P . 2.80 -17.04 -15.89
FE FE Q . 9.12 -2.48 -9.51
C1 3OH R . 10.03 -1.90 -6.62
O1 3OH R . 10.20 -1.77 -7.81
O2 3OH R . 10.68 -1.23 -5.72
C2 3OH R . 9.02 -2.85 -6.04
C3 3OH R . 8.85 -4.07 -6.86
O3 3OH R . 8.22 -3.80 -8.11
CL CL S . 10.75 -4.02 -10.34
FE FE T . -31.83 -28.81 -7.71
C1 3OH U . -31.46 -31.87 -7.41
O1 3OH U . -31.85 -33.08 -7.72
O2 3OH U . -32.21 -30.91 -7.32
C2 3OH U . -29.98 -31.81 -7.24
C3 3OH U . -29.56 -30.78 -6.24
O3 3OH U . -30.13 -29.56 -6.69
CL CL V . -32.37 -28.34 -5.46
MG MG W . -24.13 -16.00 0.31
FE FE X . -16.22 -3.59 8.37
C1 3OH Y . -15.21 -0.96 7.19
O1 3OH Y . -15.98 -1.50 7.92
O2 3OH Y . -14.63 0.15 7.48
C2 3OH Y . -14.82 -1.51 5.85
C3 3OH Y . -15.76 -2.56 5.35
O3 3OH Y . -15.90 -3.62 6.25
CL CL Z . -18.38 -3.41 7.38
FE FE AA . -35.06 34.20 0.20
C1 3OH BA . -34.48 31.81 -1.49
O1 3OH BA . -34.70 30.70 -2.11
O2 3OH BA . -35.06 32.13 -0.45
C2 3OH BA . -33.47 32.64 -2.22
C3 3OH BA . -32.64 33.48 -1.31
O3 3OH BA . -33.33 34.66 -0.96
CL CL CA . -33.88 33.41 2.10
FE FE DA . 24.83 31.65 -36.44
C1 3OH EA . 24.21 33.15 -34.05
O1 3OH EA . 25.12 32.43 -34.43
O2 3OH EA . 24.37 34.21 -33.30
C2 3OH EA . 22.76 32.90 -34.39
C3 3OH EA . 22.42 31.44 -34.57
O3 3OH EA . 23.48 30.64 -35.12
CL CL FA . 25.58 29.68 -35.46
FE FE GA . 47.40 -12.60 6.97
C1 3OH HA . 44.79 -13.79 7.11
O1 3OH HA . 43.75 -14.54 6.93
O2 3OH HA . 45.60 -13.51 6.23
C2 3OH HA . 44.91 -13.31 8.54
C3 3OH HA . 45.15 -11.82 8.67
O3 3OH HA . 46.50 -11.38 8.46
CL CL IA . 47.06 -10.31 6.28
FE FE JA . -4.70 3.21 49.26
C1 3OH KA . -2.45 4.59 48.51
O1 3OH KA . -3.62 4.73 48.22
O2 3OH KA . -1.76 5.50 49.12
C2 3OH KA . -1.68 3.35 48.17
C3 3OH KA . -2.56 2.21 47.67
O3 3OH KA . -3.41 1.60 48.68
CL CL LA . -5.79 3.34 47.10
CL CL MA . 12.07 8.50 37.45
MG MG NA . -11.20 -10.82 42.52
FE FE OA . -4.94 37.99 -40.10
C1 3OH PA . -6.74 36.05 -38.77
O1 3OH PA . -7.43 34.97 -38.95
O2 3OH PA . -6.74 36.94 -39.57
C2 3OH PA . -5.98 36.11 -37.48
C3 3OH PA . -5.48 37.48 -37.17
O3 3OH PA . -4.41 37.88 -38.02
CL CL QA . -6.62 39.50 -39.46
FE FE RA . 43.95 -46.32 30.06
C1 3OH SA . 43.68 -43.32 29.96
O1 3OH SA . 43.45 -44.29 30.67
O2 3OH SA . 44.31 -42.25 30.37
C2 3OH SA . 43.32 -43.21 28.51
C3 3OH SA . 42.33 -44.26 28.07
O3 3OH SA . 42.68 -45.55 28.54
CL CL TA . 41.85 -46.92 31.06
MG MG UA . 34.88 -58.56 23.00
FE FE VA . -47.00 38.83 -31.01
C1 3OH WA . -44.49 39.35 -29.60
O1 3OH WA . -44.88 39.12 -30.72
O2 3OH WA . -43.64 40.25 -29.33
C2 3OH WA . -44.95 38.59 -28.39
C3 3OH WA . -45.53 37.26 -28.75
O3 3OH WA . -46.77 37.41 -29.41
CL CL XA . -45.98 37.81 -32.90
FE FE YA . 19.10 -17.94 50.61
C1 3OH ZA . 18.92 -19.20 47.81
O1 3OH ZA . 18.29 -20.03 47.01
O2 3OH ZA . 19.04 -19.37 49.03
C2 3OH ZA . 19.46 -18.00 47.09
C3 3OH ZA . 20.22 -17.08 48.00
O3 3OH ZA . 19.34 -16.58 48.96
CL CL AB . 21.39 -18.54 51.15
#